data_8RMX
#
_entry.id   8RMX
#
_cell.length_a   93.031
_cell.length_b   264.004
_cell.length_c   148.7
_cell.angle_alpha   90
_cell.angle_beta   106.289
_cell.angle_gamma   90
#
_symmetry.space_group_name_H-M   'I 1 2 1'
#
loop_
_entity.id
_entity.type
_entity.pdbx_description
1 polymer 'Protein-glutamine gamma-glutamyltransferase E'
2 polymer 'Antibody Fab fragment heavy chain IGHV2-5'
3 polymer 'Antibody Fab fragment light chain IGKV4-1'
4 non-polymer 'CALCIUM ION'
5 non-polymer 'PHOSPHATE ION'
6 water water
#
loop_
_entity_poly.entity_id
_entity_poly.type
_entity_poly.pdbx_seq_one_letter_code
_entity_poly.pdbx_strand_id
1 'polypeptide(L)'
;MAALGVQSINWQTAFNRQAHHTDKFSSQELILRRGQNFQVLMIMNKGLGSNERLEFIVSTGPYPSESAMTKAVFPLSNGS
SGGWSAVLQASNGNTLTISISSPASAPIGRYTMALQIFSQGGISSVKLGTFILLFNPWLNVDSVFMGNHAEREEYVQEDA
GIIFVGSTNRIGMIGWNFGQFEEDILSICLSILDRSLNFRRDAATDVASRNDPKYVGRVLSAMINSNDDNGVLAGNWSGT
YTGGRDPRSWNGSVEILKNWKKSGFSPVRYGQCWVFAGTLNTALRSLGIPSRVITNFNSAHDTDRNLSVDVYYDPMGNPL
DKGSDSVWNFHVWNEGWFVRSDLGPSYGGWQVLDATPQERSQGVFQCGPASVIGVREGDVQLNFDMPFIFAEVNADRITW
LYDNTTGKQWKNSVNSHTIGRYISTKAVGSNARMDVTDKYKYPEGSDQERQVFQKALGKLKPNT
;
A,D
2 'polypeptide(L)'
;QITLKESGPTLVKPTQTLTLTCTFSGFSLDTSGVSVGWIRQPPGKALEWLALIFWDDDKRYSPSLKSRLTITKDTSKNQV
VLTMTNMEPVDTATYYCAHRFVGTLDVWGQGTTVTVSSASTKGPSVFPLAPSSKSTSGGTAALGCLVKDYFPEPVTVSWN
SGALTSGVHTFPAVLQSSGLYSLSSVVTVPSSSLGTQTYICNVNHKPSNTKVDKRVEPKS
;
E,B
3 'polypeptide(L)'
;DIVMTQSPDSLAVSLGERATINCKSSQSVLYSSNNKNYLAWYQQKPGQPPKLLISWASTRESGVPDRFSGSGSGTDFTLT
ISSLQAEDVAVYYCQQYYSLWTFGQGTKVEIKRTVAAPSVFIFPPSDEQLKSGTASVVCLLNNFYPREAKVQWKVDNALQ
SGNSQESVTEQDSKDSTYSLSSTLTLSKADYEKHKVYACEVTHQGLSSPVTKSFNRGEC
;
F,C
#
loop_
_chem_comp.id
_chem_comp.type
_chem_comp.name
_chem_comp.formula
CA non-polymer 'CALCIUM ION' 'Ca 2'
PO4 non-polymer 'PHOSPHATE ION' 'O4 P -3'
#
# COMPACT_ATOMS: atom_id res chain seq x y z
N ALA A 2 61.38 -53.15 -24.82
CA ALA A 2 60.24 -53.26 -23.87
C ALA A 2 58.92 -53.16 -24.64
N ALA A 3 57.86 -53.73 -24.07
CA ALA A 3 56.53 -53.54 -24.64
C ALA A 3 56.15 -52.08 -24.48
N LEU A 4 55.22 -51.62 -25.33
CA LEU A 4 54.78 -50.24 -25.25
C LEU A 4 54.14 -50.00 -23.90
N GLY A 5 54.53 -48.91 -23.23
CA GLY A 5 53.95 -48.51 -21.96
C GLY A 5 54.02 -47.00 -21.80
N VAL A 6 53.16 -46.46 -20.96
CA VAL A 6 53.13 -45.02 -20.77
C VAL A 6 54.06 -44.66 -19.62
N GLN A 7 54.85 -43.61 -19.83
CA GLN A 7 55.79 -43.16 -18.82
C GLN A 7 55.18 -42.04 -17.98
N SER A 8 54.63 -41.03 -18.64
CA SER A 8 53.99 -39.93 -17.94
C SER A 8 52.89 -39.30 -18.81
N ILE A 9 51.90 -38.68 -18.15
CA ILE A 9 50.87 -37.95 -18.85
C ILE A 9 50.86 -36.53 -18.29
N ASN A 10 50.82 -35.56 -19.21
CA ASN A 10 50.65 -34.16 -18.88
C ASN A 10 49.23 -33.74 -19.23
N TRP A 11 48.46 -33.35 -18.21
CA TRP A 11 47.05 -33.02 -18.38
C TRP A 11 46.86 -31.58 -18.83
N GLN A 12 47.94 -30.80 -18.84
CA GLN A 12 47.87 -29.41 -19.28
C GLN A 12 46.74 -28.70 -18.54
N THR A 13 46.75 -28.84 -17.22
CA THR A 13 45.58 -28.54 -16.40
C THR A 13 45.18 -27.07 -16.56
N ALA A 14 46.13 -26.16 -16.40
CA ALA A 14 45.82 -24.73 -16.42
C ALA A 14 45.33 -24.29 -17.81
N PHE A 15 45.91 -24.88 -18.87
CA PHE A 15 45.48 -24.60 -20.23
C PHE A 15 44.03 -25.08 -20.46
N ASN A 16 43.74 -26.35 -20.11
CA ASN A 16 42.43 -26.92 -20.36
C ASN A 16 41.37 -26.23 -19.48
N ARG A 17 41.67 -25.98 -18.19
CA ARG A 17 40.72 -25.30 -17.31
C ARG A 17 40.36 -23.90 -17.82
N GLN A 18 41.32 -23.20 -18.38
CA GLN A 18 41.06 -21.89 -18.92
C GLN A 18 40.15 -22.00 -20.16
N ALA A 19 40.39 -23.00 -21.01
CA ALA A 19 39.58 -23.23 -22.20
C ALA A 19 38.16 -23.69 -21.82
N HIS A 20 38.06 -24.42 -20.68
CA HIS A 20 36.78 -24.99 -20.25
C HIS A 20 36.06 -24.07 -19.26
N HIS A 21 36.60 -22.87 -19.06
CA HIS A 21 35.98 -21.89 -18.18
C HIS A 21 35.72 -22.52 -16.81
N THR A 22 36.71 -23.28 -16.30
CA THR A 22 36.66 -23.85 -14.96
C THR A 22 37.85 -23.38 -14.14
N ASP A 23 38.54 -22.36 -14.63
CA ASP A 23 39.81 -21.98 -14.08
C ASP A 23 39.61 -21.23 -12.75
N LYS A 24 38.37 -20.86 -12.41
CA LYS A 24 38.17 -20.01 -11.24
C LYS A 24 38.18 -20.82 -9.95
N PHE A 25 37.88 -22.13 -10.04
CA PHE A 25 37.74 -22.95 -8.84
C PHE A 25 39.09 -23.05 -8.14
N SER A 26 39.09 -22.80 -6.82
CA SER A 26 40.23 -23.11 -5.97
C SER A 26 40.35 -24.63 -5.76
N SER A 27 41.18 -25.26 -6.57
CA SER A 27 41.26 -26.70 -6.64
C SER A 27 42.44 -27.04 -7.50
N GLN A 28 43.02 -28.20 -7.25
CA GLN A 28 44.19 -28.62 -7.99
C GLN A 28 43.77 -29.54 -9.14
N GLU A 29 42.53 -30.02 -9.09
CA GLU A 29 42.08 -31.06 -9.99
C GLU A 29 41.85 -30.52 -11.42
N LEU A 30 41.80 -31.43 -12.36
CA LEU A 30 41.36 -31.15 -13.70
C LEU A 30 39.83 -31.11 -13.71
N ILE A 31 39.28 -29.92 -13.95
CA ILE A 31 37.85 -29.71 -14.02
C ILE A 31 37.48 -29.31 -15.46
N LEU A 32 36.61 -30.09 -16.08
CA LEU A 32 36.30 -29.93 -17.48
C LEU A 32 34.79 -29.76 -17.65
N ARG A 33 34.36 -29.35 -18.85
CA ARG A 33 32.94 -29.33 -19.20
C ARG A 33 32.66 -30.31 -20.35
N ARG A 34 31.50 -30.94 -20.29
CA ARG A 34 31.18 -32.01 -21.22
C ARG A 34 31.03 -31.46 -22.64
N GLY A 35 31.25 -32.33 -23.62
CA GLY A 35 30.98 -32.02 -25.02
C GLY A 35 32.08 -31.18 -25.68
N GLN A 36 33.19 -31.00 -24.96
CA GLN A 36 34.26 -30.11 -25.36
C GLN A 36 35.58 -30.86 -25.22
N ASN A 37 36.42 -30.81 -26.26
CA ASN A 37 37.66 -31.58 -26.29
C ASN A 37 38.66 -30.95 -25.30
N PHE A 38 39.55 -31.79 -24.75
CA PHE A 38 40.73 -31.30 -24.06
C PHE A 38 41.97 -32.04 -24.58
N GLN A 39 43.13 -31.41 -24.44
CA GLN A 39 44.35 -31.93 -25.00
C GLN A 39 45.32 -32.32 -23.90
N VAL A 40 45.92 -33.51 -24.07
CA VAL A 40 46.93 -34.05 -23.16
C VAL A 40 48.15 -34.48 -23.98
N LEU A 41 49.30 -34.50 -23.28
CA LEU A 41 50.55 -35.02 -23.78
C LEU A 41 50.86 -36.30 -23.05
N MET A 42 51.09 -37.37 -23.78
CA MET A 42 51.29 -38.66 -23.18
C MET A 42 52.63 -39.21 -23.64
N ILE A 43 53.58 -39.33 -22.69
CA ILE A 43 54.96 -39.70 -23.00
C ILE A 43 55.12 -41.20 -22.84
N MET A 44 55.38 -41.88 -23.95
CA MET A 44 55.47 -43.32 -23.95
C MET A 44 56.95 -43.71 -23.79
N ASN A 45 57.20 -45.03 -23.66
CA ASN A 45 58.55 -45.54 -23.51
C ASN A 45 59.22 -45.61 -24.88
N LYS A 46 58.39 -45.67 -25.94
CA LYS A 46 58.89 -45.74 -27.30
C LYS A 46 57.85 -45.17 -28.27
N GLY A 47 58.14 -45.18 -29.56
CA GLY A 47 57.16 -44.80 -30.57
C GLY A 47 56.15 -45.91 -30.78
N LEU A 48 54.97 -45.55 -31.31
CA LEU A 48 53.89 -46.53 -31.51
C LEU A 48 54.27 -47.43 -32.66
N GLY A 49 54.02 -48.72 -32.51
CA GLY A 49 54.10 -49.64 -33.62
C GLY A 49 52.75 -49.79 -34.32
N SER A 50 52.78 -50.36 -35.52
CA SER A 50 51.56 -50.63 -36.30
C SER A 50 50.85 -51.89 -35.77
N ASN A 51 51.49 -52.64 -34.86
CA ASN A 51 50.84 -53.77 -34.19
C ASN A 51 50.12 -53.32 -32.93
N GLU A 52 50.38 -52.07 -32.52
CA GLU A 52 50.11 -51.65 -31.16
C GLU A 52 48.83 -50.82 -31.15
N ARG A 53 48.06 -50.95 -30.06
CA ARG A 53 46.79 -50.25 -29.90
C ARG A 53 46.71 -49.63 -28.52
N LEU A 54 46.13 -48.44 -28.46
CA LEU A 54 45.75 -47.82 -27.20
C LEU A 54 44.23 -47.76 -27.12
N GLU A 55 43.68 -48.11 -25.94
CA GLU A 55 42.27 -47.89 -25.65
C GLU A 55 42.15 -47.11 -24.37
N PHE A 56 41.35 -46.05 -24.40
CA PHE A 56 41.05 -45.30 -23.20
C PHE A 56 39.79 -45.88 -22.57
N ILE A 57 39.74 -45.83 -21.25
CA ILE A 57 38.53 -46.22 -20.54
C ILE A 57 38.20 -45.14 -19.53
N VAL A 58 36.98 -44.59 -19.62
CA VAL A 58 36.51 -43.64 -18.63
C VAL A 58 35.28 -44.23 -17.96
N SER A 59 35.15 -43.94 -16.65
CA SER A 59 34.00 -44.38 -15.88
C SER A 59 33.71 -43.40 -14.78
N THR A 60 32.42 -43.39 -14.37
CA THR A 60 31.96 -42.58 -13.27
C THR A 60 30.97 -43.39 -12.44
N GLY A 61 31.09 -43.23 -11.13
CA GLY A 61 30.12 -43.75 -10.21
C GLY A 61 30.44 -45.19 -9.86
N PRO A 62 29.76 -45.78 -8.84
CA PRO A 62 30.15 -47.07 -8.32
C PRO A 62 29.76 -48.29 -9.19
N TYR A 63 28.91 -48.11 -10.21
CA TYR A 63 28.47 -49.26 -11.01
C TYR A 63 28.50 -48.88 -12.47
N PRO A 64 29.68 -48.55 -13.02
CA PRO A 64 29.79 -48.07 -14.39
C PRO A 64 29.29 -49.09 -15.40
N SER A 65 28.66 -48.60 -16.46
CA SER A 65 28.04 -49.45 -17.44
C SER A 65 28.07 -48.72 -18.78
N GLU A 66 28.48 -49.43 -19.84
CA GLU A 66 28.54 -48.86 -21.18
C GLU A 66 27.13 -48.52 -21.67
N SER A 67 26.17 -49.37 -21.36
CA SER A 67 24.79 -49.14 -21.78
C SER A 67 24.24 -47.86 -21.13
N ALA A 68 24.53 -47.68 -19.82
CA ALA A 68 24.04 -46.53 -19.04
C ALA A 68 24.87 -45.28 -19.33
N MET A 69 25.91 -45.44 -20.15
CA MET A 69 26.79 -44.36 -20.58
C MET A 69 27.51 -43.76 -19.37
N THR A 70 27.78 -44.60 -18.34
CA THR A 70 28.65 -44.20 -17.23
C THR A 70 29.98 -44.93 -17.36
N LYS A 71 30.15 -45.66 -18.47
CA LYS A 71 31.45 -46.19 -18.87
C LYS A 71 31.61 -46.07 -20.37
N ALA A 72 32.83 -45.75 -20.82
CA ALA A 72 33.13 -45.65 -22.23
C ALA A 72 34.52 -46.21 -22.51
N VAL A 73 34.61 -46.96 -23.61
CA VAL A 73 35.84 -47.53 -24.08
C VAL A 73 36.07 -47.04 -25.51
N PHE A 74 37.18 -46.36 -25.76
CA PHE A 74 37.38 -45.75 -27.05
C PHE A 74 38.85 -45.84 -27.47
N PRO A 75 39.12 -46.25 -28.74
CA PRO A 75 40.47 -46.32 -29.24
C PRO A 75 41.02 -44.97 -29.61
N LEU A 76 42.34 -44.83 -29.49
CA LEU A 76 43.08 -43.76 -30.11
C LEU A 76 42.94 -43.90 -31.61
N SER A 77 42.42 -42.88 -32.25
CA SER A 77 42.17 -42.95 -33.66
C SER A 77 42.66 -41.66 -34.32
N ASN A 78 42.44 -41.59 -35.63
CA ASN A 78 42.81 -40.40 -36.39
C ASN A 78 41.55 -39.57 -36.64
N GLY A 79 40.37 -40.15 -36.34
CA GLY A 79 39.10 -39.53 -36.66
C GLY A 79 38.23 -39.40 -35.42
N SER A 80 37.57 -38.25 -35.29
CA SER A 80 36.63 -38.03 -34.21
C SER A 80 35.32 -38.75 -34.57
N SER A 81 34.65 -39.29 -33.54
CA SER A 81 33.52 -40.20 -33.76
C SER A 81 32.20 -39.57 -33.29
N GLY A 82 32.25 -38.31 -32.81
CA GLY A 82 31.36 -37.87 -31.74
C GLY A 82 31.62 -38.70 -30.48
N GLY A 83 30.63 -38.77 -29.58
CA GLY A 83 30.73 -39.63 -28.39
C GLY A 83 31.99 -39.32 -27.58
N TRP A 84 32.52 -40.33 -26.85
CA TRP A 84 33.90 -40.24 -26.36
C TRP A 84 34.85 -40.62 -27.49
N SER A 85 35.93 -39.84 -27.64
CA SER A 85 36.93 -40.07 -28.67
C SER A 85 38.31 -39.61 -28.19
N ALA A 86 39.34 -40.18 -28.79
CA ALA A 86 40.71 -39.70 -28.65
C ALA A 86 41.35 -39.64 -30.04
N VAL A 87 41.89 -38.47 -30.37
CA VAL A 87 42.48 -38.23 -31.68
C VAL A 87 43.96 -37.93 -31.49
N LEU A 88 44.81 -38.71 -32.19
CA LEU A 88 46.23 -38.47 -32.23
C LEU A 88 46.51 -37.26 -33.11
N GLN A 89 46.94 -36.17 -32.50
CA GLN A 89 47.18 -34.94 -33.22
C GLN A 89 48.62 -34.87 -33.71
N ALA A 90 49.58 -35.40 -32.92
CA ALA A 90 51.00 -35.30 -33.26
C ALA A 90 51.84 -36.32 -32.49
N SER A 91 52.92 -36.80 -33.16
CA SER A 91 54.02 -37.55 -32.53
C SER A 91 55.28 -36.70 -32.56
N ASN A 92 55.99 -36.66 -31.42
CA ASN A 92 57.28 -35.99 -31.30
C ASN A 92 58.19 -36.77 -30.35
N GLY A 93 59.03 -37.62 -30.94
CA GLY A 93 59.77 -38.59 -30.16
C GLY A 93 58.87 -39.68 -29.63
N ASN A 94 58.79 -39.77 -28.31
CA ASN A 94 57.91 -40.73 -27.70
C ASN A 94 56.67 -40.05 -27.16
N THR A 95 56.56 -38.71 -27.33
CA THR A 95 55.41 -37.94 -26.84
C THR A 95 54.27 -37.96 -27.87
N LEU A 96 53.05 -38.33 -27.40
CA LEU A 96 51.83 -38.24 -28.19
C LEU A 96 51.03 -37.02 -27.72
N THR A 97 50.62 -36.19 -28.69
CA THR A 97 49.68 -35.11 -28.44
C THR A 97 48.30 -35.61 -28.79
N ILE A 98 47.39 -35.61 -27.79
CA ILE A 98 46.12 -36.29 -27.94
C ILE A 98 45.00 -35.37 -27.49
N SER A 99 43.96 -35.31 -28.35
CA SER A 99 42.76 -34.54 -28.08
C SER A 99 41.64 -35.50 -27.73
N ILE A 100 41.14 -35.42 -26.49
CA ILE A 100 40.09 -36.30 -26.00
C ILE A 100 38.80 -35.53 -25.94
N SER A 101 37.70 -36.14 -26.43
CA SER A 101 36.40 -35.48 -26.41
C SER A 101 35.35 -36.33 -25.70
N SER A 102 34.54 -35.66 -24.83
CA SER A 102 33.36 -36.23 -24.17
C SER A 102 32.10 -35.84 -24.96
N PRO A 103 30.98 -36.59 -24.85
CA PRO A 103 29.73 -36.16 -25.48
C PRO A 103 28.99 -35.13 -24.66
N ALA A 104 28.09 -34.40 -25.33
CA ALA A 104 27.35 -33.31 -24.69
C ALA A 104 26.32 -33.87 -23.72
N SER A 105 26.06 -35.18 -23.87
CA SER A 105 25.07 -35.90 -23.12
C SER A 105 25.70 -36.71 -21.97
N ALA A 106 26.99 -36.47 -21.69
CA ALA A 106 27.69 -37.24 -20.67
C ALA A 106 27.13 -36.93 -19.28
N PRO A 107 27.01 -37.92 -18.38
CA PRO A 107 26.70 -37.62 -16.98
C PRO A 107 27.79 -36.80 -16.32
N ILE A 108 27.39 -35.83 -15.51
CA ILE A 108 28.36 -35.02 -14.82
C ILE A 108 28.86 -35.80 -13.61
N GLY A 109 30.04 -35.42 -13.12
CA GLY A 109 30.58 -35.96 -11.87
C GLY A 109 32.08 -36.23 -11.98
N ARG A 110 32.60 -36.98 -11.00
CA ARG A 110 33.99 -37.43 -11.06
C ARG A 110 34.12 -38.65 -11.95
N TYR A 111 35.18 -38.63 -12.77
CA TYR A 111 35.51 -39.74 -13.66
C TYR A 111 36.92 -40.25 -13.33
N THR A 112 37.15 -41.56 -13.60
CA THR A 112 38.50 -42.10 -13.71
C THR A 112 38.80 -42.39 -15.17
N MET A 113 40.06 -42.15 -15.56
CA MET A 113 40.53 -42.53 -16.87
C MET A 113 41.65 -43.56 -16.72
N ALA A 114 41.55 -44.64 -17.51
CA ALA A 114 42.63 -45.59 -17.63
C ALA A 114 43.00 -45.75 -19.09
N LEU A 115 44.25 -46.22 -19.30
CA LEU A 115 44.77 -46.59 -20.62
C LEU A 115 45.05 -48.08 -20.66
N GLN A 116 44.57 -48.71 -21.70
CA GLN A 116 44.83 -50.10 -21.95
C GLN A 116 45.69 -50.21 -23.20
N ILE A 117 46.83 -50.91 -23.09
CA ILE A 117 47.76 -51.03 -24.19
C ILE A 117 47.83 -52.49 -24.62
N PHE A 118 47.72 -52.71 -25.93
CA PHE A 118 47.98 -54.01 -26.53
C PHE A 118 49.32 -53.95 -27.29
N SER A 119 50.28 -54.79 -26.87
CA SER A 119 51.65 -54.68 -27.33
C SER A 119 52.36 -56.03 -27.24
N GLN A 120 52.83 -56.52 -28.39
CA GLN A 120 53.61 -57.73 -28.46
C GLN A 120 52.80 -58.89 -27.89
N GLY A 121 51.52 -58.99 -28.29
CA GLY A 121 50.63 -60.08 -27.84
C GLY A 121 50.36 -60.04 -26.32
N GLY A 122 50.63 -58.88 -25.68
CA GLY A 122 50.38 -58.69 -24.25
C GLY A 122 49.41 -57.53 -24.00
N ILE A 123 48.85 -57.47 -22.79
CA ILE A 123 47.90 -56.42 -22.43
C ILE A 123 48.31 -55.79 -21.08
N SER A 124 48.31 -54.45 -21.04
CA SER A 124 48.50 -53.73 -19.79
C SER A 124 47.38 -52.71 -19.63
N SER A 125 47.04 -52.43 -18.37
CA SER A 125 46.08 -51.38 -18.04
C SER A 125 46.64 -50.54 -16.91
N VAL A 126 46.45 -49.23 -17.00
CA VAL A 126 47.09 -48.30 -16.09
C VAL A 126 46.18 -47.11 -15.88
N LYS A 127 45.93 -46.80 -14.62
CA LYS A 127 45.12 -45.65 -14.29
C LYS A 127 45.92 -44.40 -14.65
N LEU A 128 45.32 -43.53 -15.50
CA LEU A 128 45.96 -42.30 -15.91
C LEU A 128 45.67 -41.20 -14.89
N GLY A 129 44.43 -41.14 -14.37
CA GLY A 129 44.05 -40.07 -13.47
C GLY A 129 42.54 -39.93 -13.35
N THR A 130 42.11 -38.86 -12.68
CA THR A 130 40.70 -38.56 -12.49
C THR A 130 40.43 -37.12 -12.86
N PHE A 131 39.21 -36.85 -13.31
CA PHE A 131 38.80 -35.49 -13.57
C PHE A 131 37.34 -35.31 -13.16
N ILE A 132 36.94 -34.04 -13.10
CA ILE A 132 35.56 -33.68 -12.88
C ILE A 132 34.98 -33.16 -14.21
N LEU A 133 33.78 -33.62 -14.53
CA LEU A 133 33.05 -33.18 -15.71
C LEU A 133 31.78 -32.46 -15.26
N LEU A 134 31.60 -31.22 -15.76
CA LEU A 134 30.44 -30.41 -15.41
C LEU A 134 29.56 -30.17 -16.66
N PHE A 135 28.40 -29.56 -16.42
CA PHE A 135 27.56 -29.10 -17.50
C PHE A 135 28.28 -27.96 -18.23
N ASN A 136 27.88 -27.73 -19.49
CA ASN A 136 28.60 -26.81 -20.34
C ASN A 136 27.67 -25.76 -20.90
N PRO A 137 27.46 -24.63 -20.18
CA PRO A 137 26.63 -23.53 -20.67
C PRO A 137 27.22 -22.76 -21.88
N TRP A 138 28.47 -23.01 -22.21
CA TRP A 138 29.12 -22.38 -23.36
C TRP A 138 28.85 -23.17 -24.65
N LEU A 139 28.35 -24.39 -24.54
CA LEU A 139 28.32 -25.31 -25.67
C LEU A 139 26.92 -25.34 -26.26
N ASN A 140 26.83 -25.03 -27.54
CA ASN A 140 25.55 -24.75 -28.15
C ASN A 140 24.61 -25.95 -28.05
N VAL A 141 25.16 -27.18 -28.04
CA VAL A 141 24.31 -28.38 -28.11
C VAL A 141 24.05 -28.96 -26.70
N ASP A 142 24.57 -28.29 -25.65
CA ASP A 142 24.28 -28.71 -24.28
C ASP A 142 22.90 -28.21 -23.89
N SER A 143 22.15 -29.02 -23.14
CA SER A 143 20.83 -28.62 -22.68
C SER A 143 20.89 -27.36 -21.80
N VAL A 144 22.04 -27.05 -21.17
CA VAL A 144 22.12 -25.89 -20.30
C VAL A 144 22.70 -24.71 -21.04
N PHE A 145 22.78 -24.82 -22.37
CA PHE A 145 23.41 -23.78 -23.17
C PHE A 145 22.76 -22.44 -22.90
N MET A 146 23.58 -21.43 -22.68
CA MET A 146 23.14 -20.06 -22.54
C MET A 146 24.03 -19.19 -23.42
N GLY A 147 23.48 -18.71 -24.55
CA GLY A 147 24.27 -18.12 -25.63
C GLY A 147 24.85 -16.73 -25.30
N ASN A 148 24.19 -15.98 -24.44
CA ASN A 148 24.61 -14.61 -24.13
C ASN A 148 25.82 -14.62 -23.18
N HIS A 149 26.89 -13.89 -23.56
CA HIS A 149 28.14 -13.90 -22.78
C HIS A 149 27.92 -13.27 -21.40
N ALA A 150 27.30 -12.08 -21.37
CA ALA A 150 27.21 -11.29 -20.15
C ALA A 150 26.32 -12.00 -19.10
N GLU A 151 25.25 -12.65 -19.58
CA GLU A 151 24.34 -13.39 -18.74
C GLU A 151 25.04 -14.63 -18.17
N ARG A 152 25.81 -15.36 -19.01
CA ARG A 152 26.58 -16.51 -18.55
C ARG A 152 27.50 -16.09 -17.40
N GLU A 153 28.12 -14.91 -17.53
CA GLU A 153 29.03 -14.43 -16.51
C GLU A 153 28.28 -14.25 -15.18
N GLU A 154 27.02 -13.76 -15.25
CA GLU A 154 26.26 -13.51 -14.03
C GLU A 154 25.79 -14.83 -13.45
N TYR A 155 25.25 -15.70 -14.30
CA TYR A 155 24.43 -16.79 -13.84
C TYR A 155 25.26 -18.05 -13.59
N VAL A 156 26.55 -18.05 -14.02
CA VAL A 156 27.44 -19.19 -13.83
C VAL A 156 28.69 -18.77 -13.06
N GLN A 157 29.30 -17.64 -13.46
CA GLN A 157 30.65 -17.32 -13.01
C GLN A 157 30.65 -16.39 -11.80
N GLU A 158 29.52 -15.76 -11.45
CA GLU A 158 29.54 -14.77 -10.38
C GLU A 158 29.33 -15.48 -9.02
N ASP A 159 30.14 -15.14 -8.02
CA ASP A 159 30.10 -15.85 -6.75
C ASP A 159 29.65 -14.93 -5.62
N ALA A 160 29.25 -13.68 -5.95
CA ALA A 160 28.54 -12.82 -5.01
C ALA A 160 27.16 -12.45 -5.55
N GLY A 161 26.18 -12.39 -4.65
CA GLY A 161 24.80 -12.23 -5.04
C GLY A 161 24.06 -11.26 -4.13
N ILE A 162 22.87 -10.91 -4.57
CA ILE A 162 21.99 -10.06 -3.82
C ILE A 162 20.68 -10.80 -3.73
N ILE A 163 20.06 -10.84 -2.51
CA ILE A 163 18.73 -11.43 -2.33
C ILE A 163 17.80 -10.36 -1.76
N PHE A 164 16.64 -10.19 -2.43
CA PHE A 164 15.67 -9.16 -2.06
C PHE A 164 14.80 -9.71 -0.95
N VAL A 165 14.53 -8.84 0.04
CA VAL A 165 13.77 -9.23 1.22
C VAL A 165 12.88 -8.07 1.63
N GLY A 166 12.22 -8.19 2.79
CA GLY A 166 11.33 -7.16 3.30
C GLY A 166 9.86 -7.51 3.04
N SER A 167 9.13 -6.58 2.43
CA SER A 167 7.70 -6.73 2.21
C SER A 167 7.30 -6.02 0.93
N THR A 168 6.02 -6.11 0.58
CA THR A 168 5.62 -5.53 -0.66
C THR A 168 5.43 -4.02 -0.49
N ASN A 169 5.49 -3.53 0.75
CA ASN A 169 5.54 -2.08 0.97
C ASN A 169 6.95 -1.51 0.83
N ARG A 170 7.95 -2.33 1.15
CA ARG A 170 9.31 -1.82 1.34
C ARG A 170 10.30 -2.95 1.17
N ILE A 171 10.90 -3.00 -0.02
CA ILE A 171 11.83 -4.02 -0.42
C ILE A 171 13.25 -3.66 0.06
N GLY A 172 13.88 -4.57 0.82
CA GLY A 172 15.29 -4.45 1.14
C GLY A 172 16.16 -5.45 0.32
N MET A 173 17.45 -5.52 0.68
CA MET A 173 18.32 -6.51 0.10
C MET A 173 19.36 -6.93 1.14
N ILE A 174 19.82 -8.18 0.99
CA ILE A 174 21.01 -8.67 1.67
C ILE A 174 21.96 -9.22 0.63
N GLY A 175 23.24 -9.16 0.95
CA GLY A 175 24.24 -9.83 0.15
C GLY A 175 24.33 -11.29 0.55
N TRP A 176 24.78 -12.09 -0.40
CA TRP A 176 25.02 -13.49 -0.16
C TRP A 176 26.26 -13.92 -0.90
N ASN A 177 27.19 -14.53 -0.18
CA ASN A 177 28.38 -15.10 -0.77
C ASN A 177 28.08 -16.55 -1.19
N PHE A 178 27.82 -16.74 -2.49
CA PHE A 178 27.62 -18.07 -3.02
C PHE A 178 28.88 -18.91 -2.81
N GLY A 179 30.04 -18.32 -3.17
CA GLY A 179 31.36 -18.91 -2.91
C GLY A 179 31.56 -20.26 -3.59
N GLN A 180 31.10 -20.42 -4.84
CA GLN A 180 31.21 -21.72 -5.49
C GLN A 180 32.69 -22.04 -5.81
N PHE A 181 33.59 -21.04 -5.75
CA PHE A 181 34.97 -21.25 -6.15
C PHE A 181 35.88 -21.46 -4.94
N GLU A 182 35.32 -21.38 -3.74
CA GLU A 182 36.14 -21.56 -2.54
C GLU A 182 36.50 -23.02 -2.38
N GLU A 183 37.54 -23.26 -1.58
CA GLU A 183 38.14 -24.58 -1.43
C GLU A 183 37.09 -25.59 -0.91
N ASP A 184 36.95 -26.70 -1.67
CA ASP A 184 36.18 -27.88 -1.29
C ASP A 184 34.70 -27.74 -1.69
N ILE A 185 34.27 -26.55 -2.13
CA ILE A 185 32.86 -26.34 -2.25
C ILE A 185 32.32 -27.17 -3.42
N LEU A 186 33.04 -27.18 -4.57
CA LEU A 186 32.62 -27.99 -5.73
C LEU A 186 32.56 -29.46 -5.33
N SER A 187 33.58 -29.92 -4.57
CA SER A 187 33.62 -31.30 -4.10
C SER A 187 32.39 -31.61 -3.26
N ILE A 188 32.04 -30.69 -2.33
CA ILE A 188 30.91 -30.93 -1.42
C ILE A 188 29.61 -31.00 -2.23
N CYS A 189 29.50 -30.18 -3.28
CA CYS A 189 28.28 -30.07 -4.07
C CYS A 189 28.09 -31.34 -4.88
N LEU A 190 29.18 -31.96 -5.32
CA LEU A 190 29.11 -33.28 -5.94
C LEU A 190 28.70 -34.35 -4.92
N SER A 191 29.13 -34.19 -3.65
CA SER A 191 28.76 -35.09 -2.55
C SER A 191 27.25 -35.18 -2.42
N ILE A 192 26.61 -34.05 -2.54
CA ILE A 192 25.20 -34.00 -2.29
C ILE A 192 24.53 -35.06 -3.17
N LEU A 193 25.01 -35.22 -4.43
CA LEU A 193 24.33 -36.09 -5.39
C LEU A 193 24.46 -37.56 -4.96
N ASP A 194 25.53 -37.83 -4.21
CA ASP A 194 25.89 -39.16 -3.79
C ASP A 194 25.20 -39.53 -2.48
N ARG A 195 24.37 -38.64 -1.95
CA ARG A 195 23.75 -38.88 -0.64
C ARG A 195 22.23 -38.78 -0.73
N SER A 196 21.72 -38.61 -1.96
CA SER A 196 20.29 -38.46 -2.19
C SER A 196 19.59 -39.78 -1.98
N LEU A 197 18.29 -39.71 -1.75
CA LEU A 197 17.52 -40.94 -1.61
C LEU A 197 17.62 -41.73 -2.91
N ASN A 198 17.66 -41.03 -4.05
CA ASN A 198 17.72 -41.71 -5.35
C ASN A 198 18.98 -42.57 -5.43
N PHE A 199 20.09 -42.00 -4.96
CA PHE A 199 21.40 -42.64 -5.07
C PHE A 199 21.41 -43.87 -4.18
N ARG A 200 20.84 -43.73 -2.97
CA ARG A 200 20.81 -44.82 -2.01
C ARG A 200 19.90 -45.97 -2.53
N ARG A 201 18.78 -45.64 -3.16
CA ARG A 201 17.90 -46.66 -3.73
C ARG A 201 18.59 -47.41 -4.87
N ASP A 202 19.30 -46.68 -5.74
CA ASP A 202 19.76 -47.25 -6.99
C ASP A 202 20.84 -46.36 -7.58
N ALA A 203 22.10 -46.53 -7.14
CA ALA A 203 23.16 -45.60 -7.50
C ALA A 203 23.44 -45.67 -9.00
N ALA A 204 23.28 -46.87 -9.59
CA ALA A 204 23.63 -47.05 -11.01
C ALA A 204 22.76 -46.15 -11.87
N THR A 205 21.47 -46.08 -11.53
CA THR A 205 20.52 -45.31 -12.31
C THR A 205 20.64 -43.81 -11.96
N ASP A 206 20.88 -43.48 -10.67
CA ASP A 206 21.07 -42.07 -10.30
C ASP A 206 22.23 -41.50 -11.09
N VAL A 207 23.34 -42.24 -11.17
CA VAL A 207 24.51 -41.67 -11.80
C VAL A 207 24.26 -41.53 -13.30
N ALA A 208 23.56 -42.50 -13.90
CA ALA A 208 23.26 -42.45 -15.33
C ALA A 208 22.39 -41.24 -15.66
N SER A 209 21.57 -40.82 -14.68
CA SER A 209 20.60 -39.73 -14.84
C SER A 209 21.26 -38.35 -14.63
N ARG A 210 22.55 -38.31 -14.27
CA ARG A 210 23.23 -37.03 -13.98
C ARG A 210 23.67 -36.33 -15.27
N ASN A 211 23.27 -36.89 -16.42
CA ASN A 211 23.37 -36.18 -17.70
C ASN A 211 22.20 -35.19 -17.90
N ASP A 212 21.22 -35.20 -17.01
CA ASP A 212 19.98 -34.45 -17.22
C ASP A 212 19.87 -33.35 -16.16
N PRO A 213 19.91 -32.06 -16.54
CA PRO A 213 19.81 -30.98 -15.56
C PRO A 213 18.47 -30.95 -14.83
N LYS A 214 17.40 -31.48 -15.49
CA LYS A 214 16.09 -31.59 -14.86
C LYS A 214 16.23 -32.44 -13.61
N TYR A 215 16.87 -33.61 -13.81
CA TYR A 215 17.09 -34.59 -12.75
C TYR A 215 17.96 -33.99 -11.62
N VAL A 216 19.14 -33.51 -11.97
CA VAL A 216 20.07 -32.98 -11.01
C VAL A 216 19.40 -31.84 -10.23
N GLY A 217 18.63 -31.01 -10.94
CA GLY A 217 17.99 -29.87 -10.31
C GLY A 217 16.97 -30.31 -9.26
N ARG A 218 16.15 -31.29 -9.63
CA ARG A 218 15.10 -31.77 -8.75
C ARG A 218 15.73 -32.40 -7.51
N VAL A 219 16.82 -33.15 -7.72
CA VAL A 219 17.51 -33.82 -6.63
C VAL A 219 18.04 -32.77 -5.66
N LEU A 220 18.62 -31.71 -6.19
CA LEU A 220 19.20 -30.69 -5.35
C LEU A 220 18.09 -30.00 -4.55
N SER A 221 16.89 -29.87 -5.16
CA SER A 221 15.79 -29.19 -4.49
C SER A 221 15.39 -29.97 -3.27
N ALA A 222 15.59 -31.30 -3.30
CA ALA A 222 15.31 -32.14 -2.16
C ALA A 222 16.46 -32.05 -1.14
N MET A 223 17.69 -32.18 -1.62
CA MET A 223 18.81 -32.52 -0.77
C MET A 223 19.32 -31.29 -0.01
N ILE A 224 18.91 -30.10 -0.43
CA ILE A 224 19.37 -28.90 0.25
C ILE A 224 18.60 -28.75 1.59
N ASN A 225 17.44 -29.39 1.69
CA ASN A 225 16.70 -29.37 2.96
C ASN A 225 16.88 -30.72 3.66
N SER A 226 16.89 -30.66 5.00
CA SER A 226 17.22 -31.82 5.83
C SER A 226 16.11 -32.86 5.74
N ASN A 227 14.88 -32.42 5.53
CA ASN A 227 13.70 -33.27 5.55
C ASN A 227 13.90 -34.46 4.61
N ASP A 228 13.60 -35.68 5.13
CA ASP A 228 13.53 -36.92 4.34
C ASP A 228 14.90 -37.61 4.16
N ASP A 229 16.03 -36.87 4.22
CA ASP A 229 17.24 -37.38 3.56
C ASP A 229 18.53 -36.90 4.28
N ASN A 230 18.38 -36.29 5.45
CA ASN A 230 19.49 -35.58 6.12
C ASN A 230 20.29 -34.69 5.18
N GLY A 231 19.58 -33.98 4.31
CA GLY A 231 20.22 -32.97 3.49
C GLY A 231 20.74 -31.80 4.34
N VAL A 232 21.04 -30.68 3.67
CA VAL A 232 22.06 -29.76 4.13
C VAL A 232 21.54 -28.91 5.31
N LEU A 233 20.29 -28.42 5.19
CA LEU A 233 19.78 -27.36 6.06
C LEU A 233 18.49 -27.83 6.76
N ALA A 234 18.44 -27.60 8.06
CA ALA A 234 17.23 -27.80 8.83
C ALA A 234 16.49 -26.48 8.96
N GLY A 235 15.21 -26.49 8.53
CA GLY A 235 14.38 -25.31 8.59
C GLY A 235 13.90 -25.03 10.01
N ASN A 236 13.69 -23.75 10.33
CA ASN A 236 13.20 -23.36 11.64
C ASN A 236 12.66 -21.93 11.55
N TRP A 237 11.33 -21.79 11.72
CA TRP A 237 10.71 -20.48 11.66
C TRP A 237 10.13 -20.08 13.03
N SER A 238 10.65 -20.69 14.10
CA SER A 238 10.01 -20.62 15.42
C SER A 238 10.40 -19.35 16.19
N GLY A 239 11.47 -18.67 15.77
CA GLY A 239 12.00 -17.54 16.52
C GLY A 239 12.98 -17.97 17.62
N THR A 240 12.99 -19.29 17.94
CA THR A 240 13.89 -19.86 18.94
C THR A 240 14.89 -20.78 18.25
N TYR A 241 16.18 -20.42 18.31
CA TYR A 241 17.20 -21.12 17.55
C TYR A 241 18.27 -21.66 18.49
N THR A 242 17.86 -22.17 19.65
CA THR A 242 18.84 -22.76 20.56
C THR A 242 19.34 -24.07 19.96
N GLY A 243 20.67 -24.27 20.09
CA GLY A 243 21.33 -25.45 19.55
C GLY A 243 21.68 -25.28 18.08
N GLY A 244 21.70 -24.02 17.60
CA GLY A 244 22.02 -23.74 16.22
C GLY A 244 22.26 -22.25 15.98
N ARG A 245 22.48 -21.88 14.72
CA ARG A 245 22.59 -20.49 14.35
C ARG A 245 21.18 -19.92 14.05
N ASP A 246 20.97 -18.66 14.46
CA ASP A 246 19.88 -17.84 13.95
C ASP A 246 19.98 -17.82 12.43
N PRO A 247 18.91 -18.19 11.67
CA PRO A 247 18.96 -18.16 10.21
C PRO A 247 19.51 -16.85 9.64
N ARG A 248 19.38 -15.76 10.40
CA ARG A 248 19.77 -14.44 9.90
C ARG A 248 21.29 -14.20 10.04
N SER A 249 22.02 -15.07 10.74
CA SER A 249 23.44 -14.80 11.00
C SER A 249 24.33 -15.29 9.85
N TRP A 250 23.89 -16.31 9.10
CA TRP A 250 24.57 -16.70 7.85
C TRP A 250 24.68 -15.50 6.91
N ASN A 251 25.83 -15.35 6.20
CA ASN A 251 25.88 -14.44 5.04
C ASN A 251 26.48 -15.14 3.80
N GLY A 252 26.43 -16.46 3.78
CA GLY A 252 26.88 -17.16 2.60
C GLY A 252 26.72 -18.67 2.73
N SER A 253 26.97 -19.36 1.62
CA SER A 253 26.69 -20.79 1.48
C SER A 253 27.87 -21.59 2.02
N VAL A 254 29.03 -20.92 2.18
CA VAL A 254 30.31 -21.64 2.26
C VAL A 254 30.42 -22.30 3.64
N GLU A 255 30.13 -21.54 4.70
CA GLU A 255 30.16 -22.09 6.04
C GLU A 255 29.16 -23.24 6.19
N ILE A 256 27.97 -23.05 5.61
CA ILE A 256 26.89 -24.02 5.71
C ILE A 256 27.34 -25.34 5.08
N LEU A 257 27.86 -25.29 3.85
CA LEU A 257 28.21 -26.51 3.14
C LEU A 257 29.38 -27.20 3.83
N LYS A 258 30.39 -26.43 4.25
CA LYS A 258 31.53 -26.97 5.00
C LYS A 258 31.06 -27.60 6.32
N ASN A 259 30.25 -26.88 7.09
CA ASN A 259 29.76 -27.37 8.36
C ASN A 259 28.96 -28.68 8.16
N TRP A 260 28.25 -28.81 7.03
CA TRP A 260 27.47 -30.01 6.77
C TRP A 260 28.41 -31.18 6.60
N LYS A 261 29.42 -31.01 5.77
CA LYS A 261 30.41 -32.05 5.54
C LYS A 261 31.10 -32.44 6.84
N LYS A 262 31.59 -31.43 7.60
CA LYS A 262 32.50 -31.65 8.73
C LYS A 262 31.75 -32.10 9.99
N SER A 263 30.44 -32.08 9.95
CA SER A 263 29.65 -32.66 11.02
C SER A 263 29.30 -34.11 10.69
N GLY A 264 29.86 -34.63 9.58
CA GLY A 264 29.52 -35.95 9.08
C GLY A 264 28.19 -35.94 8.34
N PHE A 265 27.92 -34.85 7.59
CA PHE A 265 26.75 -34.76 6.71
C PHE A 265 25.49 -34.80 7.55
N SER A 266 25.54 -34.05 8.66
CA SER A 266 24.41 -33.90 9.53
C SER A 266 23.80 -32.50 9.32
N PRO A 267 22.45 -32.40 9.20
CA PRO A 267 21.78 -31.14 8.95
C PRO A 267 22.34 -29.97 9.75
N VAL A 268 22.55 -28.85 9.03
CA VAL A 268 23.00 -27.61 9.63
C VAL A 268 21.79 -26.85 10.14
N ARG A 269 21.91 -26.37 11.37
CA ARG A 269 20.82 -25.69 12.06
C ARG A 269 21.19 -24.22 12.23
N TYR A 270 20.33 -23.27 11.75
CA TYR A 270 19.05 -23.49 11.07
C TYR A 270 18.95 -22.58 9.84
N GLY A 271 18.00 -22.89 8.95
CA GLY A 271 17.77 -22.07 7.76
C GLY A 271 16.32 -21.54 7.68
N GLN A 272 16.16 -20.44 6.92
CA GLN A 272 14.87 -20.04 6.35
C GLN A 272 15.06 -19.77 4.84
N CYS A 273 14.01 -19.26 4.15
CA CYS A 273 13.84 -19.56 2.73
C CYS A 273 15.02 -19.02 1.90
N TRP A 274 15.59 -17.88 2.29
CA TRP A 274 16.69 -17.27 1.51
C TRP A 274 18.00 -18.05 1.72
N VAL A 275 18.11 -18.73 2.86
CA VAL A 275 19.27 -19.55 3.17
C VAL A 275 19.24 -20.83 2.31
N PHE A 276 18.07 -21.49 2.23
CA PHE A 276 17.90 -22.60 1.29
C PHE A 276 18.28 -22.14 -0.13
N ALA A 277 17.76 -20.98 -0.54
CA ALA A 277 17.89 -20.56 -1.92
C ALA A 277 19.33 -20.17 -2.22
N GLY A 278 19.99 -19.50 -1.25
CA GLY A 278 21.39 -19.14 -1.40
C GLY A 278 22.25 -20.38 -1.62
N THR A 279 21.98 -21.41 -0.83
CA THR A 279 22.78 -22.60 -0.83
C THR A 279 22.49 -23.41 -2.12
N LEU A 280 21.22 -23.50 -2.51
CA LEU A 280 20.86 -24.18 -3.75
C LEU A 280 21.52 -23.48 -4.94
N ASN A 281 21.65 -22.15 -4.86
CA ASN A 281 22.22 -21.40 -5.96
C ASN A 281 23.71 -21.79 -6.11
N THR A 282 24.39 -21.96 -4.97
CA THR A 282 25.79 -22.28 -4.99
C THR A 282 25.97 -23.61 -5.71
N ALA A 283 25.15 -24.60 -5.31
CA ALA A 283 25.22 -25.93 -5.89
C ALA A 283 25.03 -25.89 -7.41
N LEU A 284 23.99 -25.17 -7.86
CA LEU A 284 23.65 -25.12 -9.27
C LEU A 284 24.82 -24.50 -10.06
N ARG A 285 25.33 -23.36 -9.59
CA ARG A 285 26.38 -22.66 -10.34
C ARG A 285 27.61 -23.54 -10.43
N SER A 286 27.92 -24.25 -9.35
CA SER A 286 29.10 -25.08 -9.32
C SER A 286 29.00 -26.16 -10.40
N LEU A 287 27.84 -26.78 -10.53
CA LEU A 287 27.71 -27.95 -11.37
C LEU A 287 27.55 -27.50 -12.82
N GLY A 288 27.30 -26.18 -13.01
CA GLY A 288 27.26 -25.58 -14.35
C GLY A 288 25.82 -25.43 -14.90
N ILE A 289 24.84 -25.42 -14.02
CA ILE A 289 23.49 -25.01 -14.38
C ILE A 289 23.35 -23.52 -14.09
N PRO A 290 23.25 -22.66 -15.13
CA PRO A 290 23.07 -21.24 -14.87
C PRO A 290 21.85 -21.03 -13.99
N SER A 291 21.99 -20.23 -12.95
CA SER A 291 20.91 -20.13 -12.00
C SER A 291 20.88 -18.75 -11.38
N ARG A 292 19.75 -18.41 -10.76
CA ARG A 292 19.62 -17.16 -10.05
C ARG A 292 18.56 -17.30 -8.98
N VAL A 293 18.52 -16.28 -8.11
CA VAL A 293 17.67 -16.26 -6.93
C VAL A 293 16.50 -15.29 -7.16
N ILE A 294 15.30 -15.78 -6.89
CA ILE A 294 14.04 -15.07 -7.11
C ILE A 294 13.42 -14.79 -5.75
N THR A 295 12.90 -13.58 -5.57
CA THR A 295 12.02 -13.29 -4.43
C THR A 295 10.63 -12.92 -4.97
N ASN A 296 9.60 -13.54 -4.40
CA ASN A 296 8.20 -13.22 -4.70
C ASN A 296 7.59 -12.58 -3.46
N PHE A 297 7.01 -11.38 -3.57
CA PHE A 297 6.33 -10.74 -2.43
C PHE A 297 4.84 -11.05 -2.48
N ASN A 298 4.20 -11.10 -1.28
CA ASN A 298 2.87 -11.74 -1.12
C ASN A 298 2.80 -13.05 -1.88
N SER A 299 3.49 -14.05 -1.34
CA SER A 299 3.60 -15.35 -1.95
C SER A 299 2.57 -16.28 -1.30
N ALA A 300 1.73 -16.91 -2.12
CA ALA A 300 0.65 -17.72 -1.62
C ALA A 300 1.15 -19.14 -1.33
N HIS A 301 0.82 -19.65 -0.13
CA HIS A 301 0.83 -21.08 0.16
C HIS A 301 -0.57 -21.66 0.00
N ASP A 302 -0.80 -22.29 -1.15
CA ASP A 302 -2.01 -23.02 -1.43
C ASP A 302 -1.82 -24.48 -0.98
N THR A 303 -2.66 -24.90 -0.04
CA THR A 303 -2.53 -26.20 0.57
C THR A 303 -3.57 -27.19 0.03
N ASP A 304 -4.47 -26.76 -0.86
CA ASP A 304 -5.53 -27.64 -1.34
C ASP A 304 -5.75 -27.49 -2.86
N ARG A 305 -4.69 -27.16 -3.59
CA ARG A 305 -4.69 -27.26 -5.05
C ARG A 305 -6.00 -26.74 -5.67
N ASN A 306 -6.33 -25.48 -5.42
CA ASN A 306 -7.42 -24.82 -6.13
C ASN A 306 -7.01 -23.42 -6.68
N LEU A 307 -5.72 -23.04 -6.53
CA LEU A 307 -5.19 -21.80 -7.11
C LEU A 307 -5.80 -20.58 -6.42
N SER A 308 -6.33 -20.78 -5.22
CA SER A 308 -6.84 -19.68 -4.44
C SER A 308 -6.39 -19.83 -2.99
N VAL A 309 -6.06 -18.71 -2.38
CA VAL A 309 -5.92 -18.61 -0.93
C VAL A 309 -7.30 -18.37 -0.34
N ASP A 310 -7.73 -19.28 0.55
CA ASP A 310 -9.10 -19.24 1.03
C ASP A 310 -9.14 -18.73 2.45
N VAL A 311 -10.03 -17.78 2.67
CA VAL A 311 -10.29 -17.21 3.96
C VAL A 311 -11.77 -17.36 4.24
N TYR A 312 -12.13 -17.59 5.51
CA TYR A 312 -13.49 -17.97 5.83
C TYR A 312 -14.09 -17.03 6.85
N TYR A 313 -15.34 -16.69 6.59
CA TYR A 313 -16.18 -15.99 7.53
C TYR A 313 -17.50 -16.75 7.65
N ASP A 314 -18.16 -16.60 8.80
CA ASP A 314 -19.52 -17.09 8.96
C ASP A 314 -20.47 -16.03 8.40
N PRO A 315 -21.77 -16.34 8.19
CA PRO A 315 -22.65 -15.37 7.57
C PRO A 315 -22.90 -14.12 8.40
N MET A 316 -22.56 -14.14 9.70
CA MET A 316 -22.73 -12.94 10.50
C MET A 316 -21.50 -12.04 10.35
N GLY A 317 -20.46 -12.52 9.68
CA GLY A 317 -19.29 -11.70 9.36
C GLY A 317 -18.08 -11.99 10.28
N ASN A 318 -18.19 -12.99 11.17
CA ASN A 318 -17.08 -13.33 12.06
C ASN A 318 -15.99 -14.09 11.31
N PRO A 319 -14.71 -13.82 11.64
CA PRO A 319 -13.63 -14.58 11.05
C PRO A 319 -13.59 -15.99 11.61
N LEU A 320 -13.42 -16.98 10.73
CA LEU A 320 -13.34 -18.36 11.17
C LEU A 320 -11.91 -18.83 11.11
N ASP A 321 -11.47 -19.49 12.18
CA ASP A 321 -10.28 -20.32 12.15
C ASP A 321 -10.57 -21.62 11.39
N LYS A 322 -10.39 -21.57 10.07
CA LYS A 322 -10.68 -22.68 9.18
C LYS A 322 -9.76 -22.54 7.96
N GLY A 323 -9.21 -23.65 7.47
CA GLY A 323 -8.32 -23.61 6.33
C GLY A 323 -6.87 -23.41 6.74
N SER A 324 -5.97 -23.86 5.85
CA SER A 324 -4.55 -23.88 6.14
C SER A 324 -3.77 -23.00 5.15
N ASP A 325 -4.47 -22.31 4.24
CA ASP A 325 -3.78 -21.48 3.25
C ASP A 325 -3.19 -20.27 3.96
N SER A 326 -2.04 -19.77 3.43
CA SER A 326 -1.34 -18.64 4.04
C SER A 326 -0.67 -17.82 2.96
N VAL A 327 -0.26 -16.62 3.34
CA VAL A 327 0.40 -15.73 2.43
C VAL A 327 1.61 -15.17 3.15
N TRP A 328 2.80 -15.46 2.58
CA TRP A 328 4.08 -15.02 3.09
C TRP A 328 4.34 -13.57 2.64
N ASN A 329 4.91 -12.74 3.53
CA ASN A 329 5.46 -11.43 3.15
C ASN A 329 6.23 -11.51 1.84
N PHE A 330 7.22 -12.41 1.87
CA PHE A 330 8.01 -12.76 0.70
C PHE A 330 8.44 -14.21 0.84
N HIS A 331 8.75 -14.84 -0.29
CA HIS A 331 9.33 -16.16 -0.31
C HIS A 331 10.39 -16.19 -1.39
N VAL A 332 11.51 -16.86 -1.09
CA VAL A 332 12.65 -16.89 -1.99
C VAL A 332 12.82 -18.29 -2.60
N TRP A 333 13.04 -18.33 -3.92
CA TRP A 333 13.36 -19.57 -4.60
C TRP A 333 14.38 -19.32 -5.69
N ASN A 334 14.55 -20.33 -6.56
CA ASN A 334 15.62 -20.31 -7.53
C ASN A 334 15.06 -20.58 -8.92
N GLU A 335 15.77 -20.06 -9.93
CA GLU A 335 15.57 -20.51 -11.30
C GLU A 335 16.86 -21.09 -11.84
N GLY A 336 16.71 -22.18 -12.62
CA GLY A 336 17.81 -22.77 -13.37
C GLY A 336 17.50 -22.74 -14.85
N TRP A 337 18.55 -22.67 -15.68
CA TRP A 337 18.41 -22.45 -17.11
C TRP A 337 18.68 -23.74 -17.88
N PHE A 338 17.66 -24.26 -18.57
CA PHE A 338 17.85 -25.42 -19.44
C PHE A 338 16.61 -25.68 -20.33
N VAL A 339 16.84 -26.42 -21.41
CA VAL A 339 15.76 -26.89 -22.27
C VAL A 339 14.95 -27.90 -21.50
N ARG A 340 13.75 -28.19 -22.00
CA ARG A 340 12.87 -29.17 -21.41
C ARG A 340 12.44 -30.15 -22.48
N SER A 341 13.26 -31.17 -22.68
CA SER A 341 13.03 -32.14 -23.74
C SER A 341 11.78 -32.96 -23.42
N ASP A 342 11.35 -32.93 -22.15
CA ASP A 342 10.17 -33.66 -21.70
C ASP A 342 8.88 -32.92 -22.10
N LEU A 343 8.95 -31.59 -22.24
CA LEU A 343 7.77 -30.76 -22.42
C LEU A 343 7.63 -30.34 -23.89
N GLY A 344 8.75 -30.00 -24.51
CA GLY A 344 8.74 -29.50 -25.87
C GLY A 344 9.46 -28.15 -25.99
N PRO A 345 9.71 -27.69 -27.23
CA PRO A 345 10.60 -26.56 -27.49
C PRO A 345 10.21 -25.26 -26.81
N SER A 346 8.90 -25.06 -26.63
CA SER A 346 8.37 -23.77 -26.23
C SER A 346 8.52 -23.54 -24.72
N TYR A 347 8.97 -24.57 -23.96
CA TYR A 347 8.94 -24.52 -22.50
C TYR A 347 10.36 -24.49 -21.90
N GLY A 348 11.39 -24.24 -22.74
CA GLY A 348 12.76 -24.12 -22.26
C GLY A 348 12.98 -22.85 -21.43
N GLY A 349 14.24 -22.61 -21.06
CA GLY A 349 14.63 -21.37 -20.39
C GLY A 349 14.60 -21.54 -18.88
N TRP A 350 14.03 -20.55 -18.18
CA TRP A 350 14.09 -20.56 -16.73
C TRP A 350 13.11 -21.60 -16.19
N GLN A 351 13.59 -22.33 -15.18
CA GLN A 351 12.82 -23.36 -14.53
C GLN A 351 12.89 -23.14 -13.02
N VAL A 352 11.74 -23.16 -12.37
CA VAL A 352 11.69 -22.91 -10.95
C VAL A 352 12.19 -24.14 -10.24
N LEU A 353 13.08 -23.91 -9.25
CA LEU A 353 13.47 -24.94 -8.30
C LEU A 353 13.41 -24.31 -6.93
N ASP A 354 12.85 -25.06 -5.95
CA ASP A 354 12.66 -24.54 -4.60
C ASP A 354 13.03 -25.62 -3.57
N ALA A 355 14.04 -25.29 -2.73
CA ALA A 355 14.53 -26.24 -1.75
C ALA A 355 13.82 -26.04 -0.41
N THR A 356 13.08 -24.93 -0.26
CA THR A 356 12.40 -24.68 1.01
C THR A 356 11.29 -25.72 1.16
N PRO A 357 11.23 -26.45 2.28
CA PRO A 357 10.27 -27.53 2.41
C PRO A 357 8.85 -27.05 2.69
N GLN A 358 8.03 -26.91 1.64
CA GLN A 358 6.66 -26.39 1.77
C GLN A 358 5.66 -27.53 1.62
N GLU A 359 5.60 -28.10 0.42
CA GLU A 359 4.72 -29.21 0.16
C GLU A 359 5.53 -30.41 -0.30
N ARG A 360 5.10 -31.57 0.13
CA ARG A 360 5.54 -32.82 -0.45
C ARG A 360 5.12 -32.90 -1.92
N SER A 361 6.08 -33.35 -2.74
CA SER A 361 5.87 -33.69 -4.14
C SER A 361 6.33 -35.13 -4.36
N GLN A 362 5.38 -36.02 -4.70
CA GLN A 362 5.68 -37.44 -4.78
C GLN A 362 6.30 -37.92 -3.46
N GLY A 363 5.81 -37.39 -2.34
CA GLY A 363 6.17 -37.93 -1.02
C GLY A 363 7.40 -37.26 -0.42
N VAL A 364 8.08 -36.40 -1.20
CA VAL A 364 9.33 -35.78 -0.77
C VAL A 364 9.20 -34.26 -0.75
N PHE A 365 9.83 -33.61 0.23
CA PHE A 365 10.00 -32.16 0.17
C PHE A 365 10.98 -31.81 -0.93
N GLN A 366 10.42 -31.53 -2.12
CA GLN A 366 11.17 -31.12 -3.28
C GLN A 366 10.20 -30.40 -4.21
N CYS A 367 10.75 -29.65 -5.17
CA CYS A 367 9.97 -28.71 -5.94
C CYS A 367 10.69 -28.34 -7.22
N GLY A 368 10.05 -28.65 -8.34
CA GLY A 368 10.54 -28.21 -9.64
C GLY A 368 11.27 -29.35 -10.30
N PRO A 369 11.71 -29.22 -11.57
CA PRO A 369 11.66 -27.96 -12.28
C PRO A 369 10.28 -27.64 -12.87
N ALA A 370 9.87 -26.35 -12.74
CA ALA A 370 8.66 -25.84 -13.37
C ALA A 370 9.01 -24.79 -14.40
N SER A 371 8.51 -25.00 -15.65
CA SER A 371 8.76 -24.05 -16.74
C SER A 371 8.12 -22.68 -16.41
N VAL A 372 8.91 -21.60 -16.40
CA VAL A 372 8.36 -20.30 -16.03
C VAL A 372 7.43 -19.85 -17.15
N ILE A 373 7.77 -20.22 -18.38
CA ILE A 373 6.89 -19.98 -19.52
C ILE A 373 5.56 -20.72 -19.32
N GLY A 374 5.64 -22.00 -18.98
CA GLY A 374 4.44 -22.78 -18.72
C GLY A 374 3.53 -22.11 -17.68
N VAL A 375 4.13 -21.58 -16.59
CA VAL A 375 3.39 -21.00 -15.48
C VAL A 375 2.61 -19.78 -15.97
N ARG A 376 3.28 -18.94 -16.76
CA ARG A 376 2.67 -17.72 -17.26
C ARG A 376 1.47 -18.04 -18.16
N GLU A 377 1.58 -19.13 -18.97
CA GLU A 377 0.51 -19.56 -19.88
C GLU A 377 -0.46 -20.51 -19.17
N GLY A 378 -0.19 -20.82 -17.91
CA GLY A 378 -1.11 -21.58 -17.09
C GLY A 378 -1.27 -23.03 -17.56
N ASP A 379 -0.22 -23.58 -18.16
CA ASP A 379 -0.20 -25.00 -18.50
C ASP A 379 0.21 -25.83 -17.28
N VAL A 380 -0.65 -25.85 -16.25
CA VAL A 380 -0.28 -26.37 -14.94
C VAL A 380 -0.54 -27.87 -14.86
N GLN A 381 -0.81 -28.50 -16.00
CA GLN A 381 -0.84 -29.96 -16.03
C GLN A 381 0.57 -30.52 -16.24
N LEU A 382 1.55 -29.69 -16.65
CA LEU A 382 2.90 -30.19 -16.95
C LEU A 382 3.72 -30.35 -15.66
N ASN A 383 4.68 -31.27 -15.71
CA ASN A 383 5.67 -31.45 -14.65
C ASN A 383 6.60 -30.24 -14.59
N PHE A 384 7.04 -29.84 -13.35
CA PHE A 384 6.71 -30.45 -12.06
C PHE A 384 6.18 -29.37 -11.11
N ASP A 385 5.15 -29.71 -10.31
CA ASP A 385 4.71 -28.87 -9.20
C ASP A 385 4.13 -27.52 -9.68
N MET A 386 3.46 -27.52 -10.83
CA MET A 386 3.08 -26.25 -11.45
C MET A 386 1.90 -25.61 -10.72
N PRO A 387 0.87 -26.38 -10.35
CA PRO A 387 -0.20 -25.86 -9.52
C PRO A 387 0.28 -25.09 -8.29
N PHE A 388 1.26 -25.65 -7.58
CA PHE A 388 1.70 -25.05 -6.34
C PHE A 388 2.37 -23.72 -6.64
N ILE A 389 3.24 -23.72 -7.66
CA ILE A 389 4.03 -22.56 -8.02
C ILE A 389 3.13 -21.47 -8.65
N PHE A 390 2.15 -21.90 -9.48
CA PHE A 390 1.21 -20.95 -10.11
C PHE A 390 0.42 -20.22 -9.00
N ALA A 391 -0.05 -20.96 -8.00
CA ALA A 391 -0.70 -20.35 -6.86
C ALA A 391 0.23 -19.37 -6.13
N GLU A 392 1.53 -19.69 -6.04
CA GLU A 392 2.45 -18.85 -5.28
C GLU A 392 2.46 -17.44 -5.86
N VAL A 393 2.43 -17.35 -7.19
CA VAL A 393 2.62 -16.08 -7.85
C VAL A 393 1.28 -15.47 -8.29
N ASN A 394 0.20 -16.28 -8.38
CA ASN A 394 -0.99 -15.81 -9.11
C ASN A 394 -2.28 -16.38 -8.51
N ALA A 395 -2.24 -16.87 -7.28
CA ALA A 395 -3.47 -17.28 -6.64
C ALA A 395 -4.39 -16.09 -6.56
N ASP A 396 -5.69 -16.36 -6.73
CA ASP A 396 -6.71 -15.46 -6.26
C ASP A 396 -6.84 -15.60 -4.77
N ARG A 397 -7.19 -14.51 -4.13
CA ARG A 397 -7.54 -14.53 -2.74
C ARG A 397 -9.05 -14.44 -2.61
N ILE A 398 -9.64 -15.53 -2.13
CA ILE A 398 -11.07 -15.71 -2.08
C ILE A 398 -11.54 -15.71 -0.63
N THR A 399 -12.51 -14.84 -0.32
CA THR A 399 -13.22 -14.88 0.95
C THR A 399 -14.49 -15.72 0.76
N TRP A 400 -14.67 -16.68 1.66
CA TRP A 400 -15.79 -17.60 1.63
C TRP A 400 -16.71 -17.32 2.78
N LEU A 401 -18.02 -17.55 2.55
CA LEU A 401 -18.97 -17.68 3.62
C LEU A 401 -19.18 -19.15 3.91
N TYR A 402 -19.15 -19.50 5.19
CA TYR A 402 -19.32 -20.87 5.60
C TYR A 402 -20.35 -20.92 6.70
N ASP A 403 -21.41 -21.68 6.40
CA ASP A 403 -22.53 -21.90 7.30
C ASP A 403 -22.38 -23.29 7.88
N ASN A 404 -22.04 -23.29 9.16
CA ASN A 404 -21.52 -24.46 9.82
C ASN A 404 -22.66 -25.45 10.04
N THR A 405 -23.89 -24.92 10.04
CA THR A 405 -25.09 -25.72 10.25
C THR A 405 -25.31 -26.66 9.06
N THR A 406 -25.20 -26.14 7.83
CA THR A 406 -25.58 -26.88 6.63
C THR A 406 -24.34 -27.42 5.96
N GLY A 407 -23.18 -27.00 6.46
CA GLY A 407 -21.90 -27.37 5.88
C GLY A 407 -21.64 -26.70 4.53
N LYS A 408 -22.44 -25.70 4.19
CA LYS A 408 -22.35 -25.04 2.90
C LYS A 408 -21.39 -23.87 3.00
N GLN A 409 -20.51 -23.78 2.01
CA GLN A 409 -19.71 -22.63 1.81
C GLN A 409 -20.03 -22.07 0.42
N TRP A 410 -20.06 -20.75 0.35
CA TRP A 410 -20.19 -20.06 -0.90
C TRP A 410 -19.27 -18.84 -0.94
N LYS A 411 -18.98 -18.43 -2.16
CA LYS A 411 -17.94 -17.48 -2.39
C LYS A 411 -18.50 -16.09 -2.18
N ASN A 412 -17.78 -15.27 -1.40
CA ASN A 412 -18.22 -13.92 -1.09
C ASN A 412 -17.55 -12.89 -1.99
N SER A 413 -16.20 -12.93 -2.07
CA SER A 413 -15.45 -11.95 -2.86
C SER A 413 -14.14 -12.55 -3.38
N VAL A 414 -13.56 -11.89 -4.39
CA VAL A 414 -12.32 -12.32 -5.03
C VAL A 414 -11.38 -11.11 -5.13
N ASN A 415 -10.11 -11.31 -4.77
CA ASN A 415 -9.04 -10.35 -5.08
C ASN A 415 -7.97 -11.02 -5.95
N SER A 416 -7.93 -10.61 -7.21
CA SER A 416 -7.27 -11.38 -8.23
C SER A 416 -5.92 -10.77 -8.56
N HIS A 417 -5.43 -9.84 -7.75
CA HIS A 417 -4.26 -9.09 -8.13
C HIS A 417 -3.25 -8.95 -6.98
N THR A 418 -3.66 -9.30 -5.75
CA THR A 418 -2.87 -8.97 -4.54
C THR A 418 -1.69 -9.93 -4.36
N ILE A 419 -1.88 -11.18 -4.82
CA ILE A 419 -0.85 -12.21 -4.75
C ILE A 419 0.18 -11.98 -5.86
N GLY A 420 1.47 -12.06 -5.50
CA GLY A 420 2.53 -12.15 -6.52
C GLY A 420 2.92 -10.78 -7.04
N ARG A 421 3.78 -10.12 -6.25
CA ARG A 421 4.10 -8.72 -6.45
C ARG A 421 5.63 -8.57 -6.48
N TYR A 422 6.13 -7.71 -7.38
CA TYR A 422 7.51 -7.27 -7.37
C TYR A 422 8.45 -8.47 -7.38
N ILE A 423 8.17 -9.43 -8.25
CA ILE A 423 9.01 -10.60 -8.33
C ILE A 423 10.40 -10.17 -8.84
N SER A 424 11.45 -10.48 -8.06
CA SER A 424 12.71 -9.74 -8.08
C SER A 424 13.90 -10.68 -8.18
N THR A 425 14.86 -10.32 -9.03
CA THR A 425 16.15 -10.99 -9.11
C THR A 425 17.23 -9.91 -9.31
N LYS A 426 18.46 -10.18 -8.88
CA LYS A 426 19.57 -9.22 -9.04
C LYS A 426 19.84 -9.04 -10.53
N ALA A 427 20.18 -7.81 -10.89
CA ALA A 427 20.40 -7.43 -12.29
C ALA A 427 21.72 -8.00 -12.74
N VAL A 428 21.84 -8.23 -14.06
CA VAL A 428 23.10 -8.67 -14.63
C VAL A 428 24.15 -7.58 -14.40
N GLY A 429 25.17 -7.88 -13.60
CA GLY A 429 26.35 -7.05 -13.54
C GLY A 429 26.15 -5.79 -12.67
N SER A 430 25.11 -5.77 -11.84
CA SER A 430 24.94 -4.69 -10.88
C SER A 430 24.14 -5.19 -9.69
N ASN A 431 23.89 -4.30 -8.72
CA ASN A 431 23.06 -4.66 -7.56
C ASN A 431 21.64 -4.10 -7.69
N ALA A 432 21.26 -3.76 -8.94
CA ALA A 432 19.91 -3.28 -9.23
C ALA A 432 18.95 -4.43 -9.04
N ARG A 433 17.73 -4.09 -8.59
CA ARG A 433 16.61 -5.04 -8.59
C ARG A 433 15.99 -5.11 -9.99
N MET A 434 16.03 -6.29 -10.60
CA MET A 434 15.32 -6.53 -11.85
C MET A 434 14.00 -7.19 -11.54
N ASP A 435 12.93 -6.65 -12.11
CA ASP A 435 11.58 -7.15 -11.85
C ASP A 435 11.20 -8.13 -12.96
N VAL A 436 10.74 -9.32 -12.56
CA VAL A 436 10.45 -10.38 -13.54
C VAL A 436 9.00 -10.86 -13.37
N THR A 437 8.16 -10.06 -12.69
CA THR A 437 6.74 -10.35 -12.54
C THR A 437 6.09 -10.73 -13.88
N ASP A 438 6.45 -9.99 -14.93
CA ASP A 438 5.80 -10.11 -16.25
C ASP A 438 6.21 -11.42 -16.92
N LYS A 439 7.17 -12.13 -16.32
CA LYS A 439 7.65 -13.41 -16.86
C LYS A 439 6.80 -14.54 -16.31
N TYR A 440 6.22 -14.31 -15.12
CA TYR A 440 5.49 -15.34 -14.38
C TYR A 440 4.00 -15.31 -14.71
N LYS A 441 3.49 -14.15 -15.12
CA LYS A 441 2.05 -13.99 -15.35
C LYS A 441 1.83 -12.91 -16.40
N TYR A 442 0.68 -12.97 -17.07
CA TYR A 442 0.22 -11.82 -17.83
C TYR A 442 -0.17 -10.69 -16.89
N PRO A 443 -0.34 -9.46 -17.38
CA PRO A 443 -0.44 -8.30 -16.50
C PRO A 443 -1.74 -8.25 -15.70
N GLU A 444 -1.63 -7.97 -14.40
CA GLU A 444 -2.80 -7.98 -13.53
C GLU A 444 -3.84 -7.02 -14.13
N GLY A 445 -5.04 -7.54 -14.45
CA GLY A 445 -6.12 -6.70 -14.95
C GLY A 445 -6.27 -6.79 -16.48
N SER A 446 -5.37 -7.45 -17.17
CA SER A 446 -5.62 -7.83 -18.56
C SER A 446 -6.69 -8.91 -18.62
N ASP A 447 -7.24 -9.09 -19.85
CA ASP A 447 -8.15 -10.21 -20.16
C ASP A 447 -7.37 -11.52 -20.14
N GLN A 448 -6.16 -11.50 -20.72
CA GLN A 448 -5.33 -12.69 -20.80
C GLN A 448 -5.10 -13.29 -19.41
N GLU A 449 -4.82 -12.41 -18.43
CA GLU A 449 -4.50 -12.86 -17.09
C GLU A 449 -5.65 -13.69 -16.54
N ARG A 450 -6.88 -13.28 -16.84
CA ARG A 450 -8.06 -13.94 -16.31
C ARG A 450 -8.38 -15.20 -17.11
N GLN A 451 -8.16 -15.15 -18.44
CA GLN A 451 -8.28 -16.30 -19.33
C GLN A 451 -7.36 -17.42 -18.87
N VAL A 452 -6.09 -17.07 -18.60
CA VAL A 452 -5.14 -18.10 -18.19
C VAL A 452 -5.59 -18.65 -16.85
N PHE A 453 -6.06 -17.78 -15.94
CA PHE A 453 -6.42 -18.25 -14.62
C PHE A 453 -7.50 -19.33 -14.71
N GLN A 454 -8.50 -19.09 -15.60
CA GLN A 454 -9.57 -20.05 -15.85
C GLN A 454 -9.02 -21.31 -16.51
N LYS A 455 -8.21 -21.14 -17.55
CA LYS A 455 -7.61 -22.27 -18.23
C LYS A 455 -6.88 -23.17 -17.22
N ALA A 456 -6.01 -22.55 -16.40
CA ALA A 456 -5.20 -23.26 -15.41
C ALA A 456 -6.11 -24.05 -14.50
N LEU A 457 -7.09 -23.36 -13.95
CA LEU A 457 -8.06 -23.96 -13.07
C LEU A 457 -8.70 -25.18 -13.76
N GLY A 458 -8.95 -25.04 -15.07
CA GLY A 458 -9.50 -26.10 -15.92
C GLY A 458 -8.65 -27.36 -15.90
N LYS A 459 -7.33 -27.20 -15.83
CA LYS A 459 -6.42 -28.33 -15.96
C LYS A 459 -6.13 -29.01 -14.62
N LEU A 460 -6.56 -28.41 -13.49
CA LEU A 460 -6.47 -29.08 -12.20
C LEU A 460 -7.49 -30.21 -12.19
N LYS A 461 -8.54 -30.06 -12.99
CA LYS A 461 -9.68 -30.97 -13.00
C LYS A 461 -9.72 -31.71 -14.35
N PRO A 462 -8.71 -32.60 -14.63
CA PRO A 462 -8.54 -33.17 -15.97
C PRO A 462 -9.73 -33.99 -16.44
N GLN B 1 3.62 -4.51 -7.81
CA GLN B 1 2.74 -3.43 -8.26
C GLN B 1 2.26 -2.57 -7.06
N ILE B 2 1.90 -1.31 -7.34
CA ILE B 2 1.21 -0.47 -6.37
C ILE B 2 -0.31 -0.58 -6.59
N THR B 3 -1.08 -0.63 -5.49
CA THR B 3 -2.54 -0.53 -5.57
C THR B 3 -3.03 0.42 -4.48
N LEU B 4 -4.07 1.18 -4.81
CA LEU B 4 -4.73 2.04 -3.84
C LEU B 4 -6.23 1.74 -3.89
N LYS B 5 -6.89 1.93 -2.75
CA LYS B 5 -8.34 1.78 -2.72
C LYS B 5 -8.99 2.87 -1.86
N GLU B 6 -9.96 3.53 -2.49
CA GLU B 6 -10.74 4.56 -1.86
C GLU B 6 -11.97 3.91 -1.23
N SER B 7 -12.45 4.53 -0.15
CA SER B 7 -13.57 4.01 0.61
C SER B 7 -14.16 5.12 1.47
N GLY B 8 -15.44 4.96 1.82
CA GLY B 8 -16.20 5.96 2.55
C GLY B 8 -17.66 5.99 2.09
N PRO B 9 -18.51 6.86 2.68
CA PRO B 9 -19.92 6.93 2.32
C PRO B 9 -20.17 7.19 0.83
N THR B 10 -21.15 6.49 0.23
CA THR B 10 -21.53 6.76 -1.16
C THR B 10 -22.69 7.76 -1.21
N LEU B 11 -23.19 8.19 -0.03
CA LEU B 11 -24.31 9.12 0.03
C LEU B 11 -24.07 10.14 1.12
N VAL B 12 -24.09 11.42 0.74
CA VAL B 12 -23.97 12.52 1.68
C VAL B 12 -25.14 13.48 1.45
N LYS B 13 -25.75 13.94 2.53
CA LYS B 13 -26.86 14.89 2.43
C LYS B 13 -26.28 16.31 2.42
N PRO B 14 -26.89 17.24 1.66
CA PRO B 14 -26.31 18.58 1.49
C PRO B 14 -25.97 19.27 2.80
N THR B 15 -24.81 19.95 2.84
CA THR B 15 -24.38 20.69 4.04
C THR B 15 -23.44 19.84 4.88
N GLN B 16 -23.52 18.50 4.73
CA GLN B 16 -22.73 17.61 5.58
C GLN B 16 -21.30 17.51 5.04
N THR B 17 -20.45 16.79 5.79
CA THR B 17 -19.03 16.66 5.47
C THR B 17 -18.74 15.25 4.92
N LEU B 18 -18.21 15.19 3.67
CA LEU B 18 -17.68 13.94 3.12
C LEU B 18 -16.37 13.58 3.82
N THR B 19 -16.23 12.28 4.20
CA THR B 19 -14.93 11.79 4.62
C THR B 19 -14.60 10.51 3.85
N LEU B 20 -13.48 10.59 3.11
CA LEU B 20 -13.01 9.50 2.29
C LEU B 20 -11.69 9.01 2.85
N THR B 21 -11.46 7.68 2.75
CA THR B 21 -10.19 7.09 3.14
C THR B 21 -9.53 6.43 1.92
N CYS B 22 -8.20 6.59 1.84
CA CYS B 22 -7.39 5.92 0.84
C CYS B 22 -6.44 4.94 1.51
N THR B 23 -6.61 3.65 1.20
CA THR B 23 -5.77 2.60 1.74
C THR B 23 -4.93 2.03 0.62
N PHE B 24 -3.59 2.04 0.82
CA PHE B 24 -2.67 1.77 -0.27
C PHE B 24 -1.70 0.69 0.13
N SER B 25 -1.17 0.00 -0.90
CA SER B 25 -0.16 -1.03 -0.72
C SER B 25 0.79 -1.04 -1.92
N GLY B 26 2.03 -1.43 -1.68
CA GLY B 26 3.04 -1.41 -2.73
C GLY B 26 4.07 -0.30 -2.54
N PHE B 27 3.90 0.50 -1.45
CA PHE B 27 4.79 1.61 -1.17
C PHE B 27 4.49 2.19 0.20
N SER B 28 5.44 2.93 0.76
CA SER B 28 5.25 3.54 2.06
C SER B 28 5.28 5.05 1.93
N LEU B 29 4.36 5.70 2.64
CA LEU B 29 4.25 7.13 2.69
C LEU B 29 5.14 7.66 3.79
N ASP B 30 6.12 6.85 4.19
CA ASP B 30 7.17 7.27 5.09
C ASP B 30 8.48 7.45 4.33
N THR B 31 8.53 6.91 3.11
CA THR B 31 9.65 7.14 2.21
C THR B 31 9.73 8.63 1.86
N SER B 32 10.91 9.18 1.97
CA SER B 32 11.16 10.56 1.60
C SER B 32 10.86 10.74 0.11
N GLY B 33 10.14 11.83 -0.21
CA GLY B 33 9.93 12.26 -1.58
C GLY B 33 8.61 11.76 -2.12
N VAL B 34 7.85 11.03 -1.29
CA VAL B 34 6.66 10.37 -1.75
C VAL B 34 5.46 11.15 -1.25
N SER B 35 4.42 11.17 -2.09
CA SER B 35 3.22 11.95 -1.84
C SER B 35 2.01 11.17 -2.35
N VAL B 36 0.86 11.37 -1.66
CA VAL B 36 -0.40 10.78 -2.08
C VAL B 36 -1.39 11.90 -2.34
N GLY B 37 -2.10 11.82 -3.48
CA GLY B 37 -3.00 12.87 -3.88
C GLY B 37 -4.42 12.37 -4.06
N TRP B 38 -5.37 13.34 -4.16
CA TRP B 38 -6.76 13.06 -4.40
C TRP B 38 -7.27 13.85 -5.62
N ILE B 39 -8.15 13.23 -6.41
CA ILE B 39 -8.69 13.82 -7.64
C ILE B 39 -10.14 13.41 -7.75
N ARG B 40 -10.99 14.26 -8.34
CA ARG B 40 -12.38 13.89 -8.54
C ARG B 40 -12.80 14.16 -9.96
N GLN B 41 -13.86 13.48 -10.38
CA GLN B 41 -14.34 13.60 -11.75
C GLN B 41 -15.88 13.65 -11.78
N PRO B 42 -16.49 14.86 -11.84
CA PRO B 42 -17.92 15.00 -11.95
C PRO B 42 -18.45 14.40 -13.23
N PRO B 43 -19.64 13.79 -13.22
CA PRO B 43 -20.08 12.99 -14.35
C PRO B 43 -19.91 13.71 -15.68
N GLY B 44 -19.40 12.96 -16.70
CA GLY B 44 -18.96 13.50 -18.00
C GLY B 44 -18.33 14.90 -17.85
N LYS B 45 -17.24 15.00 -17.10
CA LYS B 45 -16.54 16.27 -16.97
C LYS B 45 -15.04 16.03 -16.76
N ALA B 46 -14.28 17.12 -16.73
CA ALA B 46 -12.84 17.02 -16.72
C ALA B 46 -12.41 16.67 -15.32
N LEU B 47 -11.28 16.00 -15.20
CA LEU B 47 -10.72 15.63 -13.91
C LEU B 47 -10.31 16.89 -13.14
N GLU B 48 -10.42 16.87 -11.80
CA GLU B 48 -10.08 18.04 -10.96
C GLU B 48 -9.25 17.60 -9.73
N TRP B 49 -7.99 18.02 -9.69
CA TRP B 49 -7.15 17.74 -8.53
C TRP B 49 -7.64 18.50 -7.25
N LEU B 50 -7.64 17.80 -6.10
CA LEU B 50 -8.20 18.33 -4.85
C LEU B 50 -7.08 18.64 -3.85
N ALA B 51 -6.26 17.64 -3.51
CA ALA B 51 -5.28 17.83 -2.43
C ALA B 51 -4.11 16.84 -2.59
N LEU B 52 -3.06 17.09 -1.80
CA LEU B 52 -1.85 16.28 -1.81
C LEU B 52 -1.21 16.31 -0.44
N ILE B 53 -0.74 15.14 0.03
CA ILE B 53 0.04 15.10 1.24
C ILE B 53 1.36 14.39 0.99
N PHE B 54 2.40 14.89 1.69
CA PHE B 54 3.79 14.45 1.56
C PHE B 54 4.14 13.55 2.74
N TRP B 55 5.24 12.79 2.59
CA TRP B 55 5.73 11.89 3.62
C TRP B 55 5.97 12.60 4.96
N ASP B 56 6.26 13.92 4.92
CA ASP B 56 6.62 14.66 6.15
C ASP B 56 5.45 15.52 6.66
N ASP B 57 4.24 15.28 6.12
CA ASP B 57 2.99 15.92 6.55
C ASP B 57 2.82 17.34 5.96
N ASP B 58 3.65 17.72 4.96
CA ASP B 58 3.36 18.88 4.10
C ASP B 58 2.15 18.55 3.25
N LYS B 59 1.22 19.48 3.14
CA LYS B 59 0.00 19.28 2.36
C LYS B 59 -0.03 20.34 1.25
N ARG B 60 -0.73 20.05 0.14
CA ARG B 60 -1.13 21.11 -0.80
C ARG B 60 -2.59 20.92 -1.13
N TYR B 61 -3.25 22.04 -1.48
CA TYR B 61 -4.67 22.01 -1.79
C TYR B 61 -4.93 22.84 -3.03
N SER B 62 -5.96 22.43 -3.80
CA SER B 62 -6.54 23.28 -4.83
C SER B 62 -6.87 24.62 -4.22
N PRO B 63 -6.35 25.74 -4.75
CA PRO B 63 -6.46 27.01 -4.06
C PRO B 63 -7.91 27.48 -3.96
N SER B 64 -8.76 27.03 -4.93
CA SER B 64 -10.17 27.43 -4.96
C SER B 64 -11.00 26.62 -3.94
N LEU B 65 -10.57 25.40 -3.58
CA LEU B 65 -11.35 24.56 -2.65
C LEU B 65 -10.65 24.46 -1.28
N LYS B 66 -9.59 25.23 -1.05
CA LYS B 66 -8.71 24.99 0.09
C LYS B 66 -9.52 25.08 1.39
N SER B 67 -10.36 26.11 1.50
CA SER B 67 -11.07 26.41 2.73
C SER B 67 -11.93 25.22 3.15
N ARG B 68 -12.29 24.34 2.17
CA ARG B 68 -13.20 23.21 2.40
C ARG B 68 -12.42 21.93 2.74
N LEU B 69 -11.14 21.85 2.32
CA LEU B 69 -10.42 20.58 2.28
C LEU B 69 -9.51 20.43 3.51
N THR B 70 -9.42 19.18 3.99
CA THR B 70 -8.41 18.78 4.96
C THR B 70 -7.90 17.38 4.60
N ILE B 71 -6.58 17.28 4.34
CA ILE B 71 -5.96 15.99 4.06
C ILE B 71 -5.04 15.63 5.21
N THR B 72 -4.96 14.32 5.49
CA THR B 72 -4.24 13.81 6.64
C THR B 72 -3.95 12.30 6.43
N LYS B 73 -2.94 11.79 7.16
CA LYS B 73 -2.38 10.48 6.89
C LYS B 73 -2.13 9.74 8.21
N ASP B 74 -2.35 8.40 8.19
CA ASP B 74 -1.86 7.49 9.22
C ASP B 74 -1.02 6.39 8.56
N THR B 75 0.32 6.56 8.65
CA THR B 75 1.25 5.66 7.99
C THR B 75 1.10 4.27 8.60
N SER B 76 0.82 4.24 9.92
CA SER B 76 0.69 2.98 10.65
C SER B 76 -0.33 2.05 9.97
N LYS B 77 -1.36 2.64 9.35
CA LYS B 77 -2.43 1.87 8.75
C LYS B 77 -2.35 1.94 7.22
N ASN B 78 -1.42 2.75 6.68
CA ASN B 78 -1.29 2.92 5.22
C ASN B 78 -2.55 3.56 4.67
N GLN B 79 -2.93 4.69 5.32
CA GLN B 79 -4.16 5.39 5.01
C GLN B 79 -3.92 6.89 4.90
N VAL B 80 -4.65 7.50 3.94
CA VAL B 80 -4.75 8.94 3.80
C VAL B 80 -6.24 9.31 3.79
N VAL B 81 -6.59 10.34 4.57
CA VAL B 81 -7.98 10.68 4.78
C VAL B 81 -8.24 12.08 4.23
N LEU B 82 -9.28 12.19 3.36
CA LEU B 82 -9.71 13.47 2.83
C LEU B 82 -11.04 13.87 3.44
N THR B 83 -11.14 15.17 3.86
CA THR B 83 -12.34 15.77 4.44
C THR B 83 -12.76 16.99 3.63
N MET B 84 -14.00 16.95 3.07
CA MET B 84 -14.56 18.05 2.26
C MET B 84 -15.90 18.50 2.86
N THR B 85 -15.95 19.76 3.31
CA THR B 85 -17.09 20.25 4.06
C THR B 85 -18.07 20.94 3.11
N ASN B 86 -19.34 20.98 3.52
CA ASN B 86 -20.36 21.74 2.82
C ASN B 86 -20.65 21.11 1.46
N MET B 87 -20.84 19.79 1.45
CA MET B 87 -21.14 19.07 0.23
C MET B 87 -22.47 19.54 -0.35
N GLU B 88 -22.54 19.52 -1.67
CA GLU B 88 -23.65 20.06 -2.41
C GLU B 88 -23.70 19.34 -3.74
N PRO B 89 -24.83 19.33 -4.44
CA PRO B 89 -24.99 18.46 -5.60
C PRO B 89 -23.93 18.63 -6.69
N VAL B 90 -23.23 19.77 -6.69
CA VAL B 90 -22.17 20.01 -7.68
C VAL B 90 -20.99 19.09 -7.38
N ASP B 91 -20.93 18.60 -6.14
CA ASP B 91 -19.80 17.86 -5.65
C ASP B 91 -20.04 16.36 -5.93
N THR B 92 -21.19 16.02 -6.56
CA THR B 92 -21.45 14.66 -7.00
C THR B 92 -20.43 14.29 -8.08
N ALA B 93 -19.64 13.21 -7.80
CA ALA B 93 -18.44 12.90 -8.57
C ALA B 93 -17.90 11.53 -8.19
N THR B 94 -17.07 10.95 -9.06
CA THR B 94 -16.14 9.90 -8.66
C THR B 94 -14.86 10.50 -8.08
N TYR B 95 -14.46 9.98 -6.92
CA TYR B 95 -13.30 10.47 -6.20
C TYR B 95 -12.20 9.41 -6.29
N TYR B 96 -10.99 9.83 -6.71
CA TYR B 96 -9.83 8.94 -6.81
C TYR B 96 -8.71 9.38 -5.85
N CYS B 97 -7.93 8.41 -5.40
CA CYS B 97 -6.63 8.74 -4.81
C CYS B 97 -5.57 8.17 -5.71
N ALA B 98 -4.35 8.72 -5.56
CA ALA B 98 -3.27 8.34 -6.41
C ALA B 98 -1.91 8.59 -5.76
N HIS B 99 -0.95 7.80 -6.26
CA HIS B 99 0.42 7.80 -5.83
C HIS B 99 1.18 8.86 -6.60
N ARG B 100 2.04 9.62 -5.91
CA ARG B 100 3.04 10.45 -6.60
C ARG B 100 4.40 10.16 -6.00
N PHE B 101 5.42 10.14 -6.87
CA PHE B 101 6.81 10.11 -6.44
C PHE B 101 7.55 11.33 -7.01
N VAL B 102 8.03 11.15 -8.23
CA VAL B 102 9.06 12.00 -8.76
C VAL B 102 8.56 12.64 -10.05
N GLY B 103 7.56 11.99 -10.67
CA GLY B 103 6.82 12.57 -11.77
C GLY B 103 5.47 13.11 -11.30
N THR B 104 4.44 12.67 -11.99
CA THR B 104 3.09 13.16 -11.75
C THR B 104 2.34 12.15 -10.83
N LEU B 105 1.00 12.25 -10.83
CA LEU B 105 0.13 11.22 -10.24
C LEU B 105 0.02 10.05 -11.21
N ASP B 106 0.61 8.89 -10.82
CA ASP B 106 1.11 7.90 -11.78
C ASP B 106 0.33 6.59 -11.63
N VAL B 107 -0.03 6.22 -10.38
CA VAL B 107 -0.93 5.09 -10.15
C VAL B 107 -2.16 5.55 -9.34
N TRP B 108 -3.35 5.28 -9.94
CA TRP B 108 -4.64 5.73 -9.44
C TRP B 108 -5.41 4.54 -8.89
N GLY B 109 -6.18 4.77 -7.80
CA GLY B 109 -7.21 3.81 -7.32
C GLY B 109 -8.42 3.72 -8.27
N GLN B 110 -9.39 2.81 -7.96
CA GLN B 110 -10.40 2.45 -8.97
C GLN B 110 -11.53 3.46 -8.87
N GLY B 111 -11.48 4.26 -7.77
CA GLY B 111 -12.39 5.37 -7.57
C GLY B 111 -13.68 4.93 -6.84
N THR B 112 -14.20 5.82 -5.97
CA THR B 112 -15.47 5.61 -5.27
C THR B 112 -16.46 6.68 -5.74
N THR B 113 -17.71 6.26 -6.02
CA THR B 113 -18.79 7.20 -6.34
C THR B 113 -19.36 7.82 -5.07
N VAL B 114 -19.48 9.16 -5.07
CA VAL B 114 -20.07 9.92 -3.96
C VAL B 114 -21.24 10.73 -4.51
N THR B 115 -22.47 10.35 -4.11
CA THR B 115 -23.69 11.07 -4.51
C THR B 115 -24.13 12.01 -3.37
N VAL B 116 -24.41 13.29 -3.70
CA VAL B 116 -24.85 14.27 -2.70
C VAL B 116 -26.34 14.53 -2.93
N SER B 117 -27.17 14.16 -1.93
CA SER B 117 -28.63 14.14 -2.10
C SER B 117 -29.29 13.92 -0.73
N SER B 118 -30.50 14.50 -0.55
CA SER B 118 -31.24 14.33 0.69
C SER B 118 -32.16 13.10 0.61
N ALA B 119 -32.18 12.43 -0.56
CA ALA B 119 -32.77 11.08 -0.72
C ALA B 119 -32.13 10.08 0.24
N SER B 120 -32.78 8.88 0.34
CA SER B 120 -32.27 7.77 1.12
C SER B 120 -32.00 6.60 0.20
N THR B 121 -31.21 5.63 0.70
CA THR B 121 -30.80 4.48 -0.09
C THR B 121 -32.03 3.61 -0.37
N LYS B 122 -32.06 2.98 -1.53
CA LYS B 122 -33.01 1.91 -1.79
C LYS B 122 -32.36 0.83 -2.67
N GLY B 123 -32.56 -0.42 -2.25
CA GLY B 123 -32.06 -1.58 -2.97
C GLY B 123 -32.87 -1.86 -4.23
N PRO B 124 -32.28 -2.57 -5.21
CA PRO B 124 -32.94 -2.85 -6.46
C PRO B 124 -33.89 -4.03 -6.38
N SER B 125 -34.82 -4.11 -7.32
CA SER B 125 -35.49 -5.34 -7.67
C SER B 125 -34.80 -5.94 -8.89
N VAL B 126 -34.84 -7.27 -9.00
CA VAL B 126 -34.13 -7.93 -10.09
C VAL B 126 -35.09 -8.89 -10.80
N PHE B 127 -35.38 -8.60 -12.06
CA PHE B 127 -36.36 -9.35 -12.85
C PHE B 127 -35.64 -10.00 -14.04
N PRO B 128 -36.08 -11.19 -14.49
CA PRO B 128 -35.45 -11.85 -15.63
C PRO B 128 -35.89 -11.27 -16.98
N LEU B 129 -34.94 -11.16 -17.91
CA LEU B 129 -35.25 -10.96 -19.32
C LEU B 129 -35.05 -12.28 -20.05
N ALA B 130 -36.13 -13.07 -20.14
CA ALA B 130 -36.01 -14.49 -20.48
C ALA B 130 -35.82 -14.66 -21.98
N PRO B 131 -35.00 -15.65 -22.42
CA PRO B 131 -34.87 -15.99 -23.83
C PRO B 131 -36.14 -16.65 -24.41
N SER B 132 -36.43 -16.33 -25.67
CA SER B 132 -37.55 -16.92 -26.38
C SER B 132 -37.12 -17.13 -27.83
N SER B 133 -38.07 -17.36 -28.72
CA SER B 133 -37.82 -17.09 -30.14
C SER B 133 -38.37 -15.71 -30.50
N LYS B 134 -38.31 -14.77 -29.53
CA LYS B 134 -38.27 -13.35 -29.81
C LYS B 134 -36.86 -12.81 -29.54
N SER B 135 -35.97 -13.72 -29.07
CA SER B 135 -34.61 -13.37 -28.68
C SER B 135 -33.59 -14.28 -29.41
N THR B 136 -34.09 -15.10 -30.36
CA THR B 136 -33.27 -16.07 -31.07
C THR B 136 -32.96 -15.56 -32.47
N SER B 137 -31.67 -15.32 -32.74
CA SER B 137 -31.22 -14.99 -34.09
C SER B 137 -30.36 -16.13 -34.65
N GLY B 138 -30.96 -16.97 -35.50
CA GLY B 138 -30.33 -18.21 -35.95
C GLY B 138 -30.01 -19.12 -34.76
N GLY B 139 -28.71 -19.27 -34.48
CA GLY B 139 -28.24 -20.13 -33.39
C GLY B 139 -27.85 -19.32 -32.15
N THR B 140 -27.99 -17.99 -32.23
CA THR B 140 -27.59 -17.12 -31.14
C THR B 140 -28.85 -16.61 -30.43
N ALA B 141 -28.82 -16.61 -29.08
CA ALA B 141 -29.98 -16.26 -28.29
C ALA B 141 -29.60 -15.18 -27.28
N ALA B 142 -30.59 -14.38 -26.89
CA ALA B 142 -30.36 -13.21 -26.07
C ALA B 142 -31.16 -13.30 -24.79
N LEU B 143 -30.46 -13.17 -23.66
CA LEU B 143 -31.11 -13.15 -22.35
C LEU B 143 -30.38 -12.14 -21.46
N GLY B 144 -30.94 -11.90 -20.27
CA GLY B 144 -30.41 -10.89 -19.38
C GLY B 144 -31.27 -10.73 -18.15
N CYS B 145 -31.09 -9.64 -17.41
CA CYS B 145 -31.89 -9.36 -16.24
C CYS B 145 -31.94 -7.84 -15.99
N LEU B 146 -33.08 -7.38 -15.49
CA LEU B 146 -33.35 -5.96 -15.30
C LEU B 146 -33.17 -5.60 -13.83
N VAL B 147 -32.35 -4.59 -13.56
CA VAL B 147 -32.08 -4.17 -12.20
C VAL B 147 -32.75 -2.81 -11.97
N LYS B 148 -33.91 -2.84 -11.30
CA LYS B 148 -34.81 -1.71 -11.34
C LYS B 148 -34.95 -1.05 -9.95
N ASP B 149 -34.98 0.30 -9.95
CA ASP B 149 -35.44 1.12 -8.82
C ASP B 149 -34.48 0.97 -7.63
N TYR B 150 -33.30 1.59 -7.76
CA TYR B 150 -32.30 1.61 -6.67
C TYR B 150 -31.74 3.01 -6.57
N PHE B 151 -31.11 3.28 -5.44
CA PHE B 151 -30.43 4.55 -5.24
C PHE B 151 -29.54 4.41 -4.02
N PRO B 152 -28.31 5.04 -3.97
CA PRO B 152 -27.70 5.70 -5.12
C PRO B 152 -26.96 4.76 -6.06
N GLU B 153 -26.15 5.31 -6.95
CA GLU B 153 -25.20 4.51 -7.69
C GLU B 153 -23.99 4.22 -6.79
N PRO B 154 -23.32 3.06 -6.99
CA PRO B 154 -23.51 2.22 -8.18
C PRO B 154 -24.05 0.79 -7.94
N VAL B 155 -24.02 -0.02 -9.00
CA VAL B 155 -24.48 -1.40 -8.97
C VAL B 155 -23.59 -2.23 -9.89
N THR B 156 -23.17 -3.38 -9.41
CA THR B 156 -22.34 -4.26 -10.21
C THR B 156 -23.17 -5.47 -10.62
N VAL B 157 -22.96 -5.93 -11.84
CA VAL B 157 -23.54 -7.18 -12.29
C VAL B 157 -22.42 -8.09 -12.78
N SER B 158 -22.62 -9.40 -12.60
CA SER B 158 -21.82 -10.40 -13.28
C SER B 158 -22.70 -11.56 -13.73
N TRP B 159 -22.13 -12.48 -14.49
CA TRP B 159 -22.87 -13.64 -14.93
C TRP B 159 -22.13 -14.91 -14.52
N ASN B 160 -22.92 -15.88 -13.99
CA ASN B 160 -22.41 -17.19 -13.64
C ASN B 160 -21.20 -17.01 -12.73
N SER B 161 -21.27 -16.01 -11.85
CA SER B 161 -20.25 -15.74 -10.84
C SER B 161 -18.88 -15.54 -11.47
N GLY B 162 -18.83 -15.04 -12.71
CA GLY B 162 -17.59 -14.54 -13.29
C GLY B 162 -17.13 -15.38 -14.48
N ALA B 163 -17.72 -16.58 -14.62
CA ALA B 163 -17.29 -17.53 -15.63
C ALA B 163 -17.85 -17.15 -17.00
N LEU B 164 -18.91 -16.33 -17.01
CA LEU B 164 -19.44 -15.80 -18.26
C LEU B 164 -19.10 -14.33 -18.36
N THR B 165 -18.33 -13.97 -19.41
CA THR B 165 -18.00 -12.57 -19.72
C THR B 165 -18.26 -12.29 -21.20
N SER B 166 -18.01 -13.27 -22.08
CA SER B 166 -18.04 -13.07 -23.52
C SER B 166 -19.49 -12.92 -24.02
N GLY B 167 -19.80 -11.76 -24.61
CA GLY B 167 -21.12 -11.50 -25.18
C GLY B 167 -21.99 -10.66 -24.25
N VAL B 168 -21.41 -10.23 -23.12
CA VAL B 168 -22.16 -9.56 -22.06
C VAL B 168 -22.11 -8.06 -22.28
N HIS B 169 -23.28 -7.43 -22.19
CA HIS B 169 -23.37 -5.99 -22.16
C HIS B 169 -24.14 -5.57 -20.93
N THR B 170 -23.45 -4.85 -20.05
CA THR B 170 -24.12 -4.20 -18.95
C THR B 170 -24.25 -2.71 -19.28
N PHE B 171 -25.48 -2.27 -19.50
CA PHE B 171 -25.75 -0.91 -19.90
C PHE B 171 -25.54 0.05 -18.72
N PRO B 172 -25.21 1.31 -19.00
CA PRO B 172 -25.10 2.29 -17.96
C PRO B 172 -26.45 2.66 -17.42
N ALA B 173 -26.48 3.21 -16.20
CA ALA B 173 -27.72 3.44 -15.47
C ALA B 173 -28.47 4.65 -16.04
N VAL B 174 -29.81 4.58 -16.04
CA VAL B 174 -30.67 5.72 -16.34
C VAL B 174 -31.44 6.10 -15.07
N LEU B 175 -31.45 7.39 -14.78
CA LEU B 175 -32.28 7.95 -13.75
C LEU B 175 -33.71 8.12 -14.28
N GLN B 176 -34.66 7.40 -13.69
CA GLN B 176 -36.04 7.43 -14.15
C GLN B 176 -36.73 8.66 -13.60
N SER B 177 -37.96 8.88 -14.04
CA SER B 177 -38.78 9.98 -13.56
C SER B 177 -38.89 9.94 -12.03
N SER B 178 -38.87 8.72 -11.47
CA SER B 178 -39.16 8.49 -10.06
C SER B 178 -38.02 8.99 -9.14
N GLY B 179 -36.84 9.26 -9.72
CA GLY B 179 -35.67 9.67 -8.92
C GLY B 179 -34.82 8.46 -8.50
N LEU B 180 -35.15 7.30 -9.12
CA LEU B 180 -34.47 6.04 -8.90
C LEU B 180 -33.85 5.59 -10.21
N TYR B 181 -32.82 4.75 -10.11
CA TYR B 181 -32.05 4.32 -11.26
C TYR B 181 -32.57 2.98 -11.72
N SER B 182 -32.10 2.59 -12.91
CA SER B 182 -32.50 1.34 -13.53
C SER B 182 -31.51 1.00 -14.63
N LEU B 183 -31.15 -0.28 -14.73
CA LEU B 183 -30.26 -0.72 -15.80
C LEU B 183 -30.49 -2.20 -16.11
N SER B 184 -30.04 -2.60 -17.29
CA SER B 184 -30.19 -3.97 -17.76
C SER B 184 -28.82 -4.53 -18.01
N SER B 185 -28.71 -5.83 -17.92
CA SER B 185 -27.53 -6.53 -18.37
C SER B 185 -27.97 -7.63 -19.34
N VAL B 186 -27.27 -7.79 -20.42
CA VAL B 186 -27.70 -8.77 -21.40
C VAL B 186 -26.49 -9.56 -21.87
N VAL B 187 -26.79 -10.70 -22.47
CA VAL B 187 -25.74 -11.58 -22.95
C VAL B 187 -26.30 -12.42 -24.08
N THR B 188 -25.48 -12.61 -25.11
CA THR B 188 -25.82 -13.51 -26.20
C THR B 188 -25.16 -14.85 -25.95
N VAL B 189 -25.94 -15.91 -26.15
CA VAL B 189 -25.50 -17.28 -25.96
C VAL B 189 -25.96 -18.10 -27.16
N PRO B 190 -25.33 -19.25 -27.42
CA PRO B 190 -25.87 -20.18 -28.41
C PRO B 190 -27.23 -20.77 -28.01
N SER B 191 -28.19 -20.77 -28.97
CA SER B 191 -29.52 -21.33 -28.75
C SER B 191 -29.43 -22.75 -28.18
N SER B 192 -28.46 -23.51 -28.68
CA SER B 192 -28.23 -24.87 -28.25
C SER B 192 -28.12 -24.94 -26.71
N SER B 193 -27.32 -24.05 -26.13
CA SER B 193 -26.94 -24.14 -24.71
C SER B 193 -28.18 -24.14 -23.81
N LEU B 194 -29.20 -23.34 -24.17
CA LEU B 194 -30.43 -23.24 -23.38
C LEU B 194 -30.89 -24.64 -23.00
N GLY B 195 -30.95 -24.93 -21.70
CA GLY B 195 -31.29 -26.26 -21.23
C GLY B 195 -30.09 -26.94 -20.56
N THR B 196 -28.99 -27.06 -21.32
CA THR B 196 -27.77 -27.71 -20.86
C THR B 196 -27.00 -26.77 -19.92
N GLN B 197 -27.14 -25.46 -20.14
CA GLN B 197 -26.34 -24.48 -19.43
C GLN B 197 -27.25 -23.54 -18.64
N THR B 198 -26.84 -23.29 -17.38
CA THR B 198 -27.52 -22.38 -16.48
C THR B 198 -26.97 -20.97 -16.63
N TYR B 199 -27.84 -19.97 -16.54
CA TYR B 199 -27.41 -18.59 -16.57
C TYR B 199 -27.95 -17.84 -15.34
N ILE B 200 -27.04 -17.35 -14.52
CA ILE B 200 -27.38 -16.57 -13.33
C ILE B 200 -26.74 -15.19 -13.43
N CYS B 201 -27.52 -14.13 -13.15
CA CYS B 201 -26.95 -12.78 -13.05
C CYS B 201 -26.77 -12.39 -11.60
N ASN B 202 -25.57 -11.88 -11.28
CA ASN B 202 -25.15 -11.68 -9.91
C ASN B 202 -25.06 -10.18 -9.62
N VAL B 203 -26.03 -9.70 -8.85
CA VAL B 203 -26.24 -8.28 -8.66
C VAL B 203 -25.81 -7.88 -7.27
N ASN B 204 -25.08 -6.79 -7.19
CA ASN B 204 -24.79 -6.20 -5.92
C ASN B 204 -25.04 -4.68 -5.95
N HIS B 205 -25.72 -4.20 -4.89
CA HIS B 205 -25.83 -2.79 -4.59
C HIS B 205 -25.33 -2.50 -3.16
N LYS B 206 -24.07 -2.09 -3.03
CA LYS B 206 -23.43 -2.03 -1.73
C LYS B 206 -24.06 -0.94 -0.83
N PRO B 207 -24.65 0.16 -1.36
CA PRO B 207 -25.19 1.20 -0.48
C PRO B 207 -26.38 0.73 0.36
N SER B 208 -27.02 -0.36 -0.10
CA SER B 208 -28.19 -0.91 0.57
C SER B 208 -27.96 -2.35 1.01
N ASN B 209 -26.77 -2.87 0.77
CA ASN B 209 -26.41 -4.22 1.24
C ASN B 209 -27.27 -5.29 0.55
N THR B 210 -27.46 -5.12 -0.74
CA THR B 210 -28.26 -6.05 -1.51
C THR B 210 -27.36 -6.90 -2.38
N LYS B 211 -27.27 -8.19 -2.07
CA LYS B 211 -26.81 -9.15 -3.06
C LYS B 211 -28.01 -9.93 -3.58
N VAL B 212 -28.02 -10.22 -4.86
CA VAL B 212 -29.06 -11.04 -5.44
C VAL B 212 -28.45 -11.89 -6.53
N ASP B 213 -28.78 -13.18 -6.52
CA ASP B 213 -28.44 -14.05 -7.62
C ASP B 213 -29.74 -14.47 -8.29
N LYS B 214 -29.89 -14.17 -9.58
CA LYS B 214 -31.15 -14.42 -10.28
C LYS B 214 -30.94 -15.38 -11.46
N ARG B 215 -31.64 -16.51 -11.41
CA ARG B 215 -31.60 -17.48 -12.48
C ARG B 215 -32.54 -17.04 -13.56
N VAL B 216 -32.10 -17.16 -14.80
CA VAL B 216 -32.87 -16.71 -15.94
C VAL B 216 -33.25 -17.92 -16.79
N GLU B 217 -34.55 -18.23 -16.84
CA GLU B 217 -35.00 -19.50 -17.38
C GLU B 217 -35.65 -19.24 -18.74
N PRO B 218 -35.37 -20.11 -19.76
CA PRO B 218 -36.07 -20.04 -21.05
C PRO B 218 -37.59 -20.11 -20.91
N LYS B 219 -38.29 -19.54 -21.90
CA LYS B 219 -39.75 -19.55 -21.91
C LYS B 219 -40.21 -20.49 -23.00
N SER B 220 -39.25 -21.22 -23.59
CA SER B 220 -39.54 -22.19 -24.63
C SER B 220 -39.84 -21.45 -25.95
N ASP C 1 -4.06 29.45 -12.75
CA ASP C 1 -3.97 28.08 -13.32
C ASP C 1 -3.31 28.17 -14.67
N ILE C 2 -2.54 27.16 -15.02
CA ILE C 2 -2.33 26.89 -16.41
C ILE C 2 -3.57 26.17 -16.96
N VAL C 3 -3.97 26.55 -18.15
CA VAL C 3 -5.16 25.94 -18.69
C VAL C 3 -4.84 25.07 -19.90
N MET C 4 -5.35 23.85 -19.84
CA MET C 4 -5.03 22.85 -20.84
C MET C 4 -6.21 22.69 -21.81
N THR C 5 -5.93 22.87 -23.09
CA THR C 5 -6.95 22.76 -24.11
C THR C 5 -6.57 21.71 -25.17
N GLN C 6 -7.45 20.76 -25.40
CA GLN C 6 -7.13 19.67 -26.34
C GLN C 6 -7.82 19.88 -27.67
N SER C 7 -7.41 19.11 -28.65
CA SER C 7 -7.98 19.18 -29.98
C SER C 7 -7.57 17.96 -30.78
N PRO C 8 -8.45 17.30 -31.54
CA PRO C 8 -9.87 17.62 -31.58
C PRO C 8 -10.62 17.17 -30.35
N ASP C 9 -11.97 17.18 -30.44
CA ASP C 9 -12.82 16.72 -29.34
C ASP C 9 -13.14 15.25 -29.56
N SER C 10 -13.25 14.84 -30.81
CA SER C 10 -13.47 13.44 -31.12
C SER C 10 -12.81 13.12 -32.44
N LEU C 11 -12.74 11.83 -32.75
CA LEU C 11 -11.76 11.34 -33.69
C LEU C 11 -12.00 9.87 -33.95
N ALA C 12 -12.21 9.55 -35.22
CA ALA C 12 -12.50 8.19 -35.60
C ALA C 12 -11.61 7.79 -36.76
N VAL C 13 -10.82 6.74 -36.54
CA VAL C 13 -9.79 6.29 -37.47
C VAL C 13 -10.06 4.85 -37.81
N SER C 14 -9.67 4.43 -39.02
CA SER C 14 -9.77 3.01 -39.39
C SER C 14 -8.71 2.22 -38.65
N LEU C 15 -8.93 0.91 -38.55
CA LEU C 15 -8.10 0.04 -37.70
C LEU C 15 -6.70 0.01 -38.28
N GLY C 16 -5.71 0.28 -37.42
CA GLY C 16 -4.31 0.17 -37.78
C GLY C 16 -3.75 1.48 -38.32
N GLU C 17 -4.60 2.51 -38.42
CA GLU C 17 -4.18 3.80 -38.98
C GLU C 17 -3.75 4.72 -37.84
N ARG C 18 -3.29 5.91 -38.18
CA ARG C 18 -2.58 6.73 -37.21
C ARG C 18 -3.54 7.77 -36.71
N ALA C 19 -3.43 8.04 -35.41
CA ALA C 19 -4.32 8.96 -34.73
C ALA C 19 -3.49 10.02 -33.98
N THR C 20 -3.91 11.28 -34.11
CA THR C 20 -3.18 12.38 -33.51
C THR C 20 -4.07 13.16 -32.56
N ILE C 21 -3.49 13.64 -31.47
CA ILE C 21 -4.22 14.43 -30.49
C ILE C 21 -3.33 15.57 -30.03
N ASN C 22 -3.79 16.79 -30.23
CA ASN C 22 -3.01 17.93 -29.84
C ASN C 22 -3.41 18.39 -28.41
N CYS C 23 -2.46 18.95 -27.69
CA CYS C 23 -2.67 19.62 -26.40
C CYS C 23 -2.05 21.01 -26.45
N LYS C 24 -2.68 21.99 -25.81
CA LYS C 24 -2.10 23.32 -25.71
C LYS C 24 -2.18 23.80 -24.29
N SER C 25 -1.18 24.53 -23.87
CA SER C 25 -1.17 25.10 -22.53
C SER C 25 -1.25 26.62 -22.57
N SER C 26 -1.92 27.22 -21.59
CA SER C 26 -1.99 28.68 -21.49
C SER C 26 -0.60 29.34 -21.34
N GLN C 27 0.26 28.79 -20.48
CA GLN C 27 1.63 29.23 -20.39
C GLN C 27 2.57 28.10 -20.76
N SER C 28 3.86 28.39 -20.73
CA SER C 28 4.85 27.38 -20.99
C SER C 28 5.01 26.51 -19.75
N VAL C 29 5.03 25.19 -19.99
CA VAL C 29 5.25 24.20 -18.95
C VAL C 29 6.67 23.63 -19.06
N LEU C 30 7.51 24.31 -19.85
CA LEU C 30 8.93 23.99 -19.93
C LEU C 30 9.69 24.72 -18.82
N TYR C 31 10.09 23.96 -17.81
CA TYR C 31 11.00 24.43 -16.81
C TYR C 31 12.36 24.61 -17.45
N SER C 32 12.87 25.84 -17.39
CA SER C 32 14.17 26.17 -17.94
C SER C 32 15.27 25.39 -17.23
N SER C 33 15.24 25.46 -15.88
CA SER C 33 16.31 25.03 -14.97
C SER C 33 16.75 23.59 -15.21
N ASN C 34 15.87 22.77 -15.74
CA ASN C 34 16.21 21.39 -16.03
C ASN C 34 15.88 21.10 -17.50
N ASN C 35 15.33 22.08 -18.19
CA ASN C 35 14.88 21.92 -19.55
C ASN C 35 14.01 20.66 -19.72
N LYS C 36 13.02 20.50 -18.83
CA LYS C 36 12.05 19.42 -18.96
C LYS C 36 10.63 20.00 -19.05
N ASN C 37 9.80 19.40 -19.93
CA ASN C 37 8.38 19.71 -20.01
C ASN C 37 7.59 18.90 -18.99
N TYR C 38 6.88 19.61 -18.09
CA TYR C 38 6.05 19.00 -17.06
C TYR C 38 4.64 18.77 -17.59
N LEU C 39 4.52 17.79 -18.51
CA LEU C 39 3.32 17.54 -19.26
C LEU C 39 3.16 16.03 -19.36
N ALA C 40 1.94 15.51 -19.09
CA ALA C 40 1.65 14.06 -19.12
C ALA C 40 0.50 13.76 -20.09
N TRP C 41 0.36 12.47 -20.47
CA TRP C 41 -0.86 12.00 -21.16
C TRP C 41 -1.48 10.84 -20.39
N TYR C 42 -2.84 10.79 -20.36
CA TYR C 42 -3.56 9.71 -19.68
C TYR C 42 -4.58 9.07 -20.63
N GLN C 43 -4.96 7.85 -20.28
CA GLN C 43 -5.88 7.03 -21.06
C GLN C 43 -6.93 6.49 -20.11
N GLN C 44 -8.21 6.74 -20.45
CA GLN C 44 -9.31 6.36 -19.59
C GLN C 44 -10.33 5.58 -20.40
N LYS C 45 -10.38 4.27 -20.17
CA LYS C 45 -11.31 3.42 -20.88
C LYS C 45 -12.56 3.34 -20.06
N PRO C 46 -13.70 2.95 -20.68
CA PRO C 46 -14.98 2.93 -19.95
C PRO C 46 -14.88 2.14 -18.64
N GLY C 47 -15.29 2.77 -17.53
CA GLY C 47 -15.44 2.07 -16.26
C GLY C 47 -14.18 2.15 -15.38
N GLN C 48 -13.03 2.50 -15.97
CA GLN C 48 -11.77 2.50 -15.23
C GLN C 48 -11.33 3.92 -14.92
N PRO C 49 -10.39 4.08 -13.97
CA PRO C 49 -9.66 5.33 -13.81
C PRO C 49 -8.77 5.67 -15.00
N PRO C 50 -8.27 6.93 -15.04
CA PRO C 50 -7.19 7.27 -15.93
C PRO C 50 -5.92 6.50 -15.66
N LYS C 51 -5.31 6.02 -16.73
CA LYS C 51 -4.03 5.34 -16.66
C LYS C 51 -2.96 6.20 -17.37
N LEU C 52 -1.79 6.38 -16.74
CA LEU C 52 -0.73 7.21 -17.29
C LEU C 52 -0.04 6.50 -18.46
N LEU C 53 0.14 7.22 -19.58
CA LEU C 53 0.82 6.68 -20.75
C LEU C 53 2.23 7.26 -20.84
N ILE C 54 2.37 8.58 -20.56
CA ILE C 54 3.56 9.33 -20.93
C ILE C 54 3.81 10.45 -19.91
N SER C 55 5.07 10.60 -19.45
CA SER C 55 5.50 11.75 -18.63
C SER C 55 6.49 12.61 -19.41
N TRP C 56 6.80 13.78 -18.86
CA TRP C 56 7.79 14.67 -19.44
C TRP C 56 7.59 14.83 -20.95
N ALA C 57 6.35 14.69 -21.36
CA ALA C 57 5.91 15.09 -22.67
C ALA C 57 6.21 13.99 -23.70
N SER C 58 7.22 13.16 -23.44
CA SER C 58 7.68 12.21 -24.46
C SER C 58 8.17 10.86 -23.89
N THR C 59 8.56 10.82 -22.58
CA THR C 59 8.91 9.57 -21.87
C THR C 59 7.68 8.66 -21.72
N ARG C 60 7.76 7.43 -22.24
CA ARG C 60 6.71 6.43 -21.99
C ARG C 60 6.82 5.84 -20.59
N GLU C 61 5.71 5.41 -20.02
CA GLU C 61 5.74 4.64 -18.79
C GLU C 61 6.01 3.20 -19.14
N SER C 62 6.35 2.41 -18.11
CA SER C 62 6.52 0.96 -18.25
C SER C 62 5.24 0.33 -18.80
N GLY C 63 5.42 -0.50 -19.81
CA GLY C 63 4.36 -1.38 -20.26
C GLY C 63 3.50 -0.73 -21.33
N VAL C 64 3.75 0.54 -21.60
CA VAL C 64 3.01 1.21 -22.64
C VAL C 64 3.56 0.75 -23.99
N PRO C 65 2.76 0.13 -24.89
CA PRO C 65 3.20 -0.13 -26.26
C PRO C 65 3.89 1.05 -26.90
N ASP C 66 4.72 0.78 -27.91
CA ASP C 66 5.47 1.83 -28.59
C ASP C 66 4.58 2.53 -29.59
N ARG C 67 3.41 1.92 -29.84
CA ARG C 67 2.33 2.55 -30.57
C ARG C 67 2.07 4.00 -30.06
N PHE C 68 2.13 4.19 -28.74
CA PHE C 68 1.98 5.51 -28.13
C PHE C 68 3.33 6.24 -28.11
N SER C 69 3.33 7.50 -28.54
CA SER C 69 4.51 8.35 -28.46
C SER C 69 4.09 9.81 -28.29
N GLY C 70 4.85 10.54 -27.45
CA GLY C 70 4.58 11.95 -27.17
C GLY C 70 5.65 12.87 -27.77
N SER C 71 5.21 14.03 -28.30
CA SER C 71 6.13 15.05 -28.81
C SER C 71 5.75 16.46 -28.30
N GLY C 72 6.50 17.48 -28.74
CA GLY C 72 6.19 18.88 -28.47
C GLY C 72 7.02 19.47 -27.32
N SER C 73 7.08 20.80 -27.24
CA SER C 73 7.65 21.47 -26.08
C SER C 73 6.92 22.79 -25.80
N GLY C 74 7.15 23.37 -24.59
CA GLY C 74 6.76 24.74 -24.26
C GLY C 74 5.27 24.86 -23.95
N THR C 75 4.43 24.99 -25.02
CA THR C 75 2.99 25.14 -24.87
C THR C 75 2.23 24.20 -25.81
N ASP C 76 2.92 23.54 -26.76
CA ASP C 76 2.23 22.66 -27.72
C ASP C 76 2.79 21.25 -27.67
N PHE C 77 1.89 20.28 -27.49
CA PHE C 77 2.27 18.89 -27.33
C PHE C 77 1.36 17.98 -28.21
N THR C 78 1.84 16.78 -28.54
CA THR C 78 1.05 15.87 -29.35
C THR C 78 1.25 14.43 -28.88
N LEU C 79 0.12 13.74 -28.65
CA LEU C 79 0.10 12.31 -28.47
C LEU C 79 -0.25 11.64 -29.81
N THR C 80 0.51 10.59 -30.15
CA THR C 80 0.36 9.95 -31.44
C THR C 80 0.24 8.45 -31.26
N ILE C 81 -0.78 7.89 -31.88
CA ILE C 81 -0.99 6.46 -31.85
C ILE C 81 -0.77 5.95 -33.23
N SER C 82 0.39 5.38 -33.43
CA SER C 82 0.93 5.14 -34.76
C SER C 82 0.08 4.10 -35.52
N SER C 83 -0.58 3.21 -34.80
CA SER C 83 -1.45 2.23 -35.42
C SER C 83 -2.60 1.85 -34.49
N LEU C 84 -3.75 2.50 -34.68
CA LEU C 84 -4.86 2.37 -33.77
C LEU C 84 -5.37 0.91 -33.76
N GLN C 85 -5.48 0.36 -32.53
CA GLN C 85 -5.97 -0.99 -32.32
C GLN C 85 -7.33 -0.93 -31.66
N ALA C 86 -8.15 -1.97 -31.88
CA ALA C 86 -9.54 -2.00 -31.42
C ALA C 86 -9.64 -1.60 -29.92
N GLU C 87 -8.66 -2.02 -29.10
CA GLU C 87 -8.71 -1.81 -27.66
C GLU C 87 -8.09 -0.47 -27.26
N ASP C 88 -7.66 0.35 -28.24
CA ASP C 88 -7.11 1.67 -27.95
C ASP C 88 -8.26 2.66 -27.67
N VAL C 89 -9.48 2.25 -28.04
CA VAL C 89 -10.67 3.06 -27.87
C VAL C 89 -10.79 3.54 -26.42
N ALA C 90 -10.81 4.87 -26.24
CA ALA C 90 -10.84 5.47 -24.91
C ALA C 90 -10.90 7.00 -25.02
N VAL C 91 -10.87 7.66 -23.86
CA VAL C 91 -10.67 9.09 -23.80
C VAL C 91 -9.28 9.38 -23.26
N TYR C 92 -8.59 10.33 -23.89
CA TYR C 92 -7.20 10.63 -23.60
C TYR C 92 -7.14 12.08 -23.14
N TYR C 93 -6.46 12.32 -22.01
CA TYR C 93 -6.37 13.67 -21.43
C TYR C 93 -4.90 14.10 -21.38
N CYS C 94 -4.60 15.40 -21.72
CA CYS C 94 -3.37 16.04 -21.21
C CYS C 94 -3.41 16.19 -19.71
N GLN C 95 -2.27 16.58 -19.18
CA GLN C 95 -2.18 17.12 -17.84
C GLN C 95 -0.89 17.87 -17.72
N GLN C 96 -0.94 19.06 -17.16
CA GLN C 96 0.28 19.76 -16.79
C GLN C 96 0.51 19.51 -15.33
N TYR C 97 1.78 19.35 -14.95
CA TYR C 97 2.16 19.28 -13.55
C TYR C 97 3.29 20.24 -13.30
N TYR C 98 3.33 21.31 -14.13
CA TYR C 98 4.29 22.38 -13.98
C TYR C 98 3.96 23.18 -12.73
N SER C 99 2.71 23.63 -12.60
CA SER C 99 2.27 24.25 -11.37
C SER C 99 1.01 23.57 -10.88
N LEU C 100 1.14 22.84 -9.73
CA LEU C 100 0.13 21.86 -9.30
C LEU C 100 -0.41 21.07 -10.52
N TRP C 101 -1.68 20.69 -10.50
CA TRP C 101 -2.21 19.82 -11.55
C TRP C 101 -3.46 20.43 -12.20
N THR C 102 -3.46 20.52 -13.54
CA THR C 102 -4.69 20.79 -14.30
C THR C 102 -4.76 19.84 -15.48
N PHE C 103 -5.98 19.45 -15.87
CA PHE C 103 -6.16 18.47 -16.95
C PHE C 103 -6.74 19.15 -18.18
N GLY C 104 -6.58 18.55 -19.35
CA GLY C 104 -7.36 18.94 -20.51
C GLY C 104 -8.79 18.48 -20.35
N GLN C 105 -9.61 18.78 -21.34
CA GLN C 105 -11.01 18.39 -21.33
C GLN C 105 -11.21 16.98 -21.88
N GLY C 106 -10.23 16.41 -22.55
CA GLY C 106 -10.38 15.03 -23.03
C GLY C 106 -10.72 14.98 -24.53
N THR C 107 -10.25 13.89 -25.16
CA THR C 107 -10.44 13.64 -26.57
C THR C 107 -10.86 12.19 -26.74
N LYS C 108 -12.05 11.97 -27.31
CA LYS C 108 -12.55 10.63 -27.51
C LYS C 108 -11.95 10.06 -28.80
N VAL C 109 -11.42 8.84 -28.71
CA VAL C 109 -10.85 8.18 -29.86
C VAL C 109 -11.62 6.90 -30.13
N GLU C 110 -12.19 6.78 -31.32
CA GLU C 110 -12.98 5.61 -31.66
C GLU C 110 -12.49 4.99 -32.96
N ILE C 111 -12.82 3.71 -33.16
CA ILE C 111 -12.46 2.98 -34.36
C ILE C 111 -13.52 3.21 -35.44
N LYS C 112 -13.08 3.56 -36.63
CA LYS C 112 -13.96 3.57 -37.79
C LYS C 112 -13.95 2.19 -38.44
N ARG C 113 -15.13 1.68 -38.73
CA ARG C 113 -15.27 0.31 -39.20
C ARG C 113 -16.46 0.22 -40.14
N THR C 114 -16.66 -0.94 -40.76
CA THR C 114 -17.72 -1.08 -41.74
C THR C 114 -19.07 -1.10 -41.02
N VAL C 115 -20.11 -0.67 -41.78
CA VAL C 115 -21.49 -0.62 -41.29
C VAL C 115 -21.88 -2.00 -40.80
N ALA C 116 -22.55 -2.03 -39.63
CA ALA C 116 -23.12 -3.25 -39.09
C ALA C 116 -24.55 -2.98 -38.64
N ALA C 117 -25.50 -3.72 -39.25
CA ALA C 117 -26.90 -3.59 -38.90
C ALA C 117 -27.17 -4.34 -37.61
N PRO C 118 -28.01 -3.79 -36.69
CA PRO C 118 -28.20 -4.42 -35.39
C PRO C 118 -28.94 -5.76 -35.49
N SER C 119 -28.71 -6.63 -34.49
CA SER C 119 -29.67 -7.67 -34.15
C SER C 119 -30.65 -7.11 -33.14
N VAL C 120 -31.96 -7.23 -33.46
CA VAL C 120 -33.02 -6.70 -32.60
C VAL C 120 -33.64 -7.86 -31.84
N PHE C 121 -33.90 -7.62 -30.54
CA PHE C 121 -34.61 -8.58 -29.69
C PHE C 121 -35.53 -7.82 -28.74
N ILE C 122 -36.70 -8.40 -28.48
CA ILE C 122 -37.66 -7.78 -27.60
C ILE C 122 -38.03 -8.75 -26.49
N PHE C 123 -38.27 -8.17 -25.30
CA PHE C 123 -38.49 -8.93 -24.10
C PHE C 123 -39.79 -8.48 -23.44
N PRO C 124 -40.80 -9.39 -23.34
CA PRO C 124 -42.02 -9.11 -22.56
C PRO C 124 -41.74 -8.87 -21.11
N PRO C 125 -42.60 -8.15 -20.36
CA PRO C 125 -42.48 -8.08 -18.90
C PRO C 125 -42.55 -9.45 -18.23
N SER C 126 -41.83 -9.58 -17.12
CA SER C 126 -41.86 -10.79 -16.33
C SER C 126 -43.16 -10.83 -15.55
N ASP C 127 -43.67 -12.04 -15.30
CA ASP C 127 -44.89 -12.20 -14.54
C ASP C 127 -44.66 -11.79 -13.10
N GLU C 128 -43.41 -11.99 -12.63
CA GLU C 128 -42.96 -11.49 -11.33
C GLU C 128 -43.15 -9.97 -11.24
N GLN C 129 -42.78 -9.26 -12.32
CA GLN C 129 -42.77 -7.81 -12.28
C GLN C 129 -44.21 -7.34 -12.27
N LEU C 130 -45.07 -8.01 -13.06
CA LEU C 130 -46.48 -7.66 -13.18
C LEU C 130 -47.14 -7.65 -11.79
N LYS C 131 -46.65 -8.52 -10.88
CA LYS C 131 -47.18 -8.60 -9.53
C LYS C 131 -46.81 -7.35 -8.70
N SER C 132 -45.71 -6.68 -9.03
CA SER C 132 -45.40 -5.41 -8.39
C SER C 132 -46.34 -4.30 -8.90
N GLY C 133 -46.86 -4.50 -10.14
CA GLY C 133 -47.87 -3.62 -10.73
C GLY C 133 -47.35 -2.82 -11.93
N THR C 134 -46.08 -3.06 -12.33
CA THR C 134 -45.44 -2.35 -13.44
C THR C 134 -45.05 -3.34 -14.54
N ALA C 135 -45.02 -2.84 -15.79
CA ALA C 135 -44.68 -3.65 -16.95
C ALA C 135 -43.59 -2.95 -17.74
N SER C 136 -42.39 -3.52 -17.70
CA SER C 136 -41.28 -3.00 -18.47
C SER C 136 -41.03 -3.89 -19.70
N VAL C 137 -41.14 -3.27 -20.87
CA VAL C 137 -40.83 -3.95 -22.10
C VAL C 137 -39.48 -3.47 -22.56
N VAL C 138 -38.59 -4.42 -22.91
CA VAL C 138 -37.22 -4.06 -23.26
C VAL C 138 -36.94 -4.46 -24.72
N CYS C 139 -36.26 -3.56 -25.41
CA CYS C 139 -35.78 -3.81 -26.75
C CYS C 139 -34.27 -3.69 -26.75
N LEU C 140 -33.60 -4.70 -27.35
CA LEU C 140 -32.15 -4.75 -27.40
C LEU C 140 -31.67 -4.70 -28.86
N LEU C 141 -30.84 -3.67 -29.15
CA LEU C 141 -30.12 -3.57 -30.42
C LEU C 141 -28.68 -3.98 -30.19
N ASN C 142 -28.27 -5.04 -30.88
CA ASN C 142 -27.06 -5.75 -30.53
C ASN C 142 -26.06 -5.64 -31.66
N ASN C 143 -24.94 -4.95 -31.36
CA ASN C 143 -23.71 -5.08 -32.13
C ASN C 143 -23.89 -4.43 -33.49
N PHE C 144 -24.04 -3.10 -33.48
CA PHE C 144 -24.24 -2.34 -34.68
C PHE C 144 -23.20 -1.21 -34.76
N TYR C 145 -23.06 -0.66 -35.99
CA TYR C 145 -22.19 0.47 -36.27
C TYR C 145 -22.73 1.14 -37.52
N PRO C 146 -22.82 2.49 -37.57
CA PRO C 146 -22.36 3.36 -36.47
C PRO C 146 -23.33 3.46 -35.32
N ARG C 147 -23.03 4.38 -34.36
CA ARG C 147 -23.79 4.52 -33.12
C ARG C 147 -25.24 4.94 -33.41
N GLU C 148 -25.44 5.74 -34.45
CA GLU C 148 -26.70 6.44 -34.65
C GLU C 148 -27.77 5.43 -35.11
N ALA C 149 -28.87 5.37 -34.32
CA ALA C 149 -30.03 4.52 -34.61
C ALA C 149 -31.27 5.16 -34.00
N LYS C 150 -32.45 4.75 -34.50
CA LYS C 150 -33.70 5.24 -33.98
C LYS C 150 -34.58 4.06 -33.55
N VAL C 151 -35.06 4.12 -32.30
CA VAL C 151 -36.01 3.16 -31.79
C VAL C 151 -37.34 3.87 -31.56
N GLN C 152 -38.44 3.24 -32.04
CA GLN C 152 -39.79 3.69 -31.73
C GLN C 152 -40.61 2.54 -31.15
N TRP C 153 -41.33 2.85 -30.06
CA TRP C 153 -42.22 1.89 -29.45
C TRP C 153 -43.60 2.08 -30.01
N LYS C 154 -44.28 0.97 -30.33
CA LYS C 154 -45.68 1.04 -30.73
C LYS C 154 -46.45 0.00 -29.97
N VAL C 155 -47.60 0.41 -29.42
CA VAL C 155 -48.50 -0.48 -28.73
C VAL C 155 -49.84 -0.47 -29.47
N ASP C 156 -50.14 -1.58 -30.16
CA ASP C 156 -51.32 -1.69 -31.03
C ASP C 156 -51.29 -0.56 -32.06
N ASN C 157 -50.07 -0.13 -32.43
CA ASN C 157 -49.85 0.85 -33.49
C ASN C 157 -50.07 2.28 -32.99
N ALA C 158 -50.31 2.43 -31.68
CA ALA C 158 -50.19 3.72 -31.04
C ALA C 158 -48.71 4.04 -30.78
N LEU C 159 -48.23 5.14 -31.37
CA LEU C 159 -46.84 5.57 -31.17
C LEU C 159 -46.65 6.05 -29.74
N GLN C 160 -45.70 5.43 -29.04
CA GLN C 160 -45.45 5.74 -27.66
C GLN C 160 -44.57 6.97 -27.57
N SER C 161 -44.86 7.80 -26.60
CA SER C 161 -44.10 9.00 -26.37
C SER C 161 -44.24 9.37 -24.90
N GLY C 162 -43.09 9.56 -24.24
CA GLY C 162 -43.06 10.07 -22.88
C GLY C 162 -42.59 9.02 -21.88
N ASN C 163 -42.61 7.74 -22.28
CA ASN C 163 -42.68 6.65 -21.31
C ASN C 163 -41.48 5.68 -21.44
N SER C 164 -40.51 6.00 -22.32
CA SER C 164 -39.41 5.09 -22.61
C SER C 164 -38.07 5.82 -22.41
N GLN C 165 -37.02 5.03 -22.11
CA GLN C 165 -35.66 5.53 -21.97
C GLN C 165 -34.70 4.61 -22.75
N GLU C 166 -33.59 5.19 -23.23
CA GLU C 166 -32.57 4.45 -23.95
C GLU C 166 -31.26 4.47 -23.15
N SER C 167 -30.39 3.47 -23.41
CA SER C 167 -29.01 3.51 -22.96
C SER C 167 -28.12 2.80 -23.98
N VAL C 168 -26.90 3.36 -24.18
CA VAL C 168 -25.97 2.83 -25.15
C VAL C 168 -24.67 2.45 -24.44
N THR C 169 -24.01 1.41 -24.97
CA THR C 169 -22.67 1.04 -24.57
C THR C 169 -21.65 1.99 -25.24
N GLU C 170 -20.46 2.03 -24.67
CA GLU C 170 -19.32 2.57 -25.38
C GLU C 170 -18.80 1.52 -26.36
N GLN C 171 -17.91 1.94 -27.27
CA GLN C 171 -17.53 1.07 -28.36
C GLN C 171 -16.84 -0.19 -27.81
N ASP C 172 -17.22 -1.36 -28.36
CA ASP C 172 -16.63 -2.64 -27.96
C ASP C 172 -15.15 -2.67 -28.31
N SER C 173 -14.33 -3.13 -27.36
CA SER C 173 -12.88 -3.08 -27.53
C SER C 173 -12.40 -4.20 -28.47
N LYS C 174 -13.33 -5.04 -28.91
CA LYS C 174 -12.95 -6.20 -29.70
C LYS C 174 -13.43 -6.03 -31.12
N ASP C 175 -14.75 -5.85 -31.32
CA ASP C 175 -15.33 -5.80 -32.68
C ASP C 175 -15.76 -4.37 -33.04
N SER C 176 -15.59 -3.43 -32.10
CA SER C 176 -15.78 -2.00 -32.36
C SER C 176 -17.23 -1.69 -32.75
N THR C 177 -18.19 -2.44 -32.15
CA THR C 177 -19.61 -2.18 -32.36
C THR C 177 -20.19 -1.50 -31.14
N TYR C 178 -21.47 -1.11 -31.26
CA TYR C 178 -22.24 -0.58 -30.15
C TYR C 178 -23.42 -1.50 -29.88
N SER C 179 -24.03 -1.34 -28.69
CA SER C 179 -25.32 -1.93 -28.40
C SER C 179 -26.15 -0.97 -27.58
N LEU C 180 -27.48 -1.12 -27.69
CA LEU C 180 -28.41 -0.14 -27.17
C LEU C 180 -29.64 -0.85 -26.60
N SER C 181 -30.17 -0.31 -25.50
CA SER C 181 -31.38 -0.83 -24.89
C SER C 181 -32.41 0.28 -24.78
N SER C 182 -33.65 -0.04 -25.15
CA SER C 182 -34.77 0.84 -24.94
C SER C 182 -35.75 0.18 -23.99
N THR C 183 -36.19 0.94 -22.96
CA THR C 183 -37.06 0.37 -21.94
C THR C 183 -38.36 1.17 -21.89
N LEU C 184 -39.46 0.49 -22.29
CA LEU C 184 -40.80 1.06 -22.21
C LEU C 184 -41.44 0.67 -20.89
N THR C 185 -41.92 1.68 -20.14
CA THR C 185 -42.48 1.42 -18.82
C THR C 185 -43.97 1.81 -18.80
N LEU C 186 -44.83 0.80 -18.55
CA LEU C 186 -46.28 0.98 -18.44
C LEU C 186 -46.75 0.58 -17.04
N SER C 187 -48.00 0.96 -16.69
CA SER C 187 -48.74 0.34 -15.59
C SER C 187 -49.27 -1.01 -16.04
N LYS C 188 -49.40 -1.94 -15.07
CA LYS C 188 -49.92 -3.26 -15.34
C LYS C 188 -51.29 -3.12 -15.98
N ALA C 189 -52.08 -2.18 -15.43
CA ALA C 189 -53.41 -1.87 -15.92
C ALA C 189 -53.38 -1.64 -17.44
N ASP C 190 -52.55 -0.65 -17.86
CA ASP C 190 -52.42 -0.28 -19.26
C ASP C 190 -51.90 -1.47 -20.07
N TYR C 191 -50.91 -2.17 -19.51
CA TYR C 191 -50.26 -3.24 -20.25
C TYR C 191 -51.34 -4.22 -20.76
N GLU C 192 -52.36 -4.46 -19.94
CA GLU C 192 -53.29 -5.54 -20.19
C GLU C 192 -54.36 -5.07 -21.18
N LYS C 193 -54.43 -3.74 -21.40
CA LYS C 193 -55.47 -3.15 -22.23
C LYS C 193 -55.16 -3.34 -23.73
N HIS C 194 -54.01 -3.92 -24.04
CA HIS C 194 -53.49 -3.91 -25.40
C HIS C 194 -52.84 -5.26 -25.71
N LYS C 195 -52.59 -5.52 -26.99
CA LYS C 195 -52.18 -6.85 -27.43
C LYS C 195 -50.76 -6.85 -28.00
N VAL C 196 -50.54 -6.01 -29.03
CA VAL C 196 -49.31 -6.05 -29.81
C VAL C 196 -48.34 -5.03 -29.23
N TYR C 197 -47.16 -5.52 -28.81
CA TYR C 197 -46.07 -4.66 -28.39
C TYR C 197 -44.92 -4.78 -29.38
N ALA C 198 -44.52 -3.62 -29.92
CA ALA C 198 -43.62 -3.59 -31.06
C ALA C 198 -42.52 -2.56 -30.81
N CYS C 199 -41.35 -2.89 -31.34
CA CYS C 199 -40.18 -2.07 -31.24
C CYS C 199 -39.59 -1.92 -32.63
N GLU C 200 -39.73 -0.72 -33.20
CA GLU C 200 -39.36 -0.47 -34.59
C GLU C 200 -38.03 0.28 -34.65
N VAL C 201 -37.07 -0.25 -35.42
CA VAL C 201 -35.70 0.26 -35.38
C VAL C 201 -35.28 0.71 -36.77
N THR C 202 -34.78 1.95 -36.86
CA THR C 202 -34.21 2.47 -38.09
C THR C 202 -32.71 2.66 -37.90
N HIS C 203 -31.92 2.02 -38.77
CA HIS C 203 -30.46 2.12 -38.71
C HIS C 203 -29.90 2.12 -40.12
N GLN C 204 -28.72 2.73 -40.26
CA GLN C 204 -28.10 2.96 -41.55
C GLN C 204 -27.93 1.63 -42.29
N GLY C 205 -27.71 0.54 -41.55
CA GLY C 205 -27.37 -0.75 -42.15
C GLY C 205 -28.61 -1.57 -42.47
N LEU C 206 -29.78 -1.00 -42.17
CA LEU C 206 -31.05 -1.62 -42.55
C LEU C 206 -31.59 -0.88 -43.78
N SER C 207 -32.02 -1.65 -44.79
CA SER C 207 -32.55 -1.07 -46.03
C SER C 207 -33.91 -0.39 -45.78
N SER C 208 -34.63 -0.80 -44.74
CA SER C 208 -35.79 -0.06 -44.23
C SER C 208 -36.10 -0.50 -42.80
N PRO C 209 -36.89 0.27 -42.04
CA PRO C 209 -37.10 -0.03 -40.62
C PRO C 209 -37.44 -1.49 -40.35
N VAL C 210 -36.92 -2.01 -39.20
CA VAL C 210 -37.21 -3.34 -38.72
C VAL C 210 -38.06 -3.26 -37.46
N THR C 211 -39.13 -4.07 -37.43
CA THR C 211 -40.01 -4.15 -36.29
C THR C 211 -39.96 -5.56 -35.71
N LYS C 212 -39.58 -5.63 -34.42
CA LYS C 212 -39.84 -6.79 -33.60
C LYS C 212 -41.04 -6.53 -32.73
N SER C 213 -41.87 -7.55 -32.56
CA SER C 213 -43.09 -7.44 -31.78
C SER C 213 -43.43 -8.79 -31.18
N PHE C 214 -44.19 -8.72 -30.07
CA PHE C 214 -44.76 -9.91 -29.46
C PHE C 214 -46.21 -9.60 -29.12
N ASN C 215 -47.02 -10.67 -29.02
CA ASN C 215 -48.42 -10.56 -28.64
C ASN C 215 -48.60 -10.96 -27.17
N ARG C 216 -49.23 -10.08 -26.40
CA ARG C 216 -49.33 -10.28 -24.97
C ARG C 216 -50.11 -11.56 -24.74
N GLY C 217 -49.58 -12.39 -23.84
CA GLY C 217 -50.27 -13.58 -23.40
C GLY C 217 -49.89 -14.79 -24.24
N GLU C 218 -49.34 -14.54 -25.42
CA GLU C 218 -49.22 -15.57 -26.44
C GLU C 218 -47.87 -16.28 -26.29
N CYS C 219 -47.89 -17.61 -26.54
CA CYS C 219 -46.71 -18.45 -26.57
C CYS C 219 -45.48 -17.63 -26.98
N MET D 1 66.82 93.02 25.94
CA MET D 1 65.79 94.09 25.82
C MET D 1 64.89 93.79 24.60
N ALA D 2 65.42 92.99 23.64
CA ALA D 2 64.60 92.34 22.61
C ALA D 2 63.62 91.39 23.28
N ALA D 3 62.43 91.24 22.67
CA ALA D 3 61.45 90.30 23.15
C ALA D 3 61.99 88.89 22.98
N LEU D 4 61.55 87.97 23.84
CA LEU D 4 61.95 86.58 23.72
C LEU D 4 61.45 86.05 22.38
N GLY D 5 62.34 85.38 21.65
CA GLY D 5 61.97 84.68 20.43
C GLY D 5 62.85 83.46 20.21
N VAL D 6 62.38 82.52 19.42
CA VAL D 6 63.12 81.29 19.20
C VAL D 6 63.99 81.48 17.98
N GLN D 7 65.24 81.04 18.08
CA GLN D 7 66.19 81.19 16.98
C GLN D 7 66.23 79.94 16.14
N SER D 8 66.36 78.79 16.79
CA SER D 8 66.36 77.53 16.07
C SER D 8 65.83 76.40 16.96
N ILE D 9 65.34 75.34 16.31
CA ILE D 9 64.96 74.14 17.00
C ILE D 9 65.70 72.97 16.36
N ASN D 10 66.26 72.12 17.20
CA ASN D 10 66.83 70.87 16.78
C ASN D 10 65.86 69.74 17.15
N TRP D 11 65.36 69.04 16.13
CA TRP D 11 64.39 67.98 16.33
C TRP D 11 65.06 66.66 16.68
N GLN D 12 66.38 66.61 16.56
CA GLN D 12 67.12 65.39 16.90
C GLN D 12 66.50 64.21 16.19
N THR D 13 66.26 64.37 14.89
CA THR D 13 65.40 63.49 14.13
C THR D 13 65.90 62.04 14.21
N ALA D 14 67.18 61.81 13.94
CA ALA D 14 67.67 60.44 13.84
C ALA D 14 67.66 59.77 15.22
N PHE D 15 67.88 60.55 16.29
CA PHE D 15 67.82 60.03 17.66
C PHE D 15 66.37 59.62 18.00
N ASN D 16 65.44 60.54 17.77
CA ASN D 16 64.04 60.29 18.11
C ASN D 16 63.49 59.15 17.25
N ARG D 17 63.76 59.15 15.93
CA ARG D 17 63.26 58.09 15.04
C ARG D 17 63.75 56.71 15.47
N GLN D 18 64.98 56.64 15.94
CA GLN D 18 65.54 55.40 16.44
C GLN D 18 64.74 54.93 17.67
N ALA D 19 64.48 55.86 18.59
CA ALA D 19 63.76 55.58 19.82
C ALA D 19 62.29 55.20 19.51
N HIS D 20 61.73 55.78 18.44
CA HIS D 20 60.31 55.57 18.10
C HIS D 20 60.13 54.45 17.07
N HIS D 21 61.21 53.75 16.74
CA HIS D 21 61.15 52.62 15.83
C HIS D 21 60.53 53.05 14.50
N THR D 22 60.95 54.24 14.02
CA THR D 22 60.52 54.75 12.72
C THR D 22 61.72 55.04 11.84
N ASP D 23 62.89 54.54 12.23
CA ASP D 23 64.12 54.92 11.56
C ASP D 23 64.23 54.22 10.20
N LYS D 24 63.39 53.21 9.93
CA LYS D 24 63.54 52.42 8.71
C LYS D 24 62.94 53.15 7.47
N PHE D 25 62.05 54.10 7.69
CA PHE D 25 61.37 54.75 6.56
C PHE D 25 62.39 55.58 5.79
N SER D 26 62.38 55.42 4.46
CA SER D 26 63.10 56.31 3.57
C SER D 26 62.37 57.64 3.48
N SER D 27 62.79 58.58 4.31
CA SER D 27 62.11 59.85 4.43
C SER D 27 62.98 60.77 5.23
N GLN D 28 62.79 62.06 5.01
CA GLN D 28 63.54 63.10 5.67
C GLN D 28 62.80 63.55 6.93
N GLU D 29 61.50 63.21 7.00
CA GLU D 29 60.61 63.82 7.96
C GLU D 29 60.86 63.24 9.35
N LEU D 30 60.39 63.97 10.35
CA LEU D 30 60.33 63.44 11.70
C LEU D 30 59.10 62.56 11.82
N ILE D 31 59.33 61.27 12.04
CA ILE D 31 58.28 60.28 12.15
C ILE D 31 58.28 59.73 13.58
N LEU D 32 57.17 59.89 14.26
CA LEU D 32 57.05 59.55 15.67
C LEU D 32 55.89 58.56 15.86
N ARG D 33 55.84 57.94 17.06
CA ARG D 33 54.70 57.12 17.45
C ARG D 33 54.03 57.74 18.69
N ARG D 34 52.71 57.62 18.73
CA ARG D 34 51.93 58.33 19.73
C ARG D 34 52.21 57.73 21.11
N GLY D 35 51.99 58.55 22.15
CA GLY D 35 52.03 58.08 23.52
C GLY D 35 53.45 57.97 24.07
N GLN D 36 54.41 58.51 23.31
CA GLN D 36 55.83 58.37 23.60
C GLN D 36 56.46 59.75 23.45
N ASN D 37 57.29 60.13 24.43
CA ASN D 37 57.92 61.44 24.43
C ASN D 37 59.02 61.47 23.39
N PHE D 38 59.28 62.67 22.87
CA PHE D 38 60.46 62.93 22.07
C PHE D 38 61.13 64.21 22.59
N GLN D 39 62.44 64.29 22.37
CA GLN D 39 63.23 65.38 22.91
C GLN D 39 63.72 66.29 21.80
N VAL D 40 63.61 67.61 22.06
CA VAL D 40 64.10 68.63 21.16
C VAL D 40 64.94 69.63 21.97
N LEU D 41 65.85 70.29 21.25
CA LEU D 41 66.66 71.38 21.76
C LEU D 41 66.21 72.67 21.09
N MET D 42 65.87 73.67 21.88
CA MET D 42 65.28 74.88 21.34
C MET D 42 66.11 76.07 21.79
N ILE D 43 66.73 76.74 20.81
CA ILE D 43 67.68 77.82 21.08
C ILE D 43 66.96 79.16 20.96
N MET D 44 66.90 79.89 22.07
CA MET D 44 66.19 81.14 22.12
C MET D 44 67.19 82.28 21.91
N ASN D 45 66.68 83.53 21.83
CA ASN D 45 67.52 84.71 21.62
C ASN D 45 68.16 85.11 22.94
N LYS D 46 67.54 84.70 24.06
CA LYS D 46 68.03 85.03 25.40
C LYS D 46 67.51 83.99 26.40
N GLY D 47 67.88 84.14 27.68
CA GLY D 47 67.33 83.30 28.74
C GLY D 47 65.88 83.66 29.05
N LEU D 48 65.13 82.66 29.59
CA LEU D 48 63.71 82.80 29.86
C LEU D 48 63.50 83.78 31.00
N GLY D 49 62.45 84.59 30.88
CA GLY D 49 62.11 85.56 31.90
C GLY D 49 60.97 85.06 32.79
N SER D 50 60.85 85.67 33.97
CA SER D 50 59.87 85.26 34.97
C SER D 50 58.45 85.65 34.55
N ASN D 51 58.33 86.72 33.73
CA ASN D 51 57.02 87.17 33.24
C ASN D 51 56.77 86.62 31.84
N GLU D 52 57.65 85.74 31.38
CA GLU D 52 57.57 85.21 30.02
C GLU D 52 56.97 83.80 30.06
N ARG D 53 56.30 83.41 28.98
CA ARG D 53 55.60 82.14 28.91
C ARG D 53 55.74 81.57 27.51
N LEU D 54 55.90 80.25 27.44
CA LEU D 54 55.87 79.54 26.18
C LEU D 54 54.67 78.63 26.13
N GLU D 55 54.00 78.58 24.98
CA GLU D 55 52.93 77.62 24.75
C GLU D 55 53.12 76.94 23.43
N PHE D 56 53.07 75.60 23.45
CA PHE D 56 53.18 74.81 22.24
C PHE D 56 51.80 74.58 21.69
N ILE D 57 51.71 74.51 20.36
CA ILE D 57 50.45 74.20 19.72
C ILE D 57 50.68 73.13 18.67
N VAL D 58 49.96 72.01 18.78
CA VAL D 58 49.98 71.00 17.74
C VAL D 58 48.60 70.86 17.13
N SER D 59 48.55 70.50 15.85
CA SER D 59 47.28 70.31 15.14
C SER D 59 47.46 69.40 13.95
N THR D 60 46.35 68.77 13.55
CA THR D 60 46.32 67.84 12.44
C THR D 60 44.98 68.00 11.73
N GLY D 61 45.03 67.91 10.40
CA GLY D 61 43.83 67.87 9.57
C GLY D 61 43.30 69.26 9.28
N PRO D 62 42.29 69.40 8.41
CA PRO D 62 41.87 70.71 7.93
C PRO D 62 40.99 71.52 8.90
N TYR D 63 40.48 70.90 9.96
CA TYR D 63 39.58 71.62 10.87
C TYR D 63 39.96 71.29 12.31
N PRO D 64 41.18 71.66 12.74
CA PRO D 64 41.67 71.27 14.06
C PRO D 64 40.83 71.87 15.16
N SER D 65 40.64 71.09 16.23
CA SER D 65 39.72 71.42 17.29
C SER D 65 40.20 70.77 18.58
N GLU D 66 40.21 71.54 19.66
CA GLU D 66 40.65 71.02 20.95
C GLU D 66 39.69 69.92 21.44
N SER D 67 38.38 70.12 21.21
CA SER D 67 37.38 69.17 21.66
C SER D 67 37.50 67.84 20.91
N ALA D 68 37.81 67.89 19.60
CA ALA D 68 37.93 66.68 18.79
C ALA D 68 39.32 66.05 18.95
N MET D 69 40.18 66.73 19.74
CA MET D 69 41.54 66.28 20.06
C MET D 69 42.41 66.25 18.81
N THR D 70 42.10 67.13 17.84
CA THR D 70 42.94 67.31 16.66
C THR D 70 43.68 68.64 16.78
N LYS D 71 43.55 69.28 17.94
CA LYS D 71 44.39 70.42 18.31
C LYS D 71 44.70 70.33 19.80
N ALA D 72 45.91 70.76 20.18
CA ALA D 72 46.31 70.83 21.58
C ALA D 72 47.18 72.05 21.82
N VAL D 73 46.93 72.71 22.93
CA VAL D 73 47.72 73.84 23.41
C VAL D 73 48.24 73.51 24.80
N PHE D 74 49.55 73.53 24.99
CA PHE D 74 50.12 73.11 26.26
C PHE D 74 51.31 73.99 26.61
N PRO D 75 51.36 74.48 27.87
CA PRO D 75 52.49 75.27 28.32
C PRO D 75 53.70 74.42 28.65
N LEU D 76 54.87 75.04 28.55
CA LEU D 76 56.10 74.45 29.03
C LEU D 76 56.05 74.41 30.55
N SER D 77 56.16 73.23 31.12
CA SER D 77 56.07 73.08 32.56
C SER D 77 57.20 72.16 33.04
N ASN D 78 57.17 71.81 34.32
CA ASN D 78 58.08 70.79 34.84
C ASN D 78 57.32 69.53 35.14
N GLY D 79 56.00 69.54 34.87
CA GLY D 79 55.12 68.45 35.26
C GLY D 79 54.37 67.90 34.05
N SER D 80 54.34 66.56 33.93
CA SER D 80 53.55 65.89 32.91
C SER D 80 52.15 65.61 33.47
N SER D 81 51.17 66.42 33.06
CA SER D 81 49.82 66.30 33.57
C SER D 81 49.09 65.15 32.86
N GLY D 82 49.53 64.85 31.63
CA GLY D 82 48.89 63.84 30.81
C GLY D 82 48.52 64.42 29.46
N GLY D 83 48.23 63.56 28.48
CA GLY D 83 47.94 63.98 27.10
C GLY D 83 49.17 64.62 26.45
N TRP D 84 48.98 65.78 25.79
CA TRP D 84 50.12 66.54 25.28
C TRP D 84 50.76 67.33 26.43
N SER D 85 52.10 67.24 26.51
CA SER D 85 52.86 67.89 27.56
C SER D 85 54.22 68.36 27.02
N ALA D 86 54.77 69.41 27.64
CA ALA D 86 56.12 69.87 27.37
C ALA D 86 56.85 70.07 28.68
N VAL D 87 57.97 69.38 28.85
CA VAL D 87 58.71 69.38 30.10
C VAL D 87 60.09 69.97 29.86
N LEU D 88 60.43 71.05 30.59
CA LEU D 88 61.75 71.64 30.53
C LEU D 88 62.70 70.76 31.31
N GLN D 89 63.60 70.09 30.59
CA GLN D 89 64.51 69.17 31.21
C GLN D 89 65.80 69.88 31.67
N ALA D 90 66.26 70.89 30.90
CA ALA D 90 67.51 71.58 31.21
C ALA D 90 67.59 72.92 30.49
N SER D 91 68.24 73.90 31.15
CA SER D 91 68.67 75.16 30.55
C SER D 91 70.19 75.21 30.49
N ASN D 92 70.72 75.67 29.37
CA ASN D 92 72.16 75.91 29.21
C ASN D 92 72.37 77.13 28.33
N GLY D 93 72.55 78.30 28.96
CA GLY D 93 72.60 79.55 28.23
C GLY D 93 71.22 79.94 27.69
N ASN D 94 71.08 79.96 26.36
CA ASN D 94 69.80 80.26 25.76
C ASN D 94 69.12 78.98 25.25
N THR D 95 69.79 77.82 25.41
CA THR D 95 69.29 76.55 24.89
C THR D 95 68.40 75.87 25.93
N LEU D 96 67.17 75.49 25.51
CA LEU D 96 66.25 74.70 26.33
C LEU D 96 66.23 73.26 25.81
N THR D 97 66.42 72.29 26.72
CA THR D 97 66.20 70.88 26.42
C THR D 97 64.78 70.52 26.84
N ILE D 98 63.98 70.04 25.88
CA ILE D 98 62.56 69.92 26.10
C ILE D 98 62.09 68.54 25.66
N SER D 99 61.30 67.90 26.54
CA SER D 99 60.67 66.63 26.26
C SER D 99 59.19 66.85 26.03
N ILE D 100 58.73 66.55 24.81
CA ILE D 100 57.35 66.72 24.44
C ILE D 100 56.70 65.35 24.38
N SER D 101 55.49 65.21 24.97
CA SER D 101 54.77 63.93 24.94
C SER D 101 53.35 64.07 24.34
N SER D 102 52.98 63.10 23.49
CA SER D 102 51.64 62.96 22.93
C SER D 102 50.87 61.91 23.74
N PRO D 103 49.52 61.98 23.78
CA PRO D 103 48.73 60.90 24.34
C PRO D 103 48.63 59.66 23.45
N ALA D 104 48.39 58.51 24.08
CA ALA D 104 48.31 57.24 23.38
C ALA D 104 47.05 57.16 22.54
N SER D 105 46.15 58.13 22.79
CA SER D 105 44.85 58.20 22.17
C SER D 105 44.85 59.25 21.05
N ALA D 106 46.02 59.79 20.70
CA ALA D 106 46.08 60.85 19.70
C ALA D 106 45.71 60.28 18.30
N PRO D 107 45.01 61.07 17.45
CA PRO D 107 44.81 60.66 16.06
C PRO D 107 46.12 60.61 15.28
N ILE D 108 46.26 59.58 14.44
CA ILE D 108 47.46 59.46 13.62
C ILE D 108 47.35 60.41 12.45
N GLY D 109 48.53 60.76 11.89
CA GLY D 109 48.62 61.54 10.66
C GLY D 109 49.69 62.63 10.78
N ARG D 110 49.63 63.60 9.85
CA ARG D 110 50.57 64.71 9.81
C ARG D 110 50.14 65.80 10.79
N TYR D 111 51.10 66.29 11.58
CA TYR D 111 50.87 67.38 12.53
C TYR D 111 51.76 68.56 12.19
N THR D 112 51.30 69.76 12.54
CA THR D 112 52.15 70.95 12.62
C THR D 112 52.37 71.30 14.09
N MET D 113 53.59 71.72 14.42
CA MET D 113 53.87 72.28 15.74
C MET D 113 54.21 73.77 15.61
N ALA D 114 53.63 74.58 16.50
CA ALA D 114 54.00 75.99 16.63
C ALA D 114 54.36 76.30 18.07
N LEU D 115 55.08 77.41 18.25
CA LEU D 115 55.37 77.98 19.56
C LEU D 115 54.78 79.38 19.64
N GLN D 116 54.10 79.65 20.72
CA GLN D 116 53.55 80.96 21.00
C GLN D 116 54.28 81.51 22.23
N ILE D 117 54.82 82.74 22.09
CA ILE D 117 55.60 83.35 23.15
C ILE D 117 54.87 84.60 23.63
N PHE D 118 54.74 84.72 24.95
CA PHE D 118 54.24 85.92 25.58
C PHE D 118 55.42 86.62 26.28
N SER D 119 55.76 87.84 25.81
CA SER D 119 56.99 88.50 26.25
C SER D 119 56.86 90.00 26.14
N GLN D 120 57.03 90.71 27.27
CA GLN D 120 57.01 92.16 27.31
C GLN D 120 55.71 92.68 26.70
N GLY D 121 54.58 92.05 27.06
CA GLY D 121 53.27 92.48 26.58
C GLY D 121 53.07 92.21 25.07
N GLY D 122 53.94 91.41 24.45
CA GLY D 122 53.80 91.05 23.04
C GLY D 122 53.54 89.56 22.88
N ILE D 123 52.72 89.20 21.87
CA ILE D 123 52.52 87.80 21.52
C ILE D 123 53.10 87.53 20.14
N SER D 124 53.94 86.50 20.06
CA SER D 124 54.47 86.04 18.81
C SER D 124 54.18 84.56 18.67
N SER D 125 53.95 84.14 17.44
CA SER D 125 53.75 82.75 17.12
C SER D 125 54.64 82.39 15.96
N VAL D 126 55.26 81.22 16.04
CA VAL D 126 56.21 80.80 15.02
C VAL D 126 56.03 79.30 14.80
N LYS D 127 55.81 78.93 13.55
CA LYS D 127 55.77 77.54 13.19
C LYS D 127 57.14 76.90 13.42
N LEU D 128 57.18 75.85 14.22
CA LEU D 128 58.41 75.14 14.54
C LEU D 128 58.71 74.10 13.47
N GLY D 129 57.67 73.42 12.97
CA GLY D 129 57.91 72.31 12.08
C GLY D 129 56.70 71.40 11.98
N THR D 130 56.94 70.20 11.43
CA THR D 130 55.89 69.23 11.23
C THR D 130 56.43 67.86 11.57
N PHE D 131 55.51 66.94 11.87
CA PHE D 131 55.88 65.55 12.06
C PHE D 131 54.72 64.65 11.63
N ILE D 132 55.04 63.38 11.48
CA ILE D 132 54.05 62.34 11.30
C ILE D 132 53.95 61.53 12.60
N LEU D 133 52.70 61.27 13.03
CA LEU D 133 52.43 60.50 14.24
C LEU D 133 51.71 59.22 13.85
N LEU D 134 52.25 58.10 14.30
CA LEU D 134 51.75 56.79 13.92
C LEU D 134 51.25 56.05 15.15
N PHE D 135 50.60 54.90 14.90
CA PHE D 135 50.22 53.98 15.95
C PHE D 135 51.48 53.40 16.57
N ASN D 136 51.40 52.95 17.82
CA ASN D 136 52.58 52.60 18.60
C ASN D 136 52.45 51.18 19.16
N PRO D 137 52.73 50.13 18.36
CA PRO D 137 52.65 48.75 18.86
C PRO D 137 53.66 48.39 19.97
N TRP D 138 54.57 49.30 20.28
CA TRP D 138 55.59 49.07 21.31
C TRP D 138 55.04 49.50 22.68
N LEU D 139 53.96 50.26 22.68
CA LEU D 139 53.50 50.94 23.89
C LEU D 139 52.34 50.18 24.51
N ASN D 140 52.50 49.80 25.77
CA ASN D 140 51.59 48.86 26.40
C ASN D 140 50.15 49.41 26.38
N VAL D 141 49.98 50.74 26.45
CA VAL D 141 48.65 51.33 26.60
C VAL D 141 48.07 51.74 25.22
N ASP D 142 48.78 51.45 24.14
CA ASP D 142 48.21 51.69 22.82
C ASP D 142 47.30 50.53 22.48
N SER D 143 46.19 50.83 21.80
CA SER D 143 45.24 49.80 21.37
C SER D 143 45.89 48.78 20.42
N VAL D 144 46.98 49.15 19.74
CA VAL D 144 47.58 48.23 18.77
C VAL D 144 48.73 47.48 19.42
N PHE D 145 48.88 47.63 20.74
CA PHE D 145 50.03 47.10 21.46
C PHE D 145 50.20 45.62 21.14
N MET D 146 51.45 45.23 20.81
CA MET D 146 51.83 43.86 20.58
C MET D 146 53.12 43.60 21.36
N GLY D 147 53.03 42.83 22.45
CA GLY D 147 54.10 42.76 23.45
C GLY D 147 55.30 41.89 23.00
N ASN D 148 55.04 40.95 22.10
CA ASN D 148 56.07 40.00 21.70
C ASN D 148 57.00 40.66 20.69
N HIS D 149 58.31 40.64 20.97
CA HIS D 149 59.29 41.36 20.16
C HIS D 149 59.33 40.77 18.74
N ALA D 150 59.43 39.43 18.65
CA ALA D 150 59.65 38.74 17.38
C ALA D 150 58.44 38.93 16.45
N GLU D 151 57.24 38.88 17.03
CA GLU D 151 56.00 39.03 16.28
C GLU D 151 55.87 40.47 15.79
N ARG D 152 56.20 41.47 16.65
CA ARG D 152 56.23 42.88 16.21
C ARG D 152 57.10 43.04 14.99
N GLU D 153 58.29 42.40 15.02
CA GLU D 153 59.25 42.53 13.94
C GLU D 153 58.64 42.01 12.64
N GLU D 154 57.89 40.89 12.73
CA GLU D 154 57.31 40.30 11.53
C GLU D 154 56.14 41.15 11.05
N TYR D 155 55.27 41.54 11.98
CA TYR D 155 53.94 42.00 11.62
C TYR D 155 53.92 43.53 11.43
N VAL D 156 55.03 44.21 11.77
CA VAL D 156 55.14 45.67 11.60
C VAL D 156 56.34 46.00 10.71
N GLN D 157 57.50 45.40 11.03
CA GLN D 157 58.77 45.90 10.54
C GLN D 157 59.21 45.17 9.27
N GLU D 158 58.62 44.02 8.95
CA GLU D 158 59.07 43.25 7.80
C GLU D 158 58.38 43.76 6.52
N ASP D 159 59.17 43.97 5.45
CA ASP D 159 58.64 44.58 4.23
C ASP D 159 58.65 43.58 3.07
N ALA D 160 58.98 42.30 3.36
CA ALA D 160 58.81 41.23 2.38
C ALA D 160 57.88 40.15 2.92
N GLY D 161 57.05 39.57 2.03
CA GLY D 161 56.00 38.67 2.45
C GLY D 161 55.79 37.52 1.47
N ILE D 162 55.01 36.55 1.93
CA ILE D 162 54.68 35.36 1.19
C ILE D 162 53.16 35.22 1.23
N ILE D 163 52.54 34.92 0.08
CA ILE D 163 51.09 34.71 0.02
C ILE D 163 50.82 33.33 -0.57
N PHE D 164 50.09 32.50 0.16
CA PHE D 164 49.82 31.13 -0.26
C PHE D 164 48.72 31.15 -1.29
N VAL D 165 48.83 30.28 -2.29
CA VAL D 165 47.87 30.23 -3.37
C VAL D 165 47.71 28.77 -3.81
N GLY D 166 46.92 28.56 -4.89
CA GLY D 166 46.70 27.23 -5.42
C GLY D 166 45.31 26.69 -5.02
N SER D 167 45.32 25.49 -4.42
CA SER D 167 44.11 24.80 -4.01
C SER D 167 44.42 23.89 -2.80
N THR D 168 43.39 23.19 -2.31
CA THR D 168 43.56 22.24 -1.24
C THR D 168 44.43 21.07 -1.71
N ASN D 169 44.43 20.80 -3.01
CA ASN D 169 45.23 19.70 -3.55
C ASN D 169 46.72 20.07 -3.54
N ARG D 170 47.01 21.35 -3.80
CA ARG D 170 48.34 21.77 -4.21
C ARG D 170 48.56 23.22 -3.77
N ILE D 171 49.08 23.41 -2.56
CA ILE D 171 49.31 24.75 -2.02
C ILE D 171 50.64 25.26 -2.56
N GLY D 172 50.58 26.39 -3.29
CA GLY D 172 51.79 27.08 -3.73
C GLY D 172 52.04 28.35 -2.90
N MET D 173 53.05 29.12 -3.30
CA MET D 173 53.25 30.43 -2.73
C MET D 173 53.75 31.39 -3.80
N ILE D 174 53.52 32.69 -3.53
CA ILE D 174 54.16 33.77 -4.24
C ILE D 174 54.74 34.74 -3.22
N GLY D 175 55.69 35.52 -3.68
CA GLY D 175 56.28 36.54 -2.85
C GLY D 175 55.67 37.88 -3.17
N TRP D 176 55.77 38.78 -2.19
CA TRP D 176 55.13 40.07 -2.27
C TRP D 176 55.99 41.07 -1.55
N ASN D 177 56.36 42.13 -2.27
CA ASN D 177 57.10 43.22 -1.69
C ASN D 177 56.11 44.25 -1.14
N PHE D 178 55.90 44.22 0.17
CA PHE D 178 55.06 45.23 0.81
C PHE D 178 55.68 46.62 0.62
N GLY D 179 56.97 46.75 0.93
CA GLY D 179 57.75 47.95 0.64
C GLY D 179 57.25 49.20 1.40
N GLN D 180 56.90 49.05 2.66
CA GLN D 180 56.32 50.17 3.40
C GLN D 180 57.38 51.25 3.68
N PHE D 181 58.68 50.93 3.53
CA PHE D 181 59.74 51.86 3.91
C PHE D 181 60.28 52.60 2.70
N GLU D 182 59.83 52.23 1.51
CA GLU D 182 60.34 52.86 0.29
C GLU D 182 59.80 54.28 0.18
N GLU D 183 60.46 55.08 -0.65
CA GLU D 183 60.25 56.52 -0.65
C GLU D 183 58.82 56.82 -1.08
N ASP D 184 58.14 57.62 -0.23
CA ASP D 184 56.83 58.20 -0.51
C ASP D 184 55.70 57.22 -0.12
N ILE D 185 56.02 55.99 0.22
CA ILE D 185 54.98 55.01 0.40
C ILE D 185 54.17 55.36 1.65
N LEU D 186 54.85 55.67 2.79
CA LEU D 186 54.14 56.08 3.99
C LEU D 186 53.25 57.29 3.67
N SER D 187 53.78 58.27 2.93
CA SER D 187 53.04 59.47 2.59
C SER D 187 51.81 59.13 1.75
N ILE D 188 51.95 58.20 0.77
CA ILE D 188 50.82 57.82 -0.08
C ILE D 188 49.74 57.15 0.76
N CYS D 189 50.17 56.33 1.73
CA CYS D 189 49.24 55.58 2.58
C CYS D 189 48.43 56.54 3.45
N LEU D 190 49.07 57.64 3.91
CA LEU D 190 48.36 58.69 4.63
C LEU D 190 47.37 59.40 3.69
N SER D 191 47.70 59.48 2.40
CA SER D 191 46.83 60.09 1.39
C SER D 191 45.52 59.31 1.28
N ILE D 192 45.60 57.99 1.38
CA ILE D 192 44.42 57.17 1.21
C ILE D 192 43.33 57.63 2.18
N LEU D 193 43.74 57.99 3.41
CA LEU D 193 42.79 58.38 4.47
C LEU D 193 42.11 59.70 4.11
N ASP D 194 42.82 60.54 3.35
CA ASP D 194 42.38 61.89 3.00
C ASP D 194 41.52 61.88 1.72
N ARG D 195 41.24 60.68 1.18
CA ARG D 195 40.48 60.59 -0.06
C ARG D 195 39.28 59.63 0.08
N SER D 196 39.04 59.16 1.32
CA SER D 196 37.94 58.24 1.63
C SER D 196 36.61 58.97 1.53
N LEU D 197 35.53 58.21 1.34
CA LEU D 197 34.20 58.81 1.35
C LEU D 197 34.00 59.56 2.64
N ASN D 198 34.47 58.97 3.75
CA ASN D 198 34.27 59.52 5.09
C ASN D 198 34.89 60.91 5.16
N PHE D 199 36.09 61.05 4.60
CA PHE D 199 36.85 62.29 4.68
C PHE D 199 36.15 63.36 3.84
N ARG D 200 35.69 62.95 2.65
CA ARG D 200 35.00 63.86 1.73
C ARG D 200 33.68 64.35 2.32
N ARG D 201 32.99 63.51 3.09
CA ARG D 201 31.71 63.92 3.67
C ARG D 201 31.93 64.80 4.89
N ASP D 202 32.92 64.47 5.72
CA ASP D 202 33.10 65.18 6.97
C ASP D 202 34.52 65.00 7.46
N ALA D 203 35.43 65.86 6.98
CA ALA D 203 36.85 65.70 7.27
C ALA D 203 37.12 65.85 8.77
N ALA D 204 36.39 66.74 9.46
CA ALA D 204 36.71 67.05 10.85
C ALA D 204 36.53 65.80 11.70
N THR D 205 35.45 65.06 11.43
CA THR D 205 35.13 63.84 12.16
C THR D 205 36.10 62.72 11.74
N ASP D 206 36.33 62.57 10.42
CA ASP D 206 37.19 61.50 9.95
C ASP D 206 38.54 61.63 10.61
N VAL D 207 39.08 62.85 10.69
CA VAL D 207 40.43 63.01 11.21
C VAL D 207 40.44 62.72 12.72
N ALA D 208 39.37 63.12 13.43
CA ALA D 208 39.31 62.85 14.86
C ALA D 208 39.24 61.33 15.14
N SER D 209 38.69 60.57 14.17
CA SER D 209 38.47 59.12 14.28
C SER D 209 39.73 58.33 13.96
N ARG D 210 40.81 59.00 13.55
CA ARG D 210 42.04 58.31 13.16
C ARG D 210 42.89 57.97 14.39
N ASN D 211 42.33 58.18 15.58
CA ASN D 211 42.90 57.58 16.80
C ASN D 211 42.46 56.11 16.98
N ASP D 212 41.60 55.62 16.10
CA ASP D 212 40.98 54.32 16.30
C ASP D 212 41.40 53.36 15.19
N PRO D 213 42.15 52.29 15.50
CA PRO D 213 42.54 51.31 14.48
C PRO D 213 41.37 50.57 13.85
N LYS D 214 40.25 50.45 14.58
CA LYS D 214 39.04 49.82 14.02
C LYS D 214 38.55 50.63 12.83
N TYR D 215 38.52 51.97 13.05
CA TYR D 215 38.09 52.95 12.06
C TYR D 215 39.02 52.94 10.86
N VAL D 216 40.32 53.13 11.13
CA VAL D 216 41.32 53.20 10.07
C VAL D 216 41.26 51.91 9.26
N GLY D 217 41.14 50.77 9.95
CA GLY D 217 41.13 49.48 9.32
C GLY D 217 39.96 49.34 8.35
N ARG D 218 38.77 49.74 8.81
CA ARG D 218 37.56 49.60 8.01
C ARG D 218 37.66 50.50 6.78
N VAL D 219 38.20 51.73 6.97
CA VAL D 219 38.34 52.72 5.90
C VAL D 219 39.24 52.12 4.83
N LEU D 220 40.36 51.53 5.26
CA LEU D 220 41.31 51.00 4.31
C LEU D 220 40.68 49.85 3.55
N SER D 221 39.78 49.08 4.19
CA SER D 221 39.20 47.90 3.55
C SER D 221 38.29 48.36 2.42
N ALA D 222 37.75 49.57 2.53
CA ALA D 222 36.97 50.15 1.45
C ALA D 222 37.90 50.75 0.39
N MET D 223 38.89 51.54 0.81
CA MET D 223 39.58 52.48 -0.09
C MET D 223 40.61 51.75 -0.97
N ILE D 224 40.99 50.54 -0.60
CA ILE D 224 41.97 49.83 -1.39
C ILE D 224 41.31 49.30 -2.66
N ASN D 225 39.98 49.20 -2.65
CA ASN D 225 39.25 48.83 -3.85
C ASN D 225 38.62 50.09 -4.45
N SER D 226 38.54 50.09 -5.80
CA SER D 226 38.10 51.24 -6.57
C SER D 226 36.62 51.51 -6.31
N ASN D 227 35.86 50.43 -6.03
CA ASN D 227 34.40 50.51 -5.91
C ASN D 227 34.01 51.58 -4.90
N ASP D 228 33.08 52.47 -5.31
CA ASP D 228 32.40 53.42 -4.43
C ASP D 228 33.18 54.74 -4.29
N ASP D 229 34.53 54.72 -4.42
CA ASP D 229 35.31 55.81 -3.83
C ASP D 229 36.54 56.18 -4.68
N ASN D 230 36.66 55.59 -5.90
CA ASN D 230 37.88 55.70 -6.72
C ASN D 230 39.15 55.35 -5.93
N GLY D 231 39.04 54.32 -5.12
CA GLY D 231 40.18 53.83 -4.39
C GLY D 231 41.20 53.19 -5.31
N VAL D 232 42.12 52.45 -4.71
CA VAL D 232 43.44 52.25 -5.27
C VAL D 232 43.36 51.29 -6.46
N LEU D 233 42.62 50.18 -6.30
CA LEU D 233 42.70 49.04 -7.23
C LEU D 233 41.33 48.76 -7.82
N ALA D 234 41.29 48.62 -9.13
CA ALA D 234 40.12 48.10 -9.80
C ALA D 234 40.24 46.60 -9.97
N GLY D 235 39.22 45.90 -9.50
CA GLY D 235 39.16 44.46 -9.64
C GLY D 235 38.92 44.06 -11.09
N ASN D 236 39.39 42.87 -11.47
CA ASN D 236 39.02 42.28 -12.72
C ASN D 236 39.23 40.77 -12.68
N TRP D 237 38.13 40.00 -12.75
CA TRP D 237 38.22 38.54 -12.76
C TRP D 237 37.71 38.01 -14.10
N SER D 238 37.82 38.83 -15.15
CA SER D 238 37.18 38.54 -16.44
C SER D 238 38.06 37.67 -17.32
N GLY D 239 39.38 37.65 -17.03
CA GLY D 239 40.34 36.97 -17.91
C GLY D 239 40.89 37.88 -19.01
N THR D 240 40.21 39.01 -19.24
CA THR D 240 40.63 39.98 -20.26
C THR D 240 41.03 41.25 -19.54
N TYR D 241 42.29 41.65 -19.68
CA TYR D 241 42.83 42.77 -18.90
C TYR D 241 43.30 43.90 -19.83
N THR D 242 42.54 44.14 -20.89
CA THR D 242 42.78 45.26 -21.78
C THR D 242 42.56 46.56 -21.01
N GLY D 243 43.46 47.51 -21.23
CA GLY D 243 43.41 48.79 -20.56
C GLY D 243 44.35 48.85 -19.37
N GLY D 244 45.00 47.72 -19.02
CA GLY D 244 45.77 47.65 -17.77
C GLY D 244 46.62 46.39 -17.67
N ARG D 245 47.12 46.13 -16.47
CA ARG D 245 47.98 45.01 -16.20
C ARG D 245 47.13 43.77 -15.85
N ASP D 246 47.55 42.60 -16.35
CA ASP D 246 47.16 41.32 -15.80
C ASP D 246 47.42 41.31 -14.29
N PRO D 247 46.41 41.02 -13.44
CA PRO D 247 46.59 40.98 -12.00
C PRO D 247 47.81 40.19 -11.55
N ARG D 248 48.22 39.21 -12.37
CA ARG D 248 49.28 38.30 -11.99
C ARG D 248 50.67 38.94 -12.16
N SER D 249 50.77 40.09 -12.86
CA SER D 249 52.08 40.63 -13.19
C SER D 249 52.68 41.41 -12.01
N TRP D 250 51.84 42.02 -11.16
CA TRP D 250 52.33 42.71 -9.96
C TRP D 250 53.14 41.74 -9.10
N ASN D 251 54.22 42.22 -8.45
CA ASN D 251 54.85 41.45 -7.37
C ASN D 251 55.09 42.30 -6.12
N GLY D 252 54.40 43.42 -6.03
CA GLY D 252 54.47 44.20 -4.81
C GLY D 252 53.45 45.34 -4.81
N SER D 253 53.39 46.02 -3.67
CA SER D 253 52.43 47.08 -3.44
C SER D 253 52.95 48.37 -4.04
N VAL D 254 54.28 48.46 -4.24
CA VAL D 254 54.97 49.74 -4.33
C VAL D 254 54.63 50.40 -5.68
N GLU D 255 54.68 49.62 -6.77
CA GLU D 255 54.31 50.12 -8.09
C GLU D 255 52.85 50.56 -8.12
N ILE D 256 51.99 49.76 -7.47
CA ILE D 256 50.55 50.01 -7.47
C ILE D 256 50.29 51.35 -6.80
N LEU D 257 50.86 51.53 -5.58
CA LEU D 257 50.59 52.73 -4.78
C LEU D 257 51.13 53.98 -5.50
N LYS D 258 52.35 53.86 -6.05
CA LYS D 258 52.98 54.96 -6.78
C LYS D 258 52.17 55.30 -8.03
N ASN D 259 51.79 54.27 -8.82
CA ASN D 259 50.99 54.48 -10.02
C ASN D 259 49.68 55.20 -9.68
N TRP D 260 49.06 54.82 -8.55
CA TRP D 260 47.80 55.43 -8.14
C TRP D 260 48.03 56.93 -7.90
N LYS D 261 49.08 57.25 -7.13
CA LYS D 261 49.38 58.65 -6.82
C LYS D 261 49.65 59.43 -8.10
N LYS D 262 50.54 58.90 -8.96
CA LYS D 262 51.14 59.66 -10.05
C LYS D 262 50.21 59.73 -11.26
N SER D 263 49.11 58.99 -11.23
CA SER D 263 48.06 59.12 -12.22
C SER D 263 47.03 60.18 -11.79
N GLY D 264 47.28 60.84 -10.64
CA GLY D 264 46.30 61.74 -10.05
C GLY D 264 45.23 60.98 -9.26
N PHE D 265 45.64 59.88 -8.60
CA PHE D 265 44.77 59.13 -7.71
C PHE D 265 43.62 58.52 -8.50
N SER D 266 43.96 57.92 -9.62
CA SER D 266 42.99 57.20 -10.39
C SER D 266 43.21 55.70 -10.18
N PRO D 267 42.11 54.88 -10.16
CA PRO D 267 42.20 53.44 -9.98
C PRO D 267 43.22 52.75 -10.89
N VAL D 268 44.07 51.95 -10.27
CA VAL D 268 45.05 51.13 -10.94
C VAL D 268 44.40 49.84 -11.44
N ARG D 269 44.62 49.55 -12.72
CA ARG D 269 44.01 48.40 -13.37
C ARG D 269 45.09 47.37 -13.67
N TYR D 270 44.95 46.10 -13.18
CA TYR D 270 43.82 45.56 -12.43
C TYR D 270 44.34 44.71 -11.27
N GLY D 271 43.46 44.43 -10.28
CA GLY D 271 43.79 43.56 -9.15
C GLY D 271 42.89 42.31 -9.06
N GLN D 272 43.38 41.26 -8.35
CA GLN D 272 42.57 40.20 -7.78
C GLN D 272 42.96 40.00 -6.32
N CYS D 273 42.40 38.97 -5.63
CA CYS D 273 42.23 39.01 -4.16
C CYS D 273 43.58 39.25 -3.44
N TRP D 274 44.65 38.60 -3.92
CA TRP D 274 45.96 38.67 -3.25
C TRP D 274 46.61 40.05 -3.45
N VAL D 275 46.22 40.71 -4.55
CA VAL D 275 46.74 42.04 -4.85
C VAL D 275 46.13 43.05 -3.87
N PHE D 276 44.81 43.00 -3.70
CA PHE D 276 44.13 43.82 -2.71
C PHE D 276 44.81 43.60 -1.35
N ALA D 277 45.02 42.32 -0.98
CA ALA D 277 45.46 41.99 0.37
C ALA D 277 46.89 42.46 0.58
N GLY D 278 47.74 42.28 -0.46
CA GLY D 278 49.13 42.72 -0.38
C GLY D 278 49.18 44.23 -0.11
N THR D 279 48.34 44.96 -0.84
CA THR D 279 48.37 46.42 -0.82
C THR D 279 47.81 46.90 0.53
N LEU D 280 46.73 46.27 0.99
CA LEU D 280 46.17 46.61 2.28
C LEU D 280 47.22 46.34 3.37
N ASN D 281 48.02 45.29 3.20
CA ASN D 281 49.00 44.91 4.22
C ASN D 281 50.05 46.02 4.33
N THR D 282 50.43 46.58 3.17
CA THR D 282 51.43 47.64 3.15
C THR D 282 50.92 48.81 3.98
N ALA D 283 49.68 49.19 3.71
CA ALA D 283 49.07 50.34 4.35
C ALA D 283 49.03 50.16 5.87
N LEU D 284 48.62 48.95 6.29
CA LEU D 284 48.44 48.69 7.71
C LEU D 284 49.81 48.77 8.40
N ARG D 285 50.81 48.11 7.82
CA ARG D 285 52.11 48.06 8.46
C ARG D 285 52.70 49.46 8.53
N SER D 286 52.46 50.27 7.49
CA SER D 286 53.09 51.56 7.45
C SER D 286 52.55 52.42 8.60
N LEU D 287 51.24 52.32 8.87
CA LEU D 287 50.61 53.22 9.79
C LEU D 287 50.85 52.73 11.22
N GLY D 288 51.31 51.49 11.36
CA GLY D 288 51.65 50.93 12.67
C GLY D 288 50.57 49.99 13.24
N ILE D 289 49.67 49.48 12.37
CA ILE D 289 48.78 48.40 12.76
C ILE D 289 49.42 47.08 12.38
N PRO D 290 49.88 46.26 13.37
CA PRO D 290 50.45 44.97 13.05
C PRO D 290 49.48 44.17 12.20
N SER D 291 49.95 43.58 11.11
CA SER D 291 49.04 42.92 10.21
C SER D 291 49.72 41.77 9.51
N ARG D 292 48.91 40.89 8.91
CA ARG D 292 49.42 39.80 8.11
C ARG D 292 48.38 39.36 7.10
N VAL D 293 48.81 38.48 6.17
CA VAL D 293 47.98 38.06 5.04
C VAL D 293 47.55 36.59 5.25
N ILE D 294 46.25 36.35 5.06
CA ILE D 294 45.63 35.05 5.28
C ILE D 294 45.14 34.50 3.93
N THR D 295 45.36 33.20 3.70
CA THR D 295 44.75 32.51 2.58
C THR D 295 43.86 31.39 3.12
N ASN D 296 42.62 31.36 2.63
CA ASN D 296 41.64 30.35 2.98
C ASN D 296 41.40 29.50 1.74
N PHE D 297 41.53 28.17 1.85
CA PHE D 297 41.23 27.29 0.71
C PHE D 297 39.81 26.75 0.86
N ASN D 298 39.13 26.49 -0.29
CA ASN D 298 37.67 26.30 -0.33
C ASN D 298 36.97 27.36 0.53
N SER D 299 36.97 28.60 0.02
CA SER D 299 36.40 29.74 0.70
C SER D 299 34.98 29.99 0.17
N ALA D 300 34.02 30.08 1.08
CA ALA D 300 32.62 30.09 0.69
C ALA D 300 32.18 31.52 0.45
N HIS D 301 31.49 31.72 -0.70
CA HIS D 301 30.68 32.90 -0.93
C HIS D 301 29.22 32.61 -0.63
N ASP D 302 28.80 33.02 0.57
CA ASP D 302 27.42 32.94 1.00
C ASP D 302 26.73 34.24 0.63
N THR D 303 25.70 34.12 -0.21
CA THR D 303 25.05 35.29 -0.79
C THR D 303 23.73 35.58 -0.07
N ASP D 304 23.30 34.71 0.83
CA ASP D 304 21.97 34.83 1.43
C ASP D 304 22.02 34.57 2.95
N ARG D 305 23.14 34.91 3.60
CA ARG D 305 23.23 34.95 5.05
C ARG D 305 22.48 33.82 5.72
N ASN D 306 22.82 32.55 5.36
CA ASN D 306 22.33 31.38 6.11
C ASN D 306 23.47 30.45 6.57
N LEU D 307 24.76 30.82 6.33
CA LEU D 307 25.93 30.05 6.78
C LEU D 307 26.01 28.71 6.05
N SER D 308 25.41 28.65 4.87
CA SER D 308 25.48 27.45 4.07
C SER D 308 25.63 27.84 2.63
N VAL D 309 26.44 27.09 1.90
CA VAL D 309 26.47 27.13 0.46
C VAL D 309 25.43 26.16 -0.08
N ASP D 310 24.46 26.67 -0.86
CA ASP D 310 23.31 25.87 -1.24
C ASP D 310 23.38 25.51 -2.71
N VAL D 311 23.22 24.21 -2.99
CA VAL D 311 23.18 23.67 -4.34
C VAL D 311 21.88 22.89 -4.55
N TYR D 312 21.31 22.96 -5.75
CA TYR D 312 19.94 22.48 -5.93
C TYR D 312 19.87 21.43 -7.01
N TYR D 313 19.07 20.39 -6.72
CA TYR D 313 18.72 19.39 -7.71
C TYR D 313 17.20 19.18 -7.68
N ASP D 314 16.67 18.69 -8.80
CA ASP D 314 15.31 18.20 -8.84
C ASP D 314 15.28 16.77 -8.30
N PRO D 315 14.09 16.21 -7.98
CA PRO D 315 14.02 14.87 -7.41
C PRO D 315 14.53 13.73 -8.31
N MET D 316 14.72 13.97 -9.60
CA MET D 316 15.30 12.91 -10.44
C MET D 316 16.84 13.02 -10.44
N GLY D 317 17.39 14.04 -9.78
CA GLY D 317 18.84 14.19 -9.63
C GLY D 317 19.48 15.14 -10.65
N ASN D 318 18.68 15.86 -11.45
CA ASN D 318 19.23 16.84 -12.39
C ASN D 318 19.66 18.09 -11.64
N PRO D 319 20.80 18.72 -12.01
CA PRO D 319 21.21 19.94 -11.35
C PRO D 319 20.36 21.10 -11.79
N LEU D 320 20.05 21.98 -10.85
CA LEU D 320 19.22 23.14 -11.11
C LEU D 320 20.09 24.38 -11.14
N ASP D 321 19.70 25.30 -12.01
CA ASP D 321 20.35 26.59 -12.17
C ASP D 321 20.25 27.48 -10.90
N LYS D 322 19.28 27.22 -10.00
CA LYS D 322 19.02 28.11 -8.87
C LYS D 322 20.27 28.21 -8.00
N GLY D 323 20.41 29.34 -7.31
CA GLY D 323 21.51 29.53 -6.37
C GLY D 323 22.54 30.52 -6.91
N SER D 324 22.99 31.41 -6.02
CA SER D 324 24.11 32.29 -6.32
C SER D 324 25.33 31.98 -5.46
N ASP D 325 25.23 31.03 -4.55
CA ASP D 325 26.33 30.72 -3.65
C ASP D 325 27.44 30.06 -4.45
N SER D 326 28.71 30.26 -4.02
CA SER D 326 29.85 29.70 -4.73
C SER D 326 31.01 29.44 -3.76
N VAL D 327 31.97 28.68 -4.23
CA VAL D 327 33.11 28.34 -3.43
C VAL D 327 34.37 28.58 -4.26
N TRP D 328 35.24 29.45 -3.75
CA TRP D 328 36.51 29.78 -4.39
C TRP D 328 37.53 28.69 -4.04
N ASN D 329 38.43 28.36 -4.99
CA ASN D 329 39.56 27.47 -4.67
C ASN D 329 40.39 28.00 -3.53
N PHE D 330 40.68 29.31 -3.57
CA PHE D 330 41.22 30.01 -2.42
C PHE D 330 40.77 31.45 -2.46
N HIS D 331 40.84 32.13 -1.31
CA HIS D 331 40.63 33.56 -1.22
C HIS D 331 41.61 34.13 -0.19
N VAL D 332 42.12 35.33 -0.46
CA VAL D 332 43.09 35.97 0.42
C VAL D 332 42.48 37.20 1.10
N TRP D 333 42.79 37.37 2.38
CA TRP D 333 42.41 38.58 3.12
C TRP D 333 43.49 38.89 4.16
N ASN D 334 43.16 39.78 5.11
CA ASN D 334 44.15 40.30 6.05
C ASN D 334 43.64 40.16 7.48
N GLU D 335 44.58 40.13 8.42
CA GLU D 335 44.28 40.35 9.82
C GLU D 335 45.11 41.52 10.34
N GLY D 336 44.46 42.37 11.13
CA GLY D 336 45.12 43.45 11.87
C GLY D 336 45.00 43.20 13.37
N TRP D 337 45.96 43.71 14.14
CA TRP D 337 46.06 43.40 15.57
C TRP D 337 45.67 44.62 16.41
N PHE D 338 44.55 44.50 17.15
CA PHE D 338 44.17 45.56 18.08
C PHE D 338 43.09 45.08 19.05
N VAL D 339 42.96 45.84 20.14
CA VAL D 339 41.87 45.64 21.08
C VAL D 339 40.60 46.15 20.45
N ARG D 340 39.47 45.67 20.99
CA ARG D 340 38.16 46.03 20.50
C ARG D 340 37.33 46.57 21.63
N SER D 341 37.43 47.89 21.89
CA SER D 341 36.74 48.49 23.02
C SER D 341 35.24 48.50 22.76
N ASP D 342 34.87 48.28 21.49
CA ASP D 342 33.47 48.25 21.06
C ASP D 342 32.80 46.92 21.40
N LEU D 343 33.61 45.83 21.52
CA LEU D 343 33.10 44.47 21.74
C LEU D 343 33.30 44.06 23.21
N GLY D 344 34.48 44.39 23.75
CA GLY D 344 34.84 44.00 25.11
C GLY D 344 36.13 43.19 25.15
N PRO D 345 36.65 42.93 26.37
CA PRO D 345 38.03 42.47 26.54
C PRO D 345 38.33 41.11 25.91
N SER D 346 37.31 40.25 25.76
CA SER D 346 37.56 38.88 25.34
C SER D 346 37.78 38.80 23.82
N TYR D 347 37.63 39.94 23.09
CA TYR D 347 37.51 39.90 21.63
C TYR D 347 38.65 40.63 20.93
N GLY D 348 39.69 41.04 21.69
CA GLY D 348 40.88 41.68 21.10
C GLY D 348 41.70 40.71 20.22
N GLY D 349 42.84 41.19 19.71
CA GLY D 349 43.76 40.36 18.98
C GLY D 349 43.56 40.50 17.49
N TRP D 350 43.57 39.38 16.78
CA TRP D 350 43.51 39.43 15.33
C TRP D 350 42.09 39.76 14.87
N GLN D 351 42.01 40.62 13.86
CA GLN D 351 40.75 41.10 13.34
C GLN D 351 40.79 41.01 11.82
N VAL D 352 39.79 40.38 11.22
CA VAL D 352 39.73 40.19 9.78
C VAL D 352 39.42 41.52 9.12
N LEU D 353 40.20 41.84 8.09
CA LEU D 353 39.88 42.95 7.19
C LEU D 353 40.05 42.43 5.77
N ASP D 354 39.15 42.84 4.87
CA ASP D 354 39.14 42.34 3.50
C ASP D 354 38.80 43.48 2.54
N ALA D 355 39.76 43.81 1.66
CA ALA D 355 39.57 44.90 0.71
C ALA D 355 39.01 44.37 -0.61
N THR D 356 38.94 43.04 -0.77
CA THR D 356 38.38 42.47 -1.98
C THR D 356 36.90 42.79 -2.00
N PRO D 357 36.36 43.38 -3.10
CA PRO D 357 34.93 43.69 -3.18
C PRO D 357 34.08 42.46 -3.52
N GLN D 358 33.45 41.89 -2.46
CA GLN D 358 32.61 40.70 -2.57
C GLN D 358 31.14 41.07 -2.30
N GLU D 359 30.87 41.50 -1.04
CA GLU D 359 29.52 41.86 -0.62
C GLU D 359 29.54 43.27 -0.03
N ARG D 360 28.41 43.97 -0.21
CA ARG D 360 28.22 45.27 0.38
C ARG D 360 27.96 45.13 1.87
N SER D 361 28.49 46.09 2.63
CA SER D 361 28.33 46.19 4.06
C SER D 361 27.97 47.63 4.40
N GLN D 362 26.73 47.86 4.83
CA GLN D 362 26.22 49.22 4.99
C GLN D 362 26.32 49.95 3.65
N GLY D 363 26.05 49.21 2.56
CA GLY D 363 25.94 49.82 1.24
C GLY D 363 27.30 50.04 0.54
N VAL D 364 28.41 49.64 1.19
CA VAL D 364 29.76 49.87 0.68
C VAL D 364 30.51 48.54 0.57
N PHE D 365 31.34 48.40 -0.48
CA PHE D 365 32.28 47.28 -0.54
C PHE D 365 33.40 47.54 0.45
N GLN D 366 33.21 46.94 1.63
CA GLN D 366 34.17 46.97 2.72
C GLN D 366 33.88 45.78 3.62
N CYS D 367 34.76 45.51 4.58
CA CYS D 367 34.70 44.26 5.31
C CYS D 367 35.62 44.28 6.52
N GLY D 368 35.03 44.08 7.68
CA GLY D 368 35.78 44.00 8.91
C GLY D 368 35.83 45.37 9.59
N PRO D 369 36.41 45.49 10.82
CA PRO D 369 37.12 44.41 11.46
C PRO D 369 36.22 43.37 12.11
N ALA D 370 36.58 42.07 11.95
CA ALA D 370 35.89 40.95 12.58
C ALA D 370 36.84 40.25 13.55
N SER D 371 36.44 40.14 14.85
CA SER D 371 37.24 39.42 15.83
C SER D 371 37.36 37.95 15.45
N VAL D 372 38.61 37.46 15.30
CA VAL D 372 38.80 36.09 14.84
C VAL D 372 38.36 35.17 15.97
N ILE D 373 38.56 35.63 17.23
CA ILE D 373 38.05 34.93 18.40
C ILE D 373 36.54 34.78 18.28
N GLY D 374 35.86 35.90 18.05
CA GLY D 374 34.42 35.88 17.86
C GLY D 374 34.00 34.82 16.81
N VAL D 375 34.74 34.73 15.70
CA VAL D 375 34.33 33.90 14.59
C VAL D 375 34.41 32.44 15.01
N ARG D 376 35.46 32.11 15.75
CA ARG D 376 35.68 30.74 16.18
C ARG D 376 34.56 30.29 17.13
N GLU D 377 34.12 31.22 18.00
CA GLU D 377 33.07 30.97 18.99
C GLU D 377 31.66 31.17 18.39
N GLY D 378 31.58 31.57 17.13
CA GLY D 378 30.29 31.68 16.44
C GLY D 378 29.44 32.87 16.93
N ASP D 379 30.09 33.88 17.51
CA ASP D 379 29.40 35.08 17.96
C ASP D 379 29.15 36.03 16.79
N VAL D 380 28.29 35.60 15.84
CA VAL D 380 28.18 36.30 14.56
C VAL D 380 27.19 37.47 14.62
N GLN D 381 26.69 37.79 15.80
CA GLN D 381 25.94 39.03 15.97
C GLN D 381 26.90 40.23 16.22
N LEU D 382 28.21 40.00 16.35
CA LEU D 382 29.12 41.12 16.64
C LEU D 382 29.49 41.85 15.36
N ASN D 383 29.85 43.13 15.53
CA ASN D 383 30.48 43.90 14.46
C ASN D 383 31.89 43.38 14.21
N PHE D 384 32.32 43.28 12.92
CA PHE D 384 31.57 43.67 11.71
C PHE D 384 31.67 42.51 10.70
N ASP D 385 30.60 42.29 9.98
CA ASP D 385 30.58 41.40 8.81
C ASP D 385 30.84 39.92 9.17
N MET D 386 30.44 39.50 10.38
CA MET D 386 30.84 38.20 10.88
C MET D 386 30.10 37.09 10.14
N PRO D 387 28.80 37.25 9.83
CA PRO D 387 28.07 36.20 9.10
C PRO D 387 28.75 35.81 7.79
N PHE D 388 29.20 36.81 7.04
CA PHE D 388 29.81 36.56 5.75
C PHE D 388 31.14 35.84 5.96
N ILE D 389 31.95 36.34 6.91
CA ILE D 389 33.28 35.79 7.18
C ILE D 389 33.17 34.38 7.79
N PHE D 390 32.19 34.16 8.67
CA PHE D 390 31.99 32.84 9.28
C PHE D 390 31.64 31.83 8.19
N ALA D 391 30.78 32.21 7.25
CA ALA D 391 30.47 31.35 6.12
C ALA D 391 31.72 31.08 5.28
N GLU D 392 32.59 32.08 5.10
CA GLU D 392 33.76 31.93 4.26
C GLU D 392 34.60 30.75 4.77
N VAL D 393 34.76 30.67 6.10
CA VAL D 393 35.67 29.70 6.70
C VAL D 393 34.93 28.41 7.10
N ASN D 394 33.60 28.46 7.32
CA ASN D 394 32.95 27.36 8.05
C ASN D 394 31.52 27.10 7.59
N ALA D 395 31.12 27.60 6.42
CA ALA D 395 29.81 27.27 5.90
C ALA D 395 29.67 25.75 5.78
N ASP D 396 28.47 25.26 6.03
CA ASP D 396 28.06 23.95 5.55
C ASP D 396 27.75 24.04 4.08
N ARG D 397 27.96 22.95 3.38
CA ARG D 397 27.58 22.85 1.99
C ARG D 397 26.42 21.89 1.87
N ILE D 398 25.28 22.45 1.47
CA ILE D 398 24.02 21.77 1.55
C ILE D 398 23.49 21.54 0.14
N THR D 399 23.15 20.29 -0.14
CA THR D 399 22.43 19.92 -1.33
C THR D 399 20.93 19.89 -1.03
N TRP D 400 20.16 20.58 -1.86
CA TRP D 400 18.72 20.67 -1.69
C TRP D 400 18.04 19.96 -2.83
N LEU D 401 16.91 19.36 -2.50
CA LEU D 401 15.96 18.92 -3.47
C LEU D 401 14.91 19.98 -3.61
N TYR D 402 14.47 20.21 -4.84
CA TYR D 402 13.44 21.20 -5.11
C TYR D 402 12.48 20.61 -6.09
N ASP D 403 11.20 20.59 -5.68
CA ASP D 403 10.10 20.13 -6.50
C ASP D 403 9.28 21.32 -6.97
N ASN D 404 9.39 21.57 -8.26
CA ASN D 404 8.90 22.76 -8.91
C ASN D 404 7.37 22.79 -8.89
N THR D 405 6.77 21.60 -8.92
CA THR D 405 5.32 21.49 -8.99
C THR D 405 4.70 21.99 -7.69
N THR D 406 5.28 21.60 -6.54
CA THR D 406 4.68 21.89 -5.23
C THR D 406 5.37 23.06 -4.56
N GLY D 407 6.47 23.52 -5.17
CA GLY D 407 7.26 24.61 -4.62
C GLY D 407 8.05 24.20 -3.36
N LYS D 408 8.10 22.90 -3.08
CA LYS D 408 8.70 22.39 -1.85
C LYS D 408 10.17 22.12 -2.08
N GLN D 409 11.00 22.58 -1.13
CA GLN D 409 12.41 22.24 -1.16
C GLN D 409 12.77 21.62 0.15
N TRP D 410 13.54 20.55 0.09
CA TRP D 410 13.99 19.89 1.29
C TRP D 410 15.46 19.53 1.20
N LYS D 411 16.05 19.38 2.36
CA LYS D 411 17.47 19.22 2.49
C LYS D 411 17.83 17.77 2.20
N ASN D 412 18.84 17.57 1.35
CA ASN D 412 19.19 16.24 0.86
C ASN D 412 20.48 15.71 1.51
N SER D 413 21.51 16.54 1.58
CA SER D 413 22.75 16.16 2.25
C SER D 413 23.47 17.40 2.77
N VAL D 414 24.35 17.16 3.72
CA VAL D 414 25.15 18.20 4.30
C VAL D 414 26.62 17.75 4.30
N ASN D 415 27.51 18.67 3.95
CA ASN D 415 28.93 18.47 4.16
C ASN D 415 29.48 19.61 5.00
N SER D 416 29.86 19.28 6.21
CA SER D 416 30.10 20.29 7.21
C SER D 416 31.61 20.51 7.42
N HIS D 417 32.43 20.06 6.50
CA HIS D 417 33.87 20.07 6.74
C HIS D 417 34.64 20.55 5.53
N THR D 418 34.01 20.55 4.33
CA THR D 418 34.72 20.76 3.06
C THR D 418 35.14 22.24 2.92
N ILE D 419 34.35 23.15 3.48
CA ILE D 419 34.63 24.57 3.44
C ILE D 419 35.70 24.90 4.48
N GLY D 420 36.68 25.74 4.08
CA GLY D 420 37.58 26.34 5.05
C GLY D 420 38.70 25.40 5.45
N ARG D 421 39.72 25.33 4.60
CA ARG D 421 40.77 24.35 4.73
C ARG D 421 42.13 25.04 4.63
N TYR D 422 43.09 24.58 5.46
CA TYR D 422 44.49 24.97 5.34
C TYR D 422 44.59 26.48 5.33
N ILE D 423 43.89 27.13 6.25
CA ILE D 423 44.00 28.56 6.41
C ILE D 423 45.44 28.90 6.84
N SER D 424 46.09 29.75 6.04
CA SER D 424 47.56 29.83 6.01
C SER D 424 48.03 31.29 6.09
N THR D 425 49.09 31.49 6.87
CA THR D 425 49.82 32.75 6.88
C THR D 425 51.33 32.43 6.97
N LYS D 426 52.17 33.36 6.49
CA LYS D 426 53.61 33.24 6.57
C LYS D 426 54.02 33.09 8.03
N ALA D 427 55.04 32.26 8.28
CA ALA D 427 55.57 32.07 9.60
C ALA D 427 56.37 33.29 10.04
N VAL D 428 56.46 33.50 11.35
CA VAL D 428 57.31 34.55 11.90
C VAL D 428 58.75 34.20 11.55
N GLY D 429 59.40 35.05 10.75
CA GLY D 429 60.85 34.97 10.57
C GLY D 429 61.27 33.85 9.61
N SER D 430 60.36 33.38 8.77
CA SER D 430 60.73 32.43 7.73
C SER D 430 59.66 32.43 6.65
N ASN D 431 59.84 31.58 5.62
CA ASN D 431 58.86 31.47 4.55
C ASN D 431 58.02 30.19 4.70
N ALA D 432 58.03 29.61 5.92
CA ALA D 432 57.21 28.44 6.19
C ALA D 432 55.74 28.85 6.23
N ARG D 433 54.88 27.91 5.83
CA ARG D 433 53.44 28.05 5.95
C ARG D 433 53.02 27.72 7.39
N MET D 434 52.42 28.71 8.08
CA MET D 434 51.76 28.46 9.35
C MET D 434 50.26 28.26 9.11
N ASP D 435 49.70 27.21 9.70
CA ASP D 435 48.30 26.88 9.54
C ASP D 435 47.56 27.44 10.73
N VAL D 436 46.50 28.22 10.46
CA VAL D 436 45.79 28.92 11.52
C VAL D 436 44.32 28.56 11.48
N THR D 437 43.99 27.41 10.86
CA THR D 437 42.60 26.93 10.80
C THR D 437 42.00 26.82 12.20
N ASP D 438 42.80 26.37 13.18
CA ASP D 438 42.33 26.15 14.55
C ASP D 438 42.03 27.49 15.26
N LYS D 439 42.39 28.63 14.63
CA LYS D 439 42.11 29.95 15.17
C LYS D 439 40.73 30.43 14.73
N TYR D 440 40.28 29.92 13.58
CA TYR D 440 39.02 30.35 12.96
C TYR D 440 37.84 29.45 13.41
N LYS D 441 38.13 28.21 13.80
CA LYS D 441 37.06 27.24 14.05
C LYS D 441 37.57 26.18 15.03
N TYR D 442 36.64 25.57 15.75
CA TYR D 442 36.91 24.32 16.44
C TYR D 442 37.15 23.21 15.42
N PRO D 443 37.67 22.05 15.86
CA PRO D 443 38.15 21.02 14.93
C PRO D 443 37.03 20.32 14.16
N GLU D 444 37.17 20.21 12.83
CA GLU D 444 36.10 19.62 12.02
C GLU D 444 35.87 18.19 12.53
N GLY D 445 34.61 17.85 12.86
CA GLY D 445 34.30 16.54 13.37
C GLY D 445 34.00 16.55 14.86
N SER D 446 34.46 17.58 15.57
CA SER D 446 34.14 17.74 16.99
C SER D 446 32.68 18.10 17.19
N ASP D 447 32.22 17.90 18.43
CA ASP D 447 30.90 18.31 18.87
C ASP D 447 30.86 19.82 18.99
N GLN D 448 31.95 20.41 19.51
CA GLN D 448 32.06 21.86 19.66
C GLN D 448 31.79 22.55 18.33
N GLU D 449 32.41 22.03 17.26
CA GLU D 449 32.32 22.65 15.95
C GLU D 449 30.85 22.72 15.52
N ARG D 450 30.06 21.70 15.87
CA ARG D 450 28.66 21.62 15.47
C ARG D 450 27.78 22.48 16.38
N GLN D 451 28.10 22.50 17.69
CA GLN D 451 27.44 23.36 18.65
C GLN D 451 27.59 24.83 18.28
N VAL D 452 28.83 25.23 17.89
CA VAL D 452 29.05 26.62 17.54
C VAL D 452 28.26 26.89 16.27
N PHE D 453 28.22 25.93 15.35
CA PHE D 453 27.52 26.18 14.09
C PHE D 453 26.06 26.50 14.33
N GLN D 454 25.43 25.74 15.25
CA GLN D 454 24.04 25.97 15.65
C GLN D 454 23.91 27.31 16.37
N LYS D 455 24.83 27.58 17.30
CA LYS D 455 24.85 28.86 18.01
C LYS D 455 24.84 30.02 17.02
N ALA D 456 25.80 29.99 16.07
CA ALA D 456 25.94 31.06 15.08
C ALA D 456 24.64 31.21 14.30
N LEU D 457 24.15 30.10 13.77
CA LEU D 457 22.89 30.07 13.04
C LEU D 457 21.78 30.73 13.86
N GLY D 458 21.80 30.49 15.17
CA GLY D 458 20.84 31.10 16.10
C GLY D 458 20.96 32.62 16.14
N LYS D 459 22.17 33.14 16.06
CA LYS D 459 22.42 34.56 16.30
C LYS D 459 22.21 35.40 15.03
N LEU D 460 21.90 34.74 13.89
CA LEU D 460 21.58 35.45 12.66
C LEU D 460 20.35 36.32 12.92
N LYS D 461 19.42 35.81 13.75
CA LYS D 461 18.22 36.58 14.13
C LYS D 461 17.89 36.41 15.62
N PRO D 462 18.67 37.03 16.57
CA PRO D 462 18.54 36.72 18.02
C PRO D 462 17.17 37.07 18.61
N GLN E 1 -42.84 -7.65 8.18
CA GLN E 1 -43.69 -7.95 7.00
C GLN E 1 -43.40 -9.35 6.49
N ILE E 2 -42.49 -10.10 7.17
CA ILE E 2 -42.15 -11.45 6.73
C ILE E 2 -43.26 -12.40 7.19
N THR E 3 -43.96 -12.96 6.21
CA THR E 3 -45.08 -13.83 6.46
C THR E 3 -44.98 -15.03 5.53
N LEU E 4 -45.29 -16.22 6.06
CA LEU E 4 -45.32 -17.43 5.26
C LEU E 4 -46.68 -18.12 5.45
N LYS E 5 -47.15 -18.79 4.42
CA LYS E 5 -48.48 -19.39 4.46
C LYS E 5 -48.48 -20.73 3.72
N GLU E 6 -48.91 -21.78 4.45
CA GLU E 6 -48.86 -23.14 3.94
C GLU E 6 -50.20 -23.46 3.29
N SER E 7 -50.21 -24.47 2.40
CA SER E 7 -51.42 -24.94 1.75
C SER E 7 -51.19 -26.32 1.13
N GLY E 8 -52.31 -27.03 0.88
CA GLY E 8 -52.28 -28.32 0.20
C GLY E 8 -53.42 -29.21 0.70
N PRO E 9 -53.50 -30.48 0.23
CA PRO E 9 -54.53 -31.41 0.72
C PRO E 9 -54.40 -31.71 2.22
N THR E 10 -55.55 -31.73 2.93
CA THR E 10 -55.55 -32.06 4.37
C THR E 10 -55.88 -33.54 4.56
N LEU E 11 -56.09 -34.29 3.46
CA LEU E 11 -56.21 -35.75 3.53
C LEU E 11 -55.46 -36.40 2.39
N VAL E 12 -54.67 -37.43 2.73
CA VAL E 12 -53.91 -38.21 1.77
C VAL E 12 -54.13 -39.68 2.09
N LYS E 13 -54.36 -40.50 1.05
CA LYS E 13 -54.53 -41.93 1.24
C LYS E 13 -53.16 -42.62 1.25
N PRO E 14 -52.94 -43.64 2.10
CA PRO E 14 -51.61 -44.25 2.25
C PRO E 14 -50.98 -44.66 0.93
N THR E 15 -49.65 -44.46 0.81
CA THR E 15 -48.87 -44.82 -0.36
C THR E 15 -48.77 -43.65 -1.33
N GLN E 16 -49.71 -42.70 -1.25
CA GLN E 16 -49.73 -41.57 -2.18
C GLN E 16 -48.71 -40.51 -1.73
N THR E 17 -48.61 -39.44 -2.54
CA THR E 17 -47.61 -38.40 -2.34
C THR E 17 -48.29 -37.12 -1.89
N LEU E 18 -47.94 -36.65 -0.67
CA LEU E 18 -48.37 -35.34 -0.18
C LEU E 18 -47.58 -34.27 -0.92
N THR E 19 -48.28 -33.19 -1.34
CA THR E 19 -47.58 -32.04 -1.91
C THR E 19 -48.06 -30.75 -1.22
N LEU E 20 -47.11 -30.08 -0.56
CA LEU E 20 -47.40 -28.90 0.24
C LEU E 20 -46.73 -27.69 -0.41
N THR E 21 -47.41 -26.54 -0.37
CA THR E 21 -46.86 -25.31 -0.91
C THR E 21 -46.69 -24.29 0.21
N CYS E 22 -45.59 -23.53 0.15
CA CYS E 22 -45.34 -22.41 1.02
C CYS E 22 -45.28 -21.13 0.20
N THR E 23 -46.23 -20.22 0.46
CA THR E 23 -46.27 -18.95 -0.23
C THR E 23 -45.90 -17.85 0.76
N PHE E 24 -44.86 -17.08 0.39
CA PHE E 24 -44.23 -16.18 1.33
C PHE E 24 -44.21 -14.78 0.76
N SER E 25 -44.05 -13.80 1.68
CA SER E 25 -43.86 -12.41 1.31
C SER E 25 -43.05 -11.69 2.40
N GLY E 26 -42.40 -10.56 2.02
CA GLY E 26 -41.64 -9.73 2.95
C GLY E 26 -40.12 -9.90 2.77
N PHE E 27 -39.74 -10.69 1.77
CA PHE E 27 -38.36 -11.11 1.60
C PHE E 27 -38.26 -11.92 0.31
N SER E 28 -37.07 -11.95 -0.29
CA SER E 28 -36.88 -12.64 -1.55
C SER E 28 -36.01 -13.88 -1.35
N LEU E 29 -36.39 -14.98 -1.98
CA LEU E 29 -35.57 -16.18 -2.04
C LEU E 29 -34.64 -16.10 -3.26
N ASP E 30 -34.39 -14.88 -3.71
CA ASP E 30 -33.31 -14.60 -4.65
C ASP E 30 -32.18 -13.86 -3.94
N THR E 31 -32.48 -13.27 -2.77
CA THR E 31 -31.45 -12.72 -1.90
C THR E 31 -30.46 -13.81 -1.54
N SER E 32 -29.17 -13.47 -1.62
CA SER E 32 -28.10 -14.34 -1.20
C SER E 32 -28.15 -14.55 0.33
N GLY E 33 -27.98 -15.83 0.75
CA GLY E 33 -27.82 -16.18 2.16
C GLY E 33 -29.11 -16.67 2.78
N VAL E 34 -30.20 -16.54 2.03
CA VAL E 34 -31.53 -16.77 2.56
C VAL E 34 -32.00 -18.19 2.20
N SER E 35 -32.72 -18.80 3.13
CA SER E 35 -33.18 -20.16 3.01
C SER E 35 -34.57 -20.25 3.63
N VAL E 36 -35.43 -21.14 3.10
CA VAL E 36 -36.69 -21.43 3.76
C VAL E 36 -36.78 -22.93 3.99
N GLY E 37 -37.31 -23.27 5.17
CA GLY E 37 -37.32 -24.64 5.65
C GLY E 37 -38.74 -25.11 5.93
N TRP E 38 -38.88 -26.44 6.09
CA TRP E 38 -40.12 -27.08 6.44
C TRP E 38 -39.96 -27.86 7.75
N ILE E 39 -40.96 -27.75 8.64
CA ILE E 39 -40.98 -28.47 9.90
C ILE E 39 -42.38 -29.06 10.10
N ARG E 40 -42.48 -30.23 10.73
CA ARG E 40 -43.80 -30.80 11.04
C ARG E 40 -43.88 -31.13 12.52
N GLN E 41 -45.12 -31.29 13.00
CA GLN E 41 -45.37 -31.57 14.42
C GLN E 41 -46.51 -32.59 14.60
N PRO E 42 -46.19 -33.89 14.87
CA PRO E 42 -47.22 -34.88 15.12
C PRO E 42 -48.01 -34.60 16.38
N PRO E 43 -49.33 -34.87 16.40
CA PRO E 43 -50.19 -34.34 17.43
C PRO E 43 -49.65 -34.58 18.84
N GLY E 44 -49.66 -33.51 19.66
CA GLY E 44 -49.08 -33.50 21.01
C GLY E 44 -47.67 -34.11 21.05
N LYS E 45 -46.78 -33.68 20.16
CA LYS E 45 -45.43 -34.22 20.16
C LYS E 45 -44.41 -33.14 19.77
N ALA E 46 -43.15 -33.53 19.68
CA ALA E 46 -42.09 -32.58 19.46
C ALA E 46 -42.01 -32.24 17.98
N LEU E 47 -41.43 -31.08 17.71
CA LEU E 47 -41.23 -30.59 16.36
C LEU E 47 -40.14 -31.42 15.66
N GLU E 48 -40.29 -31.60 14.34
CA GLU E 48 -39.33 -32.36 13.55
C GLU E 48 -39.01 -31.60 12.25
N TRP E 49 -37.74 -31.21 12.09
CA TRP E 49 -37.29 -30.57 10.86
C TRP E 49 -37.25 -31.58 9.69
N LEU E 50 -37.71 -31.15 8.50
CA LEU E 50 -37.87 -32.03 7.35
C LEU E 50 -36.83 -31.70 6.27
N ALA E 51 -36.84 -30.44 5.79
CA ALA E 51 -36.07 -30.07 4.61
C ALA E 51 -35.77 -28.57 4.61
N LEU E 52 -34.86 -28.16 3.73
CA LEU E 52 -34.45 -26.75 3.61
C LEU E 52 -33.99 -26.48 2.19
N ILE E 53 -34.36 -25.32 1.65
CA ILE E 53 -33.79 -24.88 0.38
C ILE E 53 -33.18 -23.49 0.52
N PHE E 54 -32.02 -23.32 -0.14
CA PHE E 54 -31.29 -22.06 -0.18
C PHE E 54 -31.65 -21.27 -1.46
N TRP E 55 -31.28 -19.97 -1.46
CA TRP E 55 -31.59 -19.03 -2.55
C TRP E 55 -31.05 -19.54 -3.89
N ASP E 56 -30.01 -20.36 -3.87
CA ASP E 56 -29.34 -20.79 -5.08
C ASP E 56 -29.73 -22.24 -5.48
N ASP E 57 -30.76 -22.78 -4.84
CA ASP E 57 -31.31 -24.12 -5.16
C ASP E 57 -30.49 -25.26 -4.53
N ASP E 58 -29.61 -24.94 -3.57
CA ASP E 58 -29.00 -25.95 -2.69
C ASP E 58 -30.07 -26.44 -1.70
N LYS E 59 -30.19 -27.77 -1.56
CA LYS E 59 -31.21 -28.36 -0.70
C LYS E 59 -30.55 -29.12 0.47
N ARG E 60 -31.24 -29.20 1.62
CA ARG E 60 -30.87 -30.12 2.69
C ARG E 60 -32.10 -30.91 3.15
N TYR E 61 -31.88 -32.15 3.63
CA TYR E 61 -32.98 -33.00 4.08
C TYR E 61 -32.62 -33.67 5.40
N SER E 62 -33.67 -33.97 6.21
CA SER E 62 -33.54 -34.87 7.35
C SER E 62 -32.91 -36.17 6.89
N PRO E 63 -31.81 -36.60 7.51
CA PRO E 63 -31.05 -37.72 7.00
C PRO E 63 -31.92 -38.98 6.87
N SER E 64 -32.86 -39.15 7.82
CA SER E 64 -33.65 -40.37 7.95
C SER E 64 -34.72 -40.41 6.86
N LEU E 65 -35.23 -39.24 6.45
CA LEU E 65 -36.39 -39.18 5.57
C LEU E 65 -35.99 -38.75 4.15
N LYS E 66 -34.67 -38.61 3.91
CA LYS E 66 -34.17 -37.96 2.70
C LYS E 66 -34.72 -38.66 1.45
N SER E 67 -34.70 -39.99 1.47
CA SER E 67 -35.06 -40.76 0.29
C SER E 67 -36.51 -40.48 -0.12
N ARG E 68 -37.32 -39.95 0.81
CA ARG E 68 -38.75 -39.75 0.55
C ARG E 68 -39.04 -38.29 0.18
N LEU E 69 -38.11 -37.38 0.50
CA LEU E 69 -38.39 -35.94 0.50
C LEU E 69 -37.86 -35.29 -0.79
N THR E 70 -38.58 -34.24 -1.28
CA THR E 70 -38.14 -33.41 -2.40
C THR E 70 -38.62 -31.98 -2.18
N ILE E 71 -37.67 -31.05 -2.03
CA ILE E 71 -38.01 -29.63 -1.90
C ILE E 71 -37.61 -28.89 -3.18
N THR E 72 -38.49 -27.96 -3.61
CA THR E 72 -38.29 -27.16 -4.82
C THR E 72 -38.84 -25.74 -4.58
N LYS E 73 -38.40 -24.79 -5.41
CA LYS E 73 -38.81 -23.41 -5.28
C LYS E 73 -39.25 -22.85 -6.63
N ASP E 74 -40.12 -21.82 -6.57
CA ASP E 74 -40.42 -20.97 -7.71
C ASP E 74 -40.43 -19.51 -7.22
N THR E 75 -39.32 -18.78 -7.48
CA THR E 75 -39.15 -17.43 -6.94
C THR E 75 -40.17 -16.49 -7.61
N SER E 76 -40.59 -16.85 -8.85
CA SER E 76 -41.54 -16.04 -9.61
C SER E 76 -42.91 -16.02 -8.93
N LYS E 77 -43.26 -17.14 -8.27
CA LYS E 77 -44.55 -17.27 -7.62
C LYS E 77 -44.41 -17.13 -6.08
N ASN E 78 -43.18 -16.95 -5.60
CA ASN E 78 -42.90 -16.75 -4.18
C ASN E 78 -43.30 -17.98 -3.40
N GLN E 79 -42.86 -19.15 -3.91
CA GLN E 79 -43.35 -20.43 -3.48
C GLN E 79 -42.19 -21.39 -3.24
N VAL E 80 -42.35 -22.21 -2.19
CA VAL E 80 -41.54 -23.38 -1.97
C VAL E 80 -42.46 -24.60 -1.86
N VAL E 81 -42.09 -25.69 -2.54
CA VAL E 81 -42.95 -26.86 -2.61
C VAL E 81 -42.25 -28.05 -1.98
N LEU E 82 -42.96 -28.72 -1.06
CA LEU E 82 -42.45 -29.92 -0.43
C LEU E 82 -43.24 -31.14 -0.92
N THR E 83 -42.51 -32.20 -1.31
CA THR E 83 -43.09 -33.46 -1.80
C THR E 83 -42.61 -34.62 -0.93
N MET E 84 -43.56 -35.35 -0.34
CA MET E 84 -43.25 -36.49 0.52
C MET E 84 -43.99 -37.73 0.02
N THR E 85 -43.20 -38.76 -0.35
CA THR E 85 -43.73 -39.94 -1.01
C THR E 85 -44.03 -41.02 0.03
N ASN E 86 -45.00 -41.87 -0.29
CA ASN E 86 -45.29 -43.08 0.46
C ASN E 86 -45.83 -42.72 1.85
N MET E 87 -46.82 -41.83 1.87
CA MET E 87 -47.38 -41.33 3.11
C MET E 87 -48.00 -42.48 3.90
N GLU E 88 -47.93 -42.37 5.22
CA GLU E 88 -48.37 -43.42 6.12
C GLU E 88 -48.96 -42.77 7.37
N PRO E 89 -49.86 -43.45 8.10
CA PRO E 89 -50.63 -42.80 9.16
C PRO E 89 -49.80 -42.05 10.20
N VAL E 90 -48.53 -42.50 10.39
CA VAL E 90 -47.63 -41.90 11.36
C VAL E 90 -47.31 -40.46 10.95
N ASP E 91 -47.44 -40.19 9.62
CA ASP E 91 -47.03 -38.92 9.00
C ASP E 91 -48.12 -37.85 9.25
N THR E 92 -49.19 -38.23 9.94
CA THR E 92 -50.22 -37.29 10.31
C THR E 92 -49.65 -36.30 11.31
N ALA E 93 -49.76 -35.01 10.95
CA ALA E 93 -49.06 -33.93 11.64
C ALA E 93 -49.52 -32.58 11.10
N THR E 94 -49.24 -31.51 11.86
CA THR E 94 -49.22 -30.16 11.32
C THR E 94 -47.87 -29.88 10.65
N TYR E 95 -47.93 -29.34 9.41
CA TYR E 95 -46.75 -29.02 8.64
C TYR E 95 -46.56 -27.48 8.59
N TYR E 96 -45.34 -27.03 8.88
CA TYR E 96 -45.00 -25.60 8.86
C TYR E 96 -43.91 -25.32 7.80
N CYS E 97 -43.92 -24.10 7.25
CA CYS E 97 -42.71 -23.58 6.60
C CYS E 97 -42.21 -22.37 7.39
N ALA E 98 -40.89 -22.09 7.27
CA ALA E 98 -40.26 -21.02 8.02
C ALA E 98 -39.04 -20.45 7.29
N HIS E 99 -38.83 -19.13 7.52
CA HIS E 99 -37.73 -18.33 6.99
C HIS E 99 -36.44 -18.60 7.76
N ARG E 100 -35.31 -18.69 7.04
CA ARG E 100 -34.00 -18.70 7.68
C ARG E 100 -33.09 -17.70 7.00
N PHE E 101 -32.25 -17.03 7.83
CA PHE E 101 -31.15 -16.22 7.34
C PHE E 101 -29.84 -16.63 8.02
N VAL E 102 -29.52 -15.97 9.12
CA VAL E 102 -28.16 -15.90 9.57
C VAL E 102 -28.04 -16.58 10.94
N GLY E 103 -29.16 -16.61 11.69
CA GLY E 103 -29.32 -17.53 12.81
C GLY E 103 -30.07 -18.79 12.39
N THR E 104 -31.19 -19.06 13.05
CA THR E 104 -31.93 -20.29 12.80
C THR E 104 -33.20 -19.99 12.00
N LEU E 105 -34.20 -20.87 12.17
CA LEU E 105 -35.56 -20.66 11.68
C LEU E 105 -36.29 -19.67 12.60
N ASP E 106 -36.58 -18.47 12.08
CA ASP E 106 -36.82 -17.30 12.92
C ASP E 106 -38.28 -16.81 12.79
N VAL E 107 -38.88 -16.96 11.59
CA VAL E 107 -40.28 -16.61 11.38
C VAL E 107 -40.98 -17.77 10.67
N TRP E 108 -42.11 -18.24 11.29
CA TRP E 108 -42.83 -19.44 10.88
C TRP E 108 -44.18 -19.08 10.26
N GLY E 109 -44.74 -20.02 9.49
CA GLY E 109 -46.12 -19.91 9.01
C GLY E 109 -47.14 -20.41 10.06
N GLN E 110 -48.43 -20.31 9.71
CA GLN E 110 -49.55 -20.65 10.60
C GLN E 110 -49.58 -22.14 10.90
N GLY E 111 -49.23 -22.96 9.86
CA GLY E 111 -49.34 -24.42 9.91
C GLY E 111 -50.61 -24.93 9.18
N THR E 112 -50.51 -26.12 8.58
CA THR E 112 -51.64 -26.76 7.93
C THR E 112 -51.67 -28.21 8.39
N THR E 113 -52.88 -28.69 8.73
CA THR E 113 -53.03 -30.05 9.26
C THR E 113 -53.19 -31.04 8.09
N VAL E 114 -52.48 -32.16 8.19
CA VAL E 114 -52.47 -33.18 7.16
C VAL E 114 -52.75 -34.52 7.83
N THR E 115 -53.87 -35.15 7.44
CA THR E 115 -54.27 -36.45 7.96
C THR E 115 -54.06 -37.52 6.88
N VAL E 116 -53.42 -38.63 7.25
CA VAL E 116 -53.15 -39.73 6.31
C VAL E 116 -54.08 -40.89 6.63
N SER E 117 -54.99 -41.22 5.69
CA SER E 117 -56.08 -42.15 5.95
C SER E 117 -56.76 -42.53 4.63
N SER E 118 -57.19 -43.79 4.52
CA SER E 118 -57.95 -44.24 3.36
C SER E 118 -59.45 -44.05 3.60
N ALA E 119 -59.82 -43.64 4.83
CA ALA E 119 -61.16 -43.12 5.12
C ALA E 119 -61.44 -41.91 4.25
N SER E 120 -62.72 -41.58 4.07
CA SER E 120 -63.10 -40.44 3.26
C SER E 120 -63.43 -39.25 4.14
N THR E 121 -63.50 -38.10 3.49
CA THR E 121 -63.99 -36.88 4.09
C THR E 121 -65.45 -37.08 4.50
N LYS E 122 -65.80 -36.60 5.69
CA LYS E 122 -67.20 -36.42 6.05
C LYS E 122 -67.35 -35.11 6.81
N GLY E 123 -68.37 -34.32 6.43
CA GLY E 123 -68.70 -33.09 7.15
C GLY E 123 -69.35 -33.38 8.50
N PRO E 124 -69.37 -32.40 9.43
CA PRO E 124 -69.97 -32.62 10.74
C PRO E 124 -71.49 -32.53 10.74
N SER E 125 -72.13 -33.27 11.66
CA SER E 125 -73.43 -32.90 12.17
C SER E 125 -73.24 -31.92 13.30
N VAL E 126 -74.13 -30.95 13.38
CA VAL E 126 -74.07 -29.96 14.44
C VAL E 126 -75.40 -29.97 15.21
N PHE E 127 -75.33 -30.32 16.49
CA PHE E 127 -76.49 -30.41 17.36
C PHE E 127 -76.40 -29.34 18.44
N PRO E 128 -77.52 -28.76 18.87
CA PRO E 128 -77.51 -27.76 19.94
C PRO E 128 -77.37 -28.37 21.33
N LEU E 129 -76.57 -27.73 22.21
CA LEU E 129 -76.48 -28.14 23.60
C LEU E 129 -77.35 -27.22 24.44
N ALA E 130 -78.46 -27.80 24.94
CA ALA E 130 -79.57 -27.09 25.54
C ALA E 130 -79.07 -26.21 26.68
N PRO E 131 -79.38 -24.88 26.66
CA PRO E 131 -78.99 -24.00 27.77
C PRO E 131 -79.65 -24.38 29.10
N SER E 132 -81.00 -24.31 29.14
CA SER E 132 -81.76 -24.52 30.37
C SER E 132 -81.20 -23.62 31.51
N LEU E 143 -74.72 -23.26 27.77
CA LEU E 143 -75.14 -23.57 26.37
C LEU E 143 -73.91 -23.79 25.49
N GLY E 144 -74.11 -24.49 24.37
CA GLY E 144 -73.04 -24.81 23.43
C GLY E 144 -73.59 -25.47 22.17
N CYS E 145 -72.70 -26.13 21.40
CA CYS E 145 -73.15 -26.99 20.31
C CYS E 145 -72.14 -28.13 20.09
N LEU E 146 -72.68 -29.31 19.71
CA LEU E 146 -71.90 -30.53 19.56
C LEU E 146 -71.60 -30.76 18.08
N VAL E 147 -70.30 -30.90 17.76
CA VAL E 147 -69.87 -31.09 16.39
C VAL E 147 -69.39 -32.52 16.21
N LYS E 148 -70.26 -33.37 15.68
CA LYS E 148 -70.07 -34.81 15.79
C LYS E 148 -69.84 -35.43 14.41
N ASP E 149 -68.92 -36.42 14.35
CA ASP E 149 -68.68 -37.25 13.17
C ASP E 149 -68.19 -36.40 11.99
N TYR E 150 -66.96 -35.87 12.12
CA TYR E 150 -66.33 -35.11 11.04
C TYR E 150 -64.98 -35.75 10.75
N PHE E 151 -64.66 -35.88 9.46
CA PHE E 151 -63.38 -36.42 9.04
C PHE E 151 -62.87 -35.65 7.83
N PRO E 152 -61.55 -35.30 7.77
CA PRO E 152 -60.67 -35.35 8.94
C PRO E 152 -60.64 -34.03 9.71
N GLU E 153 -59.68 -33.90 10.62
CA GLU E 153 -59.42 -32.62 11.24
C GLU E 153 -58.89 -31.66 10.18
N PRO E 154 -59.15 -30.33 10.33
CA PRO E 154 -59.68 -29.76 11.56
C PRO E 154 -61.04 -29.08 11.41
N VAL E 155 -61.47 -28.42 12.49
CA VAL E 155 -62.73 -27.68 12.49
C VAL E 155 -62.49 -26.40 13.30
N THR E 156 -63.04 -25.29 12.81
CA THR E 156 -62.98 -24.03 13.52
C THR E 156 -64.40 -23.70 14.02
N VAL E 157 -64.50 -23.23 15.25
CA VAL E 157 -65.78 -22.81 15.79
C VAL E 157 -65.67 -21.35 16.23
N SER E 158 -66.75 -20.59 16.01
CA SER E 158 -66.89 -19.28 16.61
C SER E 158 -68.35 -19.05 17.03
N TRP E 159 -68.61 -17.95 17.71
CA TRP E 159 -69.94 -17.63 18.16
C TRP E 159 -70.34 -16.26 17.65
N ASN E 160 -71.57 -16.18 17.10
CA ASN E 160 -72.11 -14.92 16.58
C ASN E 160 -71.08 -14.29 15.63
N SER E 161 -70.50 -15.14 14.76
CA SER E 161 -69.62 -14.73 13.67
C SER E 161 -68.36 -14.01 14.19
N GLY E 162 -68.00 -14.28 15.46
CA GLY E 162 -66.75 -13.76 16.02
C GLY E 162 -67.01 -12.63 17.02
N ALA E 163 -68.28 -12.20 17.11
CA ALA E 163 -68.69 -11.14 18.01
C ALA E 163 -68.55 -11.59 19.45
N LEU E 164 -68.74 -12.90 19.68
CA LEU E 164 -68.70 -13.46 21.02
C LEU E 164 -67.45 -14.30 21.17
N THR E 165 -66.55 -13.86 22.07
CA THR E 165 -65.26 -14.52 22.27
C THR E 165 -65.00 -14.72 23.77
N SER E 166 -65.42 -13.76 24.60
CA SER E 166 -65.02 -13.75 26.01
C SER E 166 -65.82 -14.82 26.79
N GLY E 167 -65.08 -15.81 27.34
CA GLY E 167 -65.68 -16.88 28.15
C GLY E 167 -65.99 -18.13 27.32
N VAL E 168 -65.53 -18.16 26.05
CA VAL E 168 -65.83 -19.28 25.14
C VAL E 168 -64.80 -20.37 25.33
N HIS E 169 -65.26 -21.62 25.45
CA HIS E 169 -64.37 -22.77 25.50
C HIS E 169 -64.72 -23.72 24.37
N THR E 170 -63.79 -23.86 23.43
CA THR E 170 -63.88 -24.89 22.41
C THR E 170 -62.91 -26.01 22.78
N PHE E 171 -63.46 -27.18 23.05
CA PHE E 171 -62.65 -28.30 23.50
C PHE E 171 -61.93 -28.92 22.31
N PRO E 172 -60.73 -29.48 22.52
CA PRO E 172 -60.13 -30.36 21.54
C PRO E 172 -61.05 -31.51 21.13
N ALA E 173 -60.95 -31.91 19.87
CA ALA E 173 -61.69 -33.05 19.36
C ALA E 173 -61.31 -34.33 20.10
N VAL E 174 -62.21 -35.31 20.06
CA VAL E 174 -61.91 -36.66 20.50
C VAL E 174 -62.26 -37.60 19.36
N LEU E 175 -61.31 -38.45 18.99
CA LEU E 175 -61.55 -39.46 17.96
C LEU E 175 -62.34 -40.62 18.57
N GLN E 176 -63.51 -40.92 17.98
CA GLN E 176 -64.43 -41.90 18.53
C GLN E 176 -64.11 -43.28 17.97
N SER E 177 -64.79 -44.29 18.49
CA SER E 177 -64.57 -45.67 18.08
C SER E 177 -64.76 -45.80 16.57
N SER E 178 -65.67 -44.96 16.03
CA SER E 178 -66.17 -45.10 14.67
C SER E 178 -65.12 -44.66 13.63
N GLY E 179 -64.06 -43.99 14.10
CA GLY E 179 -63.01 -43.48 13.22
C GLY E 179 -63.30 -42.03 12.82
N LEU E 180 -64.33 -41.44 13.45
CA LEU E 180 -64.76 -40.07 13.17
C LEU E 180 -64.51 -39.23 14.42
N TYR E 181 -64.33 -37.92 14.24
CA TYR E 181 -63.99 -37.03 15.34
C TYR E 181 -65.25 -36.39 15.89
N SER E 182 -65.13 -35.78 17.07
CA SER E 182 -66.24 -35.12 17.74
C SER E 182 -65.70 -34.10 18.73
N LEU E 183 -66.36 -32.93 18.82
CA LEU E 183 -65.99 -31.94 19.84
C LEU E 183 -67.19 -31.08 20.19
N SER E 184 -67.10 -30.40 21.35
CA SER E 184 -68.11 -29.49 21.81
C SER E 184 -67.51 -28.10 21.96
N SER E 185 -68.34 -27.09 21.78
CA SER E 185 -67.97 -25.72 22.12
C SER E 185 -68.98 -25.15 23.11
N VAL E 186 -68.50 -24.29 24.03
CA VAL E 186 -69.37 -23.55 24.94
C VAL E 186 -69.39 -22.06 24.53
N THR E 198 -79.78 -13.86 20.78
CA THR E 198 -79.69 -15.26 20.27
C THR E 198 -78.21 -15.64 20.15
N TYR E 199 -77.97 -16.94 20.13
CA TYR E 199 -76.63 -17.48 20.06
C TYR E 199 -76.52 -18.43 18.87
N ILE E 200 -75.61 -18.11 17.95
CA ILE E 200 -75.32 -19.00 16.83
C ILE E 200 -73.85 -19.41 16.89
N CYS E 201 -73.61 -20.74 16.75
CA CYS E 201 -72.27 -21.25 16.64
C CYS E 201 -71.94 -21.49 15.16
N ASN E 202 -70.76 -21.01 14.75
CA ASN E 202 -70.33 -21.07 13.37
C ASN E 202 -69.23 -22.11 13.24
N VAL E 203 -69.59 -23.25 12.65
CA VAL E 203 -68.68 -24.37 12.50
C VAL E 203 -68.22 -24.41 11.05
N ASN E 204 -66.90 -24.36 10.84
CA ASN E 204 -66.33 -24.52 9.51
C ASN E 204 -65.46 -25.76 9.48
N HIS E 205 -65.74 -26.62 8.50
CA HIS E 205 -64.94 -27.80 8.24
C HIS E 205 -64.46 -27.75 6.79
N LYS E 206 -63.23 -27.25 6.60
CA LYS E 206 -62.75 -26.90 5.27
C LYS E 206 -62.62 -28.16 4.40
N PRO E 207 -62.20 -29.34 4.95
CA PRO E 207 -62.00 -30.53 4.12
C PRO E 207 -63.25 -31.01 3.37
N SER E 208 -64.45 -30.67 3.88
CA SER E 208 -65.70 -31.06 3.23
C SER E 208 -66.49 -29.81 2.81
N ASN E 209 -65.86 -28.64 2.92
CA ASN E 209 -66.48 -27.37 2.52
C ASN E 209 -67.79 -27.14 3.29
N THR E 210 -67.92 -27.76 4.46
CA THR E 210 -69.19 -27.73 5.20
C THR E 210 -69.08 -26.68 6.29
N LYS E 211 -69.35 -25.42 5.92
CA LYS E 211 -69.53 -24.37 6.88
C LYS E 211 -70.99 -24.34 7.30
N VAL E 212 -71.24 -24.53 8.60
CA VAL E 212 -72.59 -24.62 9.13
C VAL E 212 -72.74 -23.63 10.28
N ASP E 213 -73.83 -22.88 10.24
CA ASP E 213 -74.19 -21.99 11.33
C ASP E 213 -75.44 -22.58 11.99
N LYS E 214 -75.40 -22.73 13.32
CA LYS E 214 -76.47 -23.41 14.05
C LYS E 214 -76.98 -22.54 15.19
N ARG E 215 -78.31 -22.43 15.31
CA ARG E 215 -78.95 -21.71 16.40
C ARG E 215 -79.00 -22.62 17.63
N VAL E 216 -78.87 -22.02 18.82
CA VAL E 216 -79.01 -22.76 20.07
C VAL E 216 -80.20 -22.24 20.86
N GLU E 217 -81.22 -23.11 21.00
CA GLU E 217 -82.52 -22.74 21.53
C GLU E 217 -82.97 -21.39 20.95
N ASP F 1 -27.48 -37.62 14.54
CA ASP F 1 -28.36 -36.54 15.08
C ASP F 1 -27.89 -36.15 16.47
N ILE F 2 -27.86 -34.86 16.75
CA ILE F 2 -27.67 -34.41 18.10
C ILE F 2 -29.01 -34.54 18.80
N VAL F 3 -28.97 -35.01 20.05
CA VAL F 3 -30.19 -35.30 20.76
C VAL F 3 -30.37 -34.29 21.88
N MET F 4 -31.54 -33.66 21.86
CA MET F 4 -31.84 -32.59 22.78
C MET F 4 -32.80 -33.11 23.84
N THR F 5 -32.37 -33.06 25.10
CA THR F 5 -33.16 -33.59 26.20
C THR F 5 -33.38 -32.50 27.24
N GLN F 6 -34.64 -32.10 27.40
CA GLN F 6 -34.99 -31.01 28.31
C GLN F 6 -35.34 -31.58 29.66
N SER F 7 -35.41 -30.72 30.66
CA SER F 7 -35.80 -31.12 31.99
C SER F 7 -36.08 -29.90 32.84
N PRO F 8 -37.20 -29.84 33.61
CA PRO F 8 -38.16 -30.93 33.69
C PRO F 8 -39.09 -31.00 32.49
N ASP F 9 -40.09 -31.88 32.57
CA ASP F 9 -41.08 -32.05 31.50
C ASP F 9 -42.26 -31.14 31.78
N SER F 10 -42.47 -30.79 33.05
CA SER F 10 -43.56 -29.93 33.42
C SER F 10 -43.17 -29.16 34.66
N LEU F 11 -43.71 -27.93 34.76
CA LEU F 11 -43.33 -27.02 35.80
C LEU F 11 -44.56 -26.20 36.16
N ALA F 12 -44.85 -26.10 37.46
CA ALA F 12 -45.89 -25.19 37.93
C ALA F 12 -45.29 -24.26 38.97
N VAL F 13 -45.41 -22.94 38.68
CA VAL F 13 -44.83 -21.91 39.53
C VAL F 13 -45.88 -20.88 39.80
N SER F 14 -45.76 -20.20 40.96
CA SER F 14 -46.65 -19.09 41.28
C SER F 14 -46.31 -17.89 40.42
N LEU F 15 -47.30 -17.01 40.23
CA LEU F 15 -47.11 -15.74 39.55
C LEU F 15 -45.96 -14.99 40.20
N GLY F 16 -45.10 -14.44 39.34
CA GLY F 16 -44.02 -13.57 39.77
C GLY F 16 -42.73 -14.34 40.06
N GLU F 17 -42.83 -15.68 40.16
CA GLU F 17 -41.71 -16.47 40.64
C GLU F 17 -40.87 -16.98 39.46
N ARG F 18 -39.70 -17.56 39.79
CA ARG F 18 -38.70 -17.95 38.80
C ARG F 18 -38.97 -19.36 38.33
N ALA F 19 -38.99 -19.52 37.01
CA ALA F 19 -39.11 -20.81 36.38
C ALA F 19 -37.88 -21.08 35.55
N THR F 20 -37.21 -22.21 35.82
CA THR F 20 -36.03 -22.57 35.06
C THR F 20 -36.26 -23.88 34.31
N ILE F 21 -35.62 -23.98 33.15
CA ILE F 21 -35.70 -25.13 32.29
C ILE F 21 -34.27 -25.45 31.84
N ASN F 22 -33.85 -26.68 32.07
CA ASN F 22 -32.58 -27.13 31.56
C ASN F 22 -32.77 -27.76 30.17
N CYS F 23 -31.74 -27.69 29.35
CA CYS F 23 -31.66 -28.44 28.12
C CYS F 23 -30.26 -29.04 28.01
N LYS F 24 -30.17 -30.26 27.50
CA LYS F 24 -28.87 -30.91 27.36
C LYS F 24 -28.76 -31.51 25.98
N SER F 25 -27.59 -31.37 25.39
CA SER F 25 -27.38 -31.88 24.07
C SER F 25 -26.42 -33.06 24.13
N SER F 26 -26.64 -34.01 23.21
CA SER F 26 -25.84 -35.22 23.13
C SER F 26 -24.41 -34.91 22.77
N GLN F 27 -24.19 -33.86 21.96
CA GLN F 27 -22.86 -33.35 21.67
C GLN F 27 -22.78 -31.89 21.97
N SER F 28 -21.57 -31.35 21.92
CA SER F 28 -21.35 -29.92 22.09
C SER F 28 -21.86 -29.17 20.85
N VAL F 29 -22.54 -28.04 21.10
CA VAL F 29 -22.98 -27.15 20.05
C VAL F 29 -22.18 -25.84 20.10
N LEU F 30 -21.07 -25.84 20.85
CA LEU F 30 -20.10 -24.75 20.79
C LEU F 30 -19.17 -24.93 19.60
N TYR F 31 -19.36 -24.11 18.58
CA TYR F 31 -18.40 -24.04 17.50
C TYR F 31 -17.21 -23.23 17.94
N SER F 32 -16.02 -23.86 17.99
CA SER F 32 -14.85 -23.20 18.57
C SER F 32 -14.41 -22.06 17.66
N SER F 33 -14.52 -22.31 16.33
CA SER F 33 -14.07 -21.42 15.23
C SER F 33 -14.54 -19.98 15.42
N ASN F 34 -15.79 -19.83 15.90
CA ASN F 34 -16.37 -18.52 16.10
C ASN F 34 -16.75 -18.35 17.58
N ASN F 35 -16.52 -19.40 18.38
CA ASN F 35 -16.88 -19.42 19.78
C ASN F 35 -18.34 -18.95 19.99
N LYS F 36 -19.27 -19.56 19.24
CA LYS F 36 -20.69 -19.29 19.40
C LYS F 36 -21.44 -20.61 19.63
N ASN F 37 -22.40 -20.59 20.56
CA ASN F 37 -23.27 -21.74 20.82
C ASN F 37 -24.49 -21.69 19.90
N TYR F 38 -24.67 -22.77 19.10
CA TYR F 38 -25.73 -22.85 18.09
C TYR F 38 -26.98 -23.47 18.70
N LEU F 39 -27.64 -22.69 19.58
CA LEU F 39 -28.65 -23.17 20.50
C LEU F 39 -29.75 -22.11 20.58
N ALA F 40 -31.02 -22.51 20.34
CA ALA F 40 -32.16 -21.59 20.40
C ALA F 40 -33.20 -22.06 21.45
N TRP F 41 -34.02 -21.12 21.93
CA TRP F 41 -35.22 -21.44 22.70
C TRP F 41 -36.47 -20.93 21.97
N TYR F 42 -37.54 -21.74 21.98
CA TYR F 42 -38.82 -21.35 21.39
C TYR F 42 -39.92 -21.44 22.45
N GLN F 43 -41.00 -20.73 22.16
CA GLN F 43 -42.21 -20.75 22.94
C GLN F 43 -43.36 -21.07 22.01
N GLN F 44 -44.16 -22.07 22.37
CA GLN F 44 -45.35 -22.42 21.62
C GLN F 44 -46.55 -22.35 22.54
N LYS F 45 -47.39 -21.34 22.34
CA LYS F 45 -48.64 -21.21 23.07
C LYS F 45 -49.70 -22.01 22.34
N PRO F 46 -50.64 -22.66 23.07
CA PRO F 46 -51.46 -23.69 22.45
C PRO F 46 -52.23 -23.15 21.24
N GLY F 47 -52.13 -23.86 20.11
CA GLY F 47 -52.93 -23.53 18.93
C GLY F 47 -52.19 -22.63 17.94
N GLN F 48 -51.06 -22.08 18.36
CA GLN F 48 -50.20 -21.30 17.47
C GLN F 48 -48.99 -22.12 17.03
N PRO F 49 -48.29 -21.70 15.97
CA PRO F 49 -46.90 -22.11 15.74
C PRO F 49 -45.92 -21.61 16.81
N PRO F 50 -44.68 -22.16 16.85
CA PRO F 50 -43.69 -21.74 17.83
C PRO F 50 -43.13 -20.35 17.52
N LYS F 51 -42.59 -19.72 18.55
CA LYS F 51 -42.06 -18.39 18.42
C LYS F 51 -40.67 -18.36 19.07
N LEU F 52 -39.70 -17.83 18.33
CA LEU F 52 -38.30 -17.83 18.77
C LEU F 52 -38.10 -16.77 19.85
N LEU F 53 -37.48 -17.17 20.96
CA LEU F 53 -37.25 -16.28 22.09
C LEU F 53 -35.81 -15.82 22.08
N ILE F 54 -34.91 -16.76 21.81
CA ILE F 54 -33.50 -16.58 22.11
C ILE F 54 -32.67 -17.39 21.09
N SER F 55 -31.64 -16.72 20.51
CA SER F 55 -30.66 -17.41 19.66
C SER F 55 -29.29 -17.39 20.35
N TRP F 56 -28.33 -18.11 19.75
CA TRP F 56 -26.96 -18.17 20.23
C TRP F 56 -26.91 -18.30 21.75
N ALA F 57 -27.93 -18.97 22.31
CA ALA F 57 -27.91 -19.42 23.68
C ALA F 57 -28.41 -18.29 24.61
N SER F 58 -28.08 -17.02 24.27
CA SER F 58 -28.22 -15.94 25.24
C SER F 58 -28.81 -14.66 24.62
N THR F 59 -28.67 -14.49 23.29
CA THR F 59 -29.19 -13.29 22.63
C THR F 59 -30.73 -13.41 22.52
N ARG F 60 -31.44 -12.46 23.14
CA ARG F 60 -32.88 -12.32 22.96
C ARG F 60 -33.20 -11.80 21.57
N GLU F 61 -34.29 -12.30 20.98
CA GLU F 61 -34.82 -11.77 19.73
C GLU F 61 -35.51 -10.45 20.03
N SER F 62 -35.81 -9.70 18.98
CA SER F 62 -36.50 -8.43 19.11
C SER F 62 -37.84 -8.63 19.83
N GLY F 63 -38.06 -7.84 20.86
CA GLY F 63 -39.39 -7.69 21.41
C GLY F 63 -39.62 -8.67 22.55
N VAL F 64 -38.67 -9.56 22.77
CA VAL F 64 -38.80 -10.52 23.85
C VAL F 64 -38.56 -9.81 25.18
N PRO F 65 -39.56 -9.76 26.10
CA PRO F 65 -39.34 -9.21 27.43
C PRO F 65 -38.08 -9.76 28.10
N ASP F 66 -37.54 -8.99 29.04
CA ASP F 66 -36.23 -9.29 29.60
C ASP F 66 -36.38 -10.26 30.75
N ARG F 67 -37.63 -10.60 31.09
CA ARG F 67 -37.86 -11.64 32.08
C ARG F 67 -37.34 -12.97 31.53
N PHE F 68 -37.35 -13.14 30.19
CA PHE F 68 -36.70 -14.28 29.55
C PHE F 68 -35.19 -14.04 29.44
N SER F 69 -34.41 -15.04 29.86
CA SER F 69 -32.96 -15.00 29.70
C SER F 69 -32.40 -16.43 29.53
N GLY F 70 -31.51 -16.60 28.53
CA GLY F 70 -30.85 -17.87 28.27
C GLY F 70 -29.38 -17.84 28.75
N SER F 71 -28.93 -18.95 29.33
CA SER F 71 -27.54 -19.11 29.72
C SER F 71 -27.03 -20.51 29.32
N GLY F 72 -25.75 -20.80 29.65
CA GLY F 72 -25.13 -22.09 29.39
C GLY F 72 -24.23 -22.09 28.15
N SER F 73 -23.38 -23.11 28.03
CA SER F 73 -22.55 -23.30 26.85
C SER F 73 -22.30 -24.81 26.64
N GLY F 74 -21.88 -25.17 25.43
CA GLY F 74 -21.36 -26.51 25.18
C GLY F 74 -22.48 -27.53 24.98
N THR F 75 -22.94 -28.15 26.09
CA THR F 75 -24.03 -29.13 26.05
C THR F 75 -25.08 -28.85 27.11
N ASP F 76 -24.83 -27.84 27.97
CA ASP F 76 -25.76 -27.54 29.07
C ASP F 76 -26.27 -26.11 28.92
N PHE F 77 -27.60 -25.96 28.80
CA PHE F 77 -28.20 -24.65 28.60
C PHE F 77 -29.40 -24.50 29.55
N THR F 78 -29.79 -23.25 29.82
CA THR F 78 -30.88 -22.96 30.72
C THR F 78 -31.68 -21.79 30.18
N LEU F 79 -33.00 -21.95 30.09
CA LEU F 79 -33.92 -20.84 29.92
C LEU F 79 -34.52 -20.51 31.28
N THR F 80 -34.49 -19.22 31.68
CA THR F 80 -34.98 -18.80 33.00
C THR F 80 -35.95 -17.65 32.82
N ILE F 81 -37.21 -17.87 33.25
CA ILE F 81 -38.20 -16.81 33.28
C ILE F 81 -38.22 -16.18 34.68
N SER F 82 -37.89 -14.87 34.72
CA SER F 82 -37.55 -14.19 35.97
C SER F 82 -38.81 -13.97 36.81
N SER F 83 -39.89 -13.51 36.15
CA SER F 83 -41.16 -13.28 36.82
C SER F 83 -42.34 -13.82 35.99
N LEU F 84 -42.80 -15.05 36.33
CA LEU F 84 -43.76 -15.76 35.50
C LEU F 84 -45.08 -14.98 35.42
N GLN F 85 -45.56 -14.74 34.19
CA GLN F 85 -46.78 -13.98 33.94
C GLN F 85 -47.84 -14.92 33.40
N ALA F 86 -49.12 -14.59 33.66
CA ALA F 86 -50.22 -15.49 33.37
C ALA F 86 -50.12 -16.00 31.92
N GLU F 87 -49.64 -15.13 31.02
CA GLU F 87 -49.66 -15.39 29.59
C GLU F 87 -48.41 -16.13 29.14
N ASP F 88 -47.51 -16.41 30.09
CA ASP F 88 -46.27 -17.12 29.78
C ASP F 88 -46.54 -18.62 29.71
N VAL F 89 -47.76 -19.02 30.07
CA VAL F 89 -48.17 -20.41 30.00
C VAL F 89 -47.98 -20.90 28.57
N ALA F 90 -47.12 -21.92 28.40
CA ALA F 90 -46.78 -22.42 27.07
C ALA F 90 -45.88 -23.62 27.19
N VAL F 91 -45.59 -24.23 26.04
CA VAL F 91 -44.57 -25.24 25.93
C VAL F 91 -43.32 -24.59 25.38
N TYR F 92 -42.17 -24.85 26.03
CA TYR F 92 -40.90 -24.29 25.62
C TYR F 92 -40.02 -25.42 25.10
N TYR F 93 -39.51 -25.26 23.87
CA TYR F 93 -38.56 -26.21 23.29
C TYR F 93 -37.18 -25.56 23.20
N CYS F 94 -36.13 -26.32 23.48
CA CYS F 94 -34.81 -25.95 22.99
C CYS F 94 -34.59 -26.59 21.62
N GLN F 95 -33.62 -26.05 20.88
CA GLN F 95 -33.30 -26.49 19.54
C GLN F 95 -31.83 -26.22 19.33
N GLN F 96 -31.10 -27.22 18.85
CA GLN F 96 -29.75 -26.99 18.36
C GLN F 96 -29.79 -26.80 16.85
N TYR F 97 -28.92 -25.90 16.34
CA TYR F 97 -28.75 -25.70 14.91
C TYR F 97 -27.27 -25.74 14.57
N TYR F 98 -26.50 -26.48 15.37
CA TYR F 98 -25.08 -26.72 15.09
C TYR F 98 -24.94 -27.72 13.96
N SER F 99 -25.63 -28.84 14.08
CA SER F 99 -25.71 -29.78 13.00
C SER F 99 -27.16 -30.00 12.63
N LEU F 100 -27.53 -29.56 11.41
CA LEU F 100 -28.92 -29.38 11.01
C LEU F 100 -29.80 -28.95 12.19
N TRP F 101 -31.07 -29.38 12.20
CA TRP F 101 -31.99 -28.99 13.27
C TRP F 101 -32.57 -30.20 13.97
N THR F 102 -32.39 -30.23 15.29
CA THR F 102 -33.12 -31.12 16.15
C THR F 102 -33.69 -30.32 17.35
N PHE F 103 -34.87 -30.73 17.83
CA PHE F 103 -35.53 -30.06 18.95
C PHE F 103 -35.49 -30.93 20.21
N GLY F 104 -35.67 -30.29 21.37
CA GLY F 104 -36.05 -30.98 22.58
C GLY F 104 -37.50 -31.42 22.52
N GLN F 105 -37.96 -32.09 23.57
CA GLN F 105 -39.24 -32.75 23.57
C GLN F 105 -40.31 -31.80 24.09
N GLY F 106 -39.88 -30.72 24.72
CA GLY F 106 -40.82 -29.72 25.21
C GLY F 106 -41.00 -29.82 26.72
N THR F 107 -41.26 -28.65 27.33
CA THR F 107 -41.47 -28.50 28.76
C THR F 107 -42.68 -27.60 28.95
N LYS F 108 -43.68 -28.11 29.62
CA LYS F 108 -44.89 -27.35 29.86
C LYS F 108 -44.67 -26.47 31.09
N VAL F 109 -45.00 -25.18 30.96
CA VAL F 109 -44.86 -24.25 32.07
C VAL F 109 -46.24 -23.71 32.37
N GLU F 110 -46.69 -23.92 33.61
CA GLU F 110 -48.05 -23.56 33.99
C GLU F 110 -48.00 -22.72 35.25
N ILE F 111 -49.03 -21.89 35.42
CA ILE F 111 -49.14 -21.04 36.59
C ILE F 111 -49.72 -21.84 37.75
N LYS F 112 -49.03 -21.82 38.87
CA LYS F 112 -49.58 -22.31 40.11
C LYS F 112 -50.45 -21.23 40.74
N ARG F 113 -51.61 -21.66 41.23
CA ARG F 113 -52.71 -20.78 41.56
C ARG F 113 -53.47 -21.42 42.71
N THR F 114 -54.32 -20.64 43.39
CA THR F 114 -55.10 -21.19 44.50
C THR F 114 -56.16 -22.13 43.94
N VAL F 115 -56.56 -23.10 44.77
CA VAL F 115 -57.51 -24.14 44.39
C VAL F 115 -58.83 -23.49 43.97
N ALA F 116 -59.44 -24.01 42.90
CA ALA F 116 -60.73 -23.53 42.42
C ALA F 116 -61.64 -24.72 42.11
N ALA F 117 -62.81 -24.75 42.75
CA ALA F 117 -63.78 -25.82 42.57
C ALA F 117 -64.54 -25.59 41.27
N PRO F 118 -64.88 -26.68 40.53
CA PRO F 118 -65.55 -26.54 39.24
C PRO F 118 -67.04 -26.19 39.36
N SER F 119 -67.55 -25.44 38.37
CA SER F 119 -68.99 -25.40 38.11
C SER F 119 -69.37 -26.62 37.26
N VAL F 120 -70.32 -27.43 37.76
CA VAL F 120 -70.73 -28.66 37.07
C VAL F 120 -72.05 -28.41 36.36
N PHE F 121 -72.19 -28.96 35.14
CA PHE F 121 -73.39 -28.83 34.32
C PHE F 121 -73.57 -30.11 33.52
N ILE F 122 -74.82 -30.58 33.39
CA ILE F 122 -75.13 -31.76 32.59
C ILE F 122 -76.16 -31.40 31.50
N PHE F 123 -76.06 -32.07 30.34
CA PHE F 123 -76.81 -31.70 29.13
C PHE F 123 -77.41 -32.96 28.50
N PRO F 124 -78.76 -33.12 28.49
CA PRO F 124 -79.39 -34.28 27.87
C PRO F 124 -79.22 -34.29 26.35
N PRO F 125 -79.42 -35.46 25.67
CA PRO F 125 -79.30 -35.54 24.22
C PRO F 125 -80.26 -34.61 23.48
N SER F 126 -79.85 -34.17 22.29
CA SER F 126 -80.69 -33.31 21.47
C SER F 126 -81.75 -34.15 20.77
N ASP F 127 -82.92 -33.55 20.55
CA ASP F 127 -84.01 -34.22 19.89
C ASP F 127 -83.65 -34.45 18.42
N GLU F 128 -82.84 -33.55 17.85
CA GLU F 128 -82.31 -33.73 16.50
C GLU F 128 -81.47 -35.01 16.44
N GLN F 129 -80.66 -35.21 17.49
CA GLN F 129 -79.71 -36.31 17.52
C GLN F 129 -80.49 -37.62 17.68
N LEU F 130 -81.53 -37.61 18.54
CA LEU F 130 -82.31 -38.81 18.82
C LEU F 130 -82.94 -39.33 17.52
N LYS F 131 -83.19 -38.43 16.55
CA LYS F 131 -83.73 -38.83 15.23
C LYS F 131 -82.68 -39.63 14.46
N SER F 132 -81.42 -39.25 14.61
CA SER F 132 -80.35 -39.86 13.85
C SER F 132 -79.97 -41.21 14.49
N GLY F 133 -80.38 -41.45 15.75
CA GLY F 133 -80.40 -42.79 16.35
C GLY F 133 -79.42 -42.93 17.52
N THR F 134 -78.80 -41.81 17.95
CA THR F 134 -77.78 -41.82 19.00
C THR F 134 -78.19 -40.87 20.12
N ALA F 135 -77.62 -41.09 21.32
CA ALA F 135 -77.91 -40.25 22.47
C ALA F 135 -76.61 -39.92 23.21
N SER F 136 -76.19 -38.66 23.10
CA SER F 136 -74.98 -38.19 23.76
C SER F 136 -75.34 -37.32 24.96
N VAL F 137 -74.91 -37.75 26.14
CA VAL F 137 -75.08 -36.98 27.35
C VAL F 137 -73.75 -36.32 27.69
N VAL F 138 -73.79 -35.03 28.00
CA VAL F 138 -72.58 -34.24 28.17
C VAL F 138 -72.51 -33.71 29.60
N CYS F 139 -71.31 -33.72 30.16
CA CYS F 139 -71.03 -33.12 31.45
C CYS F 139 -69.93 -32.07 31.26
N LEU F 140 -70.14 -30.88 31.87
CA LEU F 140 -69.16 -29.78 31.81
C LEU F 140 -68.65 -29.45 33.21
N LEU F 141 -67.31 -29.44 33.36
CA LEU F 141 -66.63 -28.90 34.54
C LEU F 141 -65.98 -27.57 34.18
N ASN F 142 -66.35 -26.51 34.87
CA ASN F 142 -66.04 -25.17 34.40
C ASN F 142 -65.12 -24.46 35.39
N ASN F 143 -63.90 -24.14 34.93
CA ASN F 143 -63.06 -23.13 35.55
C ASN F 143 -62.57 -23.60 36.91
N PHE F 144 -61.77 -24.66 36.89
CA PHE F 144 -61.27 -25.28 38.10
C PHE F 144 -59.74 -25.33 38.08
N TYR F 145 -59.18 -25.57 39.27
CA TYR F 145 -57.75 -25.78 39.45
C TYR F 145 -57.57 -26.57 40.74
N PRO F 146 -56.67 -27.58 40.79
CA PRO F 146 -55.83 -27.97 39.66
C PRO F 146 -56.57 -28.81 38.62
N ARG F 147 -55.82 -29.31 37.62
CA ARG F 147 -56.40 -30.02 36.50
C ARG F 147 -57.05 -31.33 36.96
N GLU F 148 -56.47 -31.97 38.01
CA GLU F 148 -56.90 -33.32 38.44
C GLU F 148 -58.37 -33.27 38.86
N ALA F 149 -59.19 -34.08 38.17
CA ALA F 149 -60.62 -34.20 38.43
C ALA F 149 -61.09 -35.60 38.04
N LYS F 150 -62.15 -36.07 38.68
CA LYS F 150 -62.70 -37.38 38.40
C LYS F 150 -64.17 -37.25 38.02
N VAL F 151 -64.51 -37.78 36.85
CA VAL F 151 -65.87 -37.81 36.36
C VAL F 151 -66.31 -39.26 36.27
N GLN F 152 -67.49 -39.57 36.85
CA GLN F 152 -68.10 -40.90 36.75
C GLN F 152 -69.54 -40.76 36.26
N TRP F 153 -69.89 -41.52 35.22
CA TRP F 153 -71.26 -41.60 34.73
C TRP F 153 -71.99 -42.73 35.43
N LYS F 154 -73.23 -42.46 35.86
CA LYS F 154 -74.10 -43.50 36.40
C LYS F 154 -75.46 -43.43 35.71
N VAL F 155 -75.94 -44.58 35.25
CA VAL F 155 -77.24 -44.68 34.62
C VAL F 155 -78.13 -45.62 35.45
N ASP F 156 -79.12 -45.03 36.14
CA ASP F 156 -79.92 -45.71 37.15
C ASP F 156 -79.00 -46.32 38.20
N ASN F 157 -77.87 -45.63 38.46
CA ASN F 157 -76.94 -45.97 39.53
C ASN F 157 -76.01 -47.12 39.09
N ALA F 158 -76.12 -47.55 37.83
CA ALA F 158 -75.16 -48.48 37.26
C ALA F 158 -73.93 -47.71 36.77
N LEU F 159 -72.75 -48.03 37.33
CA LEU F 159 -71.53 -47.31 37.00
C LEU F 159 -71.11 -47.64 35.55
N GLN F 160 -71.00 -46.59 34.71
CA GLN F 160 -70.71 -46.75 33.30
C GLN F 160 -69.22 -46.87 33.08
N SER F 161 -68.85 -47.61 32.04
CA SER F 161 -67.48 -47.67 31.58
C SER F 161 -67.45 -48.27 30.19
N GLY F 162 -66.63 -47.67 29.31
CA GLY F 162 -66.48 -48.14 27.95
C GLY F 162 -67.08 -47.16 26.93
N ASN F 163 -67.96 -46.26 27.41
CA ASN F 163 -68.88 -45.55 26.52
C ASN F 163 -68.70 -44.03 26.63
N SER F 164 -67.70 -43.56 27.41
CA SER F 164 -67.54 -42.13 27.67
C SER F 164 -66.13 -41.66 27.27
N GLN F 165 -66.04 -40.36 26.93
CA GLN F 165 -64.78 -39.73 26.52
C GLN F 165 -64.68 -38.34 27.15
N GLU F 166 -63.45 -37.94 27.51
CA GLU F 166 -63.21 -36.68 28.20
C GLU F 166 -62.32 -35.77 27.33
N SER F 167 -62.29 -34.47 27.69
CA SER F 167 -61.53 -33.46 26.96
C SER F 167 -61.31 -32.26 27.87
N VAL F 168 -60.08 -31.74 27.90
CA VAL F 168 -59.73 -30.64 28.80
C VAL F 168 -59.24 -29.44 27.96
N THR F 169 -59.45 -28.22 28.48
CA THR F 169 -58.86 -27.03 27.89
C THR F 169 -57.43 -26.86 28.40
N GLU F 170 -56.66 -26.07 27.67
CA GLU F 170 -55.38 -25.61 28.13
C GLU F 170 -55.58 -24.54 29.18
N GLN F 171 -54.55 -24.33 30.02
CA GLN F 171 -54.66 -23.39 31.11
C GLN F 171 -55.00 -22.02 30.52
N ASP F 172 -56.00 -21.36 31.10
CA ASP F 172 -56.40 -20.05 30.63
C ASP F 172 -55.25 -19.07 30.88
N SER F 173 -54.96 -18.25 29.88
CA SER F 173 -53.84 -17.33 29.93
C SER F 173 -54.13 -16.14 30.85
N LYS F 174 -55.38 -16.06 31.36
CA LYS F 174 -55.83 -14.95 32.17
C LYS F 174 -55.91 -15.35 33.64
N ASP F 175 -56.78 -16.34 33.94
CA ASP F 175 -57.14 -16.66 35.31
C ASP F 175 -56.50 -18.00 35.73
N SER F 176 -55.84 -18.68 34.77
CA SER F 176 -55.03 -19.87 35.04
C SER F 176 -55.91 -21.03 35.52
N THR F 177 -57.15 -21.11 35.03
CA THR F 177 -58.04 -22.23 35.34
C THR F 177 -58.08 -23.18 34.15
N TYR F 178 -58.71 -24.33 34.37
CA TYR F 178 -59.02 -25.29 33.31
C TYR F 178 -60.53 -25.45 33.20
N SER F 179 -60.97 -26.12 32.12
CA SER F 179 -62.33 -26.65 32.04
C SER F 179 -62.31 -28.03 31.36
N LEU F 180 -63.37 -28.84 31.60
CA LEU F 180 -63.36 -30.25 31.20
C LEU F 180 -64.74 -30.65 30.65
N SER F 181 -64.76 -31.60 29.72
CA SER F 181 -65.97 -32.09 29.09
C SER F 181 -65.94 -33.62 29.06
N SER F 182 -67.04 -34.25 29.49
CA SER F 182 -67.19 -35.69 29.40
C SER F 182 -68.44 -36.02 28.58
N THR F 183 -68.32 -36.99 27.66
CA THR F 183 -69.40 -37.31 26.73
C THR F 183 -69.75 -38.80 26.83
N LEU F 184 -70.97 -39.09 27.33
CA LEU F 184 -71.50 -40.45 27.39
C LEU F 184 -72.34 -40.71 26.14
N THR F 185 -71.98 -41.75 25.38
CA THR F 185 -72.65 -42.05 24.12
C THR F 185 -73.38 -43.39 24.26
N LEU F 186 -74.70 -43.34 24.04
CA LEU F 186 -75.54 -44.54 23.98
C LEU F 186 -76.22 -44.59 22.61
N SER F 187 -76.80 -45.76 22.28
CA SER F 187 -77.78 -45.84 21.21
C SER F 187 -79.12 -45.30 21.71
N LYS F 188 -79.94 -44.82 20.77
CA LYS F 188 -81.27 -44.36 21.08
C LYS F 188 -82.01 -45.43 21.87
N ALA F 189 -81.90 -46.68 21.37
CA ALA F 189 -82.53 -47.84 21.98
C ALA F 189 -82.18 -47.90 23.48
N ASP F 190 -80.87 -47.91 23.79
CA ASP F 190 -80.39 -48.00 25.16
C ASP F 190 -80.85 -46.78 25.96
N TYR F 191 -80.80 -45.60 25.34
CA TYR F 191 -81.13 -44.36 26.04
C TYR F 191 -82.51 -44.51 26.70
N GLU F 192 -83.46 -45.15 25.97
CA GLU F 192 -84.86 -45.21 26.40
C GLU F 192 -85.04 -46.25 27.52
N LYS F 193 -84.04 -47.14 27.69
CA LYS F 193 -84.15 -48.29 28.61
C LYS F 193 -83.98 -47.84 30.07
N HIS F 194 -83.70 -46.56 30.30
CA HIS F 194 -83.27 -46.09 31.62
C HIS F 194 -83.81 -44.69 31.87
N LYS F 195 -83.73 -44.24 33.12
CA LYS F 195 -84.45 -43.05 33.53
C LYS F 195 -83.48 -41.98 34.03
N VAL F 196 -82.72 -42.32 35.08
CA VAL F 196 -81.87 -41.36 35.78
C VAL F 196 -80.45 -41.45 35.21
N TYR F 197 -79.97 -40.31 34.68
CA TYR F 197 -78.60 -40.20 34.21
C TYR F 197 -77.85 -39.21 35.11
N ALA F 198 -76.72 -39.66 35.67
CA ALA F 198 -75.97 -38.87 36.65
C ALA F 198 -74.49 -38.73 36.23
N CYS F 199 -73.90 -37.59 36.59
CA CYS F 199 -72.50 -37.32 36.37
C CYS F 199 -71.86 -36.90 37.70
N GLU F 200 -71.06 -37.80 38.29
CA GLU F 200 -70.48 -37.59 39.62
C GLU F 200 -69.06 -37.05 39.49
N VAL F 201 -68.77 -35.95 40.19
CA VAL F 201 -67.50 -35.25 40.05
C VAL F 201 -66.79 -35.24 41.40
N THR F 202 -65.54 -35.71 41.42
CA THR F 202 -64.64 -35.48 42.54
C THR F 202 -63.56 -34.49 42.14
N HIS F 203 -63.44 -33.40 42.93
CA HIS F 203 -62.37 -32.43 42.73
C HIS F 203 -61.89 -31.93 44.09
N GLN F 204 -60.62 -31.52 44.13
CA GLN F 204 -59.96 -31.17 45.38
C GLN F 204 -60.65 -29.96 46.02
N GLY F 205 -61.25 -29.11 45.19
CA GLY F 205 -61.89 -27.89 45.65
C GLY F 205 -63.32 -28.13 46.15
N LEU F 206 -63.81 -29.37 45.99
CA LEU F 206 -65.06 -29.79 46.59
C LEU F 206 -64.78 -30.58 47.86
N SER F 207 -65.45 -30.22 48.97
CA SER F 207 -65.22 -30.89 50.24
C SER F 207 -65.82 -32.30 50.21
N SER F 208 -66.78 -32.55 49.29
CA SER F 208 -67.20 -33.91 48.96
C SER F 208 -67.85 -33.93 47.58
N PRO F 209 -67.87 -35.12 46.91
CA PRO F 209 -68.34 -35.24 45.52
C PRO F 209 -69.65 -34.49 45.23
N VAL F 210 -69.75 -33.91 44.02
CA VAL F 210 -70.97 -33.25 43.57
C VAL F 210 -71.50 -33.99 42.35
N THR F 211 -72.79 -34.38 42.42
CA THR F 211 -73.43 -35.16 41.39
C THR F 211 -74.56 -34.34 40.79
N LYS F 212 -74.54 -34.18 39.46
CA LYS F 212 -75.67 -33.59 38.74
C LYS F 212 -76.33 -34.67 37.89
N SER F 213 -77.65 -34.87 38.08
CA SER F 213 -78.40 -35.87 37.33
C SER F 213 -79.63 -35.24 36.65
N PHE F 214 -80.17 -35.94 35.65
CA PHE F 214 -81.41 -35.56 35.00
C PHE F 214 -82.27 -36.82 34.81
N ASN F 215 -83.60 -36.62 34.74
CA ASN F 215 -84.55 -37.70 34.46
C ASN F 215 -84.99 -37.63 33.00
N ARG F 216 -84.92 -38.76 32.30
CA ARG F 216 -85.22 -38.79 30.88
C ARG F 216 -86.65 -38.31 30.68
N GLY F 217 -86.80 -37.36 29.73
CA GLY F 217 -88.09 -36.74 29.43
C GLY F 217 -88.41 -35.57 30.36
N GLU F 218 -87.36 -34.95 30.95
CA GLU F 218 -87.54 -33.80 31.83
C GLU F 218 -88.64 -34.12 32.88
CA CA G . 15.61 -33.14 2.04
CA CA H . -3.78 -12.51 -10.34
CA CA I . -6.70 -22.82 -1.39
P PO4 J . -12.21 -7.64 -2.46
O1 PO4 J . -13.53 -6.95 -2.08
O2 PO4 J . -12.37 -9.15 -2.34
O3 PO4 J . -11.83 -7.27 -3.96
O4 PO4 J . -11.07 -7.16 -1.47
P PO4 K . 33.67 -16.40 -24.06
O1 PO4 K . 34.47 -17.65 -24.53
O2 PO4 K . 32.24 -16.43 -24.67
O3 PO4 K . 34.37 -15.15 -24.53
O4 PO4 K . 33.57 -16.39 -22.49
P PO4 L . 35.79 -16.82 -18.41
O1 PO4 L . 35.54 -16.35 -16.92
O2 PO4 L . 34.55 -16.47 -19.31
O3 PO4 L . 37.03 -16.12 -18.96
O4 PO4 L . 36.01 -18.34 -18.42
P PO4 M . -0.96 31.82 -12.60
O1 PO4 M . -1.50 31.95 -11.14
O2 PO4 M . 0.22 32.83 -12.77
O3 PO4 M . -2.07 32.17 -13.58
O4 PO4 M . -0.47 30.31 -12.90
CA CA N . 36.16 51.22 -2.21
CA CA O . 32.38 23.13 9.20
CA CA P . 23.54 30.22 1.28
P PO4 Q . 35.74 16.80 0.52
O1 PO4 Q . 34.58 17.11 -0.41
O2 PO4 Q . 36.37 15.44 0.11
O3 PO4 Q . 36.82 17.95 0.41
O4 PO4 Q . 35.24 16.69 1.98
P PO4 R . 63.72 47.76 15.18
O1 PO4 R . 63.05 48.08 13.83
O2 PO4 R . 65.08 47.08 14.94
O3 PO4 R . 63.92 49.05 15.96
O4 PO4 R . 62.81 46.81 16.00
P PO4 S . 62.72 46.28 20.57
O1 PO4 S . 62.56 47.69 21.23
O2 PO4 S . 61.87 46.18 19.27
O3 PO4 S . 64.18 46.05 20.22
O4 PO4 S . 62.26 45.18 21.55
P PO4 T . 30.55 52.65 -7.55
O1 PO4 T . 31.69 51.64 -7.33
O2 PO4 T . 31.10 54.12 -7.40
O3 PO4 T . 29.97 52.45 -8.98
O4 PO4 T . 29.46 52.41 -6.50
#